data_1WKA
# 
_entry.id   1WKA 
# 
_audit_conform.dict_name       mmcif_pdbx.dic 
_audit_conform.dict_version    5.380 
_audit_conform.dict_location   http://mmcif.pdb.org/dictionaries/ascii/mmcif_pdbx.dic 
# 
loop_
_database_2.database_id 
_database_2.database_code 
_database_2.pdbx_database_accession 
_database_2.pdbx_DOI 
PDB   1WKA         pdb_00001wka 10.2210/pdb1wka/pdb 
RCSB  RCSB023670   ?            ?                   
WWPDB D_1000023670 ?            ?                   
# 
loop_
_pdbx_database_related.db_name 
_pdbx_database_related.db_id 
_pdbx_database_related.details 
_pdbx_database_related.content_type 
PDB      1WK9           'the same protein with TSB' unspecified 
TargetDB ttk003000877.3 .                           unspecified 
# 
_pdbx_database_status.status_code                     REL 
_pdbx_database_status.entry_id                        1WKA 
_pdbx_database_status.recvd_initial_deposition_date   2004-05-30 
_pdbx_database_status.deposit_site                    PDBJ 
_pdbx_database_status.process_site                    PDBJ 
_pdbx_database_status.status_code_sf                  REL 
_pdbx_database_status.status_code_mr                  ? 
_pdbx_database_status.SG_entry                        Y 
_pdbx_database_status.pdb_format_compatible           Y 
_pdbx_database_status.status_code_cs                  ? 
_pdbx_database_status.status_code_nmr_data            ? 
_pdbx_database_status.methods_development_category    ? 
# 
loop_
_audit_author.name 
_audit_author.pdbx_ordinal 
'Fukunaga, R.'                                           1 
'Yokoyama, S.'                                           2 
'RIKEN Structural Genomics/Proteomics Initiative (RSGI)' 3 
# 
_citation.id                        primary 
_citation.title                     
'Structural Basis for Non-cognate Amino Acid Discrimination by the Valyl-tRNA Synthetase Editing Domain' 
_citation.journal_abbrev            J.Biol.Chem. 
_citation.journal_volume            280 
_citation.page_first                29937 
_citation.page_last                 29945 
_citation.year                      2005 
_citation.journal_id_ASTM           JBCHA3 
_citation.country                   US 
_citation.journal_id_ISSN           0021-9258 
_citation.journal_id_CSD            0071 
_citation.book_publisher            ? 
_citation.pdbx_database_id_PubMed   15970591 
_citation.pdbx_database_id_DOI      10.1074/jbc.M502668200 
# 
loop_
_citation_author.citation_id 
_citation_author.name 
_citation_author.ordinal 
_citation_author.identifier_ORCID 
primary 'Fukunaga, R.' 1 ? 
primary 'Yokoyama, S.' 2 ? 
# 
_cell.entry_id           1WKA 
_cell.length_a           95.960 
_cell.length_b           95.960 
_cell.length_c           71.850 
_cell.angle_alpha        90.00 
_cell.angle_beta         90.00 
_cell.angle_gamma        120.00 
_cell.Z_PDB              12 
_cell.pdbx_unique_axis   ? 
# 
_symmetry.entry_id                         1WKA 
_symmetry.space_group_name_H-M             'P 65 2 2' 
_symmetry.pdbx_full_space_group_name_H-M   ? 
_symmetry.cell_setting                     ? 
_symmetry.Int_Tables_number                179 
_symmetry.space_group_name_Hall            ? 
# 
loop_
_entity.id 
_entity.type 
_entity.src_method 
_entity.pdbx_description 
_entity.formula_weight 
_entity.pdbx_number_of_molecules 
_entity.pdbx_ec 
_entity.pdbx_mutation 
_entity.pdbx_fragment 
_entity.details 
1 polymer man 'Valyl-tRNA synthetase' 16641.943 1   6.1.1.9 ? 'CP1 domain' ? 
2 water   nat water                   18.015    167 ?       ? ?            ? 
# 
_entity_name_com.entity_id   1 
_entity_name_com.name        'Valine--tRNA ligase, ValRS' 
# 
_entity_poly.entity_id                      1 
_entity_poly.type                           'polypeptide(L)' 
_entity_poly.nstd_linkage                   no 
_entity_poly.nstd_monomer                   no 
_entity_poly.pdbx_seq_one_letter_code       
;MTPGKLYTLRYEVEGGGFIEIATVRPETVFADQAIAVHPEDERYRHLLGKRARIPLTEVWIPILADPAVEKDFGTGALKV
TPAHDPLDYEIGERHGLKPVSVINLEGRMEGERVPEALRGLDRFEARRKAVELFREAGHLVKEEDYT
;
_entity_poly.pdbx_seq_one_letter_code_can   
;MTPGKLYTLRYEVEGGGFIEIATVRPETVFADQAIAVHPEDERYRHLLGKRARIPLTEVWIPILADPAVEKDFGTGALKV
TPAHDPLDYEIGERHGLKPVSVINLEGRMEGERVPEALRGLDRFEARRKAVELFREAGHLVKEEDYT
;
_entity_poly.pdbx_strand_id                 A 
_entity_poly.pdbx_target_identifier         ttk003000877.3 
# 
loop_
_entity_poly_seq.entity_id 
_entity_poly_seq.num 
_entity_poly_seq.mon_id 
_entity_poly_seq.hetero 
1 1   MET n 
1 2   THR n 
1 3   PRO n 
1 4   GLY n 
1 5   LYS n 
1 6   LEU n 
1 7   TYR n 
1 8   THR n 
1 9   LEU n 
1 10  ARG n 
1 11  TYR n 
1 12  GLU n 
1 13  VAL n 
1 14  GLU n 
1 15  GLY n 
1 16  GLY n 
1 17  GLY n 
1 18  PHE n 
1 19  ILE n 
1 20  GLU n 
1 21  ILE n 
1 22  ALA n 
1 23  THR n 
1 24  VAL n 
1 25  ARG n 
1 26  PRO n 
1 27  GLU n 
1 28  THR n 
1 29  VAL n 
1 30  PHE n 
1 31  ALA n 
1 32  ASP n 
1 33  GLN n 
1 34  ALA n 
1 35  ILE n 
1 36  ALA n 
1 37  VAL n 
1 38  HIS n 
1 39  PRO n 
1 40  GLU n 
1 41  ASP n 
1 42  GLU n 
1 43  ARG n 
1 44  TYR n 
1 45  ARG n 
1 46  HIS n 
1 47  LEU n 
1 48  LEU n 
1 49  GLY n 
1 50  LYS n 
1 51  ARG n 
1 52  ALA n 
1 53  ARG n 
1 54  ILE n 
1 55  PRO n 
1 56  LEU n 
1 57  THR n 
1 58  GLU n 
1 59  VAL n 
1 60  TRP n 
1 61  ILE n 
1 62  PRO n 
1 63  ILE n 
1 64  LEU n 
1 65  ALA n 
1 66  ASP n 
1 67  PRO n 
1 68  ALA n 
1 69  VAL n 
1 70  GLU n 
1 71  LYS n 
1 72  ASP n 
1 73  PHE n 
1 74  GLY n 
1 75  THR n 
1 76  GLY n 
1 77  ALA n 
1 78  LEU n 
1 79  LYS n 
1 80  VAL n 
1 81  THR n 
1 82  PRO n 
1 83  ALA n 
1 84  HIS n 
1 85  ASP n 
1 86  PRO n 
1 87  LEU n 
1 88  ASP n 
1 89  TYR n 
1 90  GLU n 
1 91  ILE n 
1 92  GLY n 
1 93  GLU n 
1 94  ARG n 
1 95  HIS n 
1 96  GLY n 
1 97  LEU n 
1 98  LYS n 
1 99  PRO n 
1 100 VAL n 
1 101 SER n 
1 102 VAL n 
1 103 ILE n 
1 104 ASN n 
1 105 LEU n 
1 106 GLU n 
1 107 GLY n 
1 108 ARG n 
1 109 MET n 
1 110 GLU n 
1 111 GLY n 
1 112 GLU n 
1 113 ARG n 
1 114 VAL n 
1 115 PRO n 
1 116 GLU n 
1 117 ALA n 
1 118 LEU n 
1 119 ARG n 
1 120 GLY n 
1 121 LEU n 
1 122 ASP n 
1 123 ARG n 
1 124 PHE n 
1 125 GLU n 
1 126 ALA n 
1 127 ARG n 
1 128 ARG n 
1 129 LYS n 
1 130 ALA n 
1 131 VAL n 
1 132 GLU n 
1 133 LEU n 
1 134 PHE n 
1 135 ARG n 
1 136 GLU n 
1 137 ALA n 
1 138 GLY n 
1 139 HIS n 
1 140 LEU n 
1 141 VAL n 
1 142 LYS n 
1 143 GLU n 
1 144 GLU n 
1 145 ASP n 
1 146 TYR n 
1 147 THR n 
# 
_entity_src_gen.entity_id                          1 
_entity_src_gen.pdbx_src_id                        1 
_entity_src_gen.pdbx_alt_source_flag               sample 
_entity_src_gen.pdbx_seq_type                      ? 
_entity_src_gen.pdbx_beg_seq_num                   ? 
_entity_src_gen.pdbx_end_seq_num                   ? 
_entity_src_gen.gene_src_common_name               ? 
_entity_src_gen.gene_src_genus                     Thermus 
_entity_src_gen.pdbx_gene_src_gene                 ? 
_entity_src_gen.gene_src_species                   ? 
_entity_src_gen.gene_src_strain                    ? 
_entity_src_gen.gene_src_tissue                    ? 
_entity_src_gen.gene_src_tissue_fraction           ? 
_entity_src_gen.gene_src_details                   ? 
_entity_src_gen.pdbx_gene_src_fragment             ? 
_entity_src_gen.pdbx_gene_src_scientific_name      'Thermus thermophilus' 
_entity_src_gen.pdbx_gene_src_ncbi_taxonomy_id     274 
_entity_src_gen.pdbx_gene_src_variant              ? 
_entity_src_gen.pdbx_gene_src_cell_line            ? 
_entity_src_gen.pdbx_gene_src_atcc                 ? 
_entity_src_gen.pdbx_gene_src_organ                ? 
_entity_src_gen.pdbx_gene_src_organelle            ? 
_entity_src_gen.pdbx_gene_src_cell                 ? 
_entity_src_gen.pdbx_gene_src_cellular_location    ? 
_entity_src_gen.host_org_common_name               ? 
_entity_src_gen.pdbx_host_org_scientific_name      'Escherichia coli BL21(DE3)' 
_entity_src_gen.pdbx_host_org_ncbi_taxonomy_id     469008 
_entity_src_gen.host_org_genus                     Escherichia 
_entity_src_gen.pdbx_host_org_gene                 ? 
_entity_src_gen.pdbx_host_org_organ                ? 
_entity_src_gen.host_org_species                   'Escherichia coli' 
_entity_src_gen.pdbx_host_org_tissue               ? 
_entity_src_gen.pdbx_host_org_tissue_fraction      ? 
_entity_src_gen.pdbx_host_org_strain               'BL21(DE3)' 
_entity_src_gen.pdbx_host_org_variant              ? 
_entity_src_gen.pdbx_host_org_cell_line            ? 
_entity_src_gen.pdbx_host_org_atcc                 ? 
_entity_src_gen.pdbx_host_org_culture_collection   ? 
_entity_src_gen.pdbx_host_org_cell                 ? 
_entity_src_gen.pdbx_host_org_organelle            ? 
_entity_src_gen.pdbx_host_org_cellular_location    ? 
_entity_src_gen.pdbx_host_org_vector_type          plasmid 
_entity_src_gen.pdbx_host_org_vector               ? 
_entity_src_gen.host_org_details                   ? 
_entity_src_gen.expression_system_id               ? 
_entity_src_gen.plasmid_name                       pET26b 
_entity_src_gen.plasmid_details                    ? 
_entity_src_gen.pdbx_description                   ? 
# 
_struct_ref.id                         1 
_struct_ref.db_name                    UNP 
_struct_ref.db_code                    SYV_THETH 
_struct_ref.pdbx_db_accession          P96142 
_struct_ref.entity_id                  1 
_struct_ref.pdbx_seq_one_letter_code   
;TPGKLYTLRYEVEGGGFIEIATVRPETVFADQAIAVHPEDERYRHLLGKRARIPLTEVWIPILADPAVEKDFGTGALKVT
PAHDPLDYEIGERHGLKPVSVINLEGRMEGERVPEALRGLDRFEARRKAVELFREAGHLVKEEDYT
;
_struct_ref.pdbx_align_begin           193 
_struct_ref.pdbx_db_isoform            ? 
# 
_struct_ref_seq.align_id                      1 
_struct_ref_seq.ref_id                        1 
_struct_ref_seq.pdbx_PDB_id_code              1WKA 
_struct_ref_seq.pdbx_strand_id                A 
_struct_ref_seq.seq_align_beg                 2 
_struct_ref_seq.pdbx_seq_align_beg_ins_code   ? 
_struct_ref_seq.seq_align_end                 147 
_struct_ref_seq.pdbx_seq_align_end_ins_code   ? 
_struct_ref_seq.pdbx_db_accession             P96142 
_struct_ref_seq.db_align_beg                  193 
_struct_ref_seq.pdbx_db_align_beg_ins_code    ? 
_struct_ref_seq.db_align_end                  338 
_struct_ref_seq.pdbx_db_align_end_ins_code    ? 
_struct_ref_seq.pdbx_auth_seq_align_beg       193 
_struct_ref_seq.pdbx_auth_seq_align_end       338 
# 
_struct_ref_seq_dif.align_id                     1 
_struct_ref_seq_dif.pdbx_pdb_id_code             1WKA 
_struct_ref_seq_dif.mon_id                       MET 
_struct_ref_seq_dif.pdbx_pdb_strand_id           A 
_struct_ref_seq_dif.seq_num                      1 
_struct_ref_seq_dif.pdbx_pdb_ins_code            ? 
_struct_ref_seq_dif.pdbx_seq_db_name             UNP 
_struct_ref_seq_dif.pdbx_seq_db_accession_code   P96142 
_struct_ref_seq_dif.db_mon_id                    ? 
_struct_ref_seq_dif.pdbx_seq_db_seq_num          ? 
_struct_ref_seq_dif.details                      'initiating methionine' 
_struct_ref_seq_dif.pdbx_auth_seq_num            192 
_struct_ref_seq_dif.pdbx_ordinal                 1 
# 
loop_
_chem_comp.id 
_chem_comp.type 
_chem_comp.mon_nstd_flag 
_chem_comp.name 
_chem_comp.pdbx_synonyms 
_chem_comp.formula 
_chem_comp.formula_weight 
ALA 'L-peptide linking' y ALANINE         ? 'C3 H7 N O2'     89.093  
ARG 'L-peptide linking' y ARGININE        ? 'C6 H15 N4 O2 1' 175.209 
ASN 'L-peptide linking' y ASPARAGINE      ? 'C4 H8 N2 O3'    132.118 
ASP 'L-peptide linking' y 'ASPARTIC ACID' ? 'C4 H7 N O4'     133.103 
GLN 'L-peptide linking' y GLUTAMINE       ? 'C5 H10 N2 O3'   146.144 
GLU 'L-peptide linking' y 'GLUTAMIC ACID' ? 'C5 H9 N O4'     147.129 
GLY 'peptide linking'   y GLYCINE         ? 'C2 H5 N O2'     75.067  
HIS 'L-peptide linking' y HISTIDINE       ? 'C6 H10 N3 O2 1' 156.162 
HOH non-polymer         . WATER           ? 'H2 O'           18.015  
ILE 'L-peptide linking' y ISOLEUCINE      ? 'C6 H13 N O2'    131.173 
LEU 'L-peptide linking' y LEUCINE         ? 'C6 H13 N O2'    131.173 
LYS 'L-peptide linking' y LYSINE          ? 'C6 H15 N2 O2 1' 147.195 
MET 'L-peptide linking' y METHIONINE      ? 'C5 H11 N O2 S'  149.211 
PHE 'L-peptide linking' y PHENYLALANINE   ? 'C9 H11 N O2'    165.189 
PRO 'L-peptide linking' y PROLINE         ? 'C5 H9 N O2'     115.130 
SER 'L-peptide linking' y SERINE          ? 'C3 H7 N O3'     105.093 
THR 'L-peptide linking' y THREONINE       ? 'C4 H9 N O3'     119.119 
TRP 'L-peptide linking' y TRYPTOPHAN      ? 'C11 H12 N2 O2'  204.225 
TYR 'L-peptide linking' y TYROSINE        ? 'C9 H11 N O3'    181.189 
VAL 'L-peptide linking' y VALINE          ? 'C5 H11 N O2'    117.146 
# 
_exptl.entry_id          1WKA 
_exptl.method            'X-RAY DIFFRACTION' 
_exptl.crystals_number   1 
# 
_exptl_crystal.id                    1 
_exptl_crystal.density_meas          ? 
_exptl_crystal.density_Matthews      2.87 
_exptl_crystal.density_percent_sol   57.13 
_exptl_crystal.description           ? 
_exptl_crystal.F_000                 ? 
_exptl_crystal.preparation           ? 
# 
_exptl_crystal_grow.crystal_id      1 
_exptl_crystal_grow.method          'VAPOR DIFFUSION, HANGING DROP' 
_exptl_crystal_grow.temp            293 
_exptl_crystal_grow.temp_details    ? 
_exptl_crystal_grow.pH              8 
_exptl_crystal_grow.pdbx_details    
'100mM Tris-HCl buffer (pH 8.0), 1.15M tri-sodium citrate, 5% 2-propanol, VAPOR DIFFUSION, HANGING DROP, temperature 293K' 
_exptl_crystal_grow.pdbx_pH_range   . 
# 
_diffrn.id                     1 
_diffrn.ambient_temp           100 
_diffrn.ambient_temp_details   ? 
_diffrn.crystal_id             1 
# 
_diffrn_detector.diffrn_id              1 
_diffrn_detector.detector               CCD 
_diffrn_detector.type                   ? 
_diffrn_detector.pdbx_collection_date   ? 
_diffrn_detector.details                ? 
# 
_diffrn_radiation.diffrn_id                        1 
_diffrn_radiation.wavelength_id                    1 
_diffrn_radiation.pdbx_monochromatic_or_laue_m_l   M 
_diffrn_radiation.monochromator                    ? 
_diffrn_radiation.pdbx_diffrn_protocol             'SINGLE WAVELENGTH' 
_diffrn_radiation.pdbx_scattering_type             x-ray 
# 
_diffrn_radiation_wavelength.id           1 
_diffrn_radiation_wavelength.wavelength   1.00 
_diffrn_radiation_wavelength.wt           1.0 
# 
_diffrn_source.diffrn_id                   1 
_diffrn_source.source                      SYNCHROTRON 
_diffrn_source.type                        'SPRING-8 BEAMLINE BL26B1' 
_diffrn_source.pdbx_synchrotron_site       SPring-8 
_diffrn_source.pdbx_synchrotron_beamline   BL26B1 
_diffrn_source.pdbx_wavelength             ? 
_diffrn_source.pdbx_wavelength_list        1.00 
# 
_reflns.entry_id                     1WKA 
_reflns.observed_criterion_sigma_I   ? 
_reflns.observed_criterion_sigma_F   ? 
_reflns.d_resolution_low             50 
_reflns.d_resolution_high            1.7 
_reflns.number_obs                   21991 
_reflns.number_all                   22009 
_reflns.percent_possible_obs         99.9 
_reflns.pdbx_Rmerge_I_obs            ? 
_reflns.pdbx_Rsym_value              ? 
_reflns.pdbx_netI_over_sigmaI        ? 
_reflns.B_iso_Wilson_estimate        19.7 
_reflns.pdbx_redundancy              ? 
_reflns.R_free_details               ? 
_reflns.limit_h_max                  ? 
_reflns.limit_h_min                  ? 
_reflns.limit_k_max                  ? 
_reflns.limit_k_min                  ? 
_reflns.limit_l_max                  ? 
_reflns.limit_l_min                  ? 
_reflns.observed_criterion_F_max     ? 
_reflns.observed_criterion_F_min     ? 
_reflns.pdbx_chi_squared             ? 
_reflns.pdbx_scaling_rejects         ? 
_reflns.pdbx_diffrn_id               1 
_reflns.pdbx_ordinal                 1 
# 
_reflns_shell.d_res_high             1.7 
_reflns_shell.d_res_low              1.76 
_reflns_shell.percent_possible_all   98.7 
_reflns_shell.Rmerge_I_obs           ? 
_reflns_shell.pdbx_Rsym_value        ? 
_reflns_shell.meanI_over_sigI_obs    ? 
_reflns_shell.pdbx_redundancy        ? 
_reflns_shell.percent_possible_obs   ? 
_reflns_shell.number_unique_all      ? 
_reflns_shell.number_measured_all    ? 
_reflns_shell.number_measured_obs    ? 
_reflns_shell.number_unique_obs      ? 
_reflns_shell.pdbx_chi_squared       ? 
_reflns_shell.pdbx_diffrn_id         ? 
_reflns_shell.pdbx_ordinal           1 
# 
_refine.entry_id                                 1WKA 
_refine.ls_number_reflns_obs                     21991 
_refine.ls_number_reflns_all                     ? 
_refine.pdbx_ls_sigma_I                          ? 
_refine.pdbx_ls_sigma_F                          0.0 
_refine.pdbx_data_cutoff_high_absF               2045641.28 
_refine.pdbx_data_cutoff_low_absF                0.000000 
_refine.pdbx_data_cutoff_high_rms_absF           ? 
_refine.ls_d_res_low                             47.98 
_refine.ls_d_res_high                            1.70 
_refine.ls_percent_reflns_obs                    99.8 
_refine.ls_R_factor_obs                          0.191 
_refine.ls_R_factor_all                          ? 
_refine.ls_R_factor_R_work                       0.191 
_refine.ls_R_factor_R_free                       0.217 
_refine.ls_R_factor_R_free_error                 0.007 
_refine.ls_R_factor_R_free_error_details         ? 
_refine.ls_percent_reflns_R_free                 4.4 
_refine.ls_number_reflns_R_free                  963 
_refine.ls_number_parameters                     ? 
_refine.ls_number_restraints                     ? 
_refine.occupancy_min                            ? 
_refine.occupancy_max                            ? 
_refine.correlation_coeff_Fo_to_Fc               ? 
_refine.correlation_coeff_Fo_to_Fc_free          ? 
_refine.B_iso_mean                               26.7 
_refine.aniso_B[1][1]                            1.92 
_refine.aniso_B[2][2]                            1.92 
_refine.aniso_B[3][3]                            -3.85 
_refine.aniso_B[1][2]                            1.84 
_refine.aniso_B[1][3]                            0.00 
_refine.aniso_B[2][3]                            0.00 
_refine.solvent_model_details                    'FLAT MODEL' 
_refine.solvent_model_param_ksol                 0.367352 
_refine.solvent_model_param_bsol                 62.8541 
_refine.pdbx_solvent_vdw_probe_radii             ? 
_refine.pdbx_solvent_ion_probe_radii             ? 
_refine.pdbx_solvent_shrinkage_radii             ? 
_refine.pdbx_ls_cross_valid_method               THROUGHOUT 
_refine.details                                  ? 
_refine.pdbx_starting_model                      1GAX 
_refine.pdbx_method_to_determine_struct          'MOLECULAR REPLACEMENT' 
_refine.pdbx_isotropic_thermal_model             RESTRAINED 
_refine.pdbx_stereochemistry_target_values       ? 
_refine.pdbx_stereochem_target_val_spec_case     ? 
_refine.pdbx_R_Free_selection_details            RANDOM 
_refine.pdbx_overall_ESU_R                       ? 
_refine.pdbx_overall_ESU_R_Free                  ? 
_refine.overall_SU_ML                            ? 
_refine.overall_SU_B                             ? 
_refine.ls_redundancy_reflns_obs                 ? 
_refine.B_iso_min                                ? 
_refine.B_iso_max                                ? 
_refine.overall_SU_R_Cruickshank_DPI             ? 
_refine.overall_SU_R_free                        ? 
_refine.ls_wR_factor_R_free                      ? 
_refine.ls_wR_factor_R_work                      ? 
_refine.overall_FOM_free_R_set                   ? 
_refine.overall_FOM_work_R_set                   ? 
_refine.pdbx_refine_id                           'X-RAY DIFFRACTION' 
_refine.pdbx_diffrn_id                           1 
_refine.pdbx_TLS_residual_ADP_flag               ? 
_refine.pdbx_overall_phase_error                 ? 
_refine.pdbx_overall_SU_R_free_Cruickshank_DPI   ? 
_refine.pdbx_overall_SU_R_Blow_DPI               ? 
_refine.pdbx_overall_SU_R_free_Blow_DPI          ? 
# 
_refine_analyze.entry_id                        1WKA 
_refine_analyze.Luzzati_coordinate_error_obs    0.19 
_refine_analyze.Luzzati_sigma_a_obs             0.23 
_refine_analyze.Luzzati_d_res_low_obs           5.00 
_refine_analyze.Luzzati_coordinate_error_free   0.23 
_refine_analyze.Luzzati_sigma_a_free            0.19 
_refine_analyze.Luzzati_d_res_low_free          ? 
_refine_analyze.number_disordered_residues      ? 
_refine_analyze.occupancy_sum_hydrogen          ? 
_refine_analyze.occupancy_sum_non_hydrogen      ? 
_refine_analyze.pdbx_Luzzati_d_res_high_obs     ? 
_refine_analyze.pdbx_refine_id                  'X-RAY DIFFRACTION' 
# 
_refine_hist.pdbx_refine_id                   'X-RAY DIFFRACTION' 
_refine_hist.cycle_id                         LAST 
_refine_hist.pdbx_number_atoms_protein        1145 
_refine_hist.pdbx_number_atoms_nucleic_acid   0 
_refine_hist.pdbx_number_atoms_ligand         0 
_refine_hist.number_atoms_solvent             167 
_refine_hist.number_atoms_total               1312 
_refine_hist.d_res_high                       1.70 
_refine_hist.d_res_low                        47.98 
# 
loop_
_refine_ls_restr.type 
_refine_ls_restr.dev_ideal 
_refine_ls_restr.dev_ideal_target 
_refine_ls_restr.weight 
_refine_ls_restr.number 
_refine_ls_restr.pdbx_refine_id 
_refine_ls_restr.pdbx_restraint_function 
c_bond_d           0.013 ?    ? ? 'X-RAY DIFFRACTION' ? 
c_angle_deg        1.6   ?    ? ? 'X-RAY DIFFRACTION' ? 
c_dihedral_angle_d 25.8  ?    ? ? 'X-RAY DIFFRACTION' ? 
c_improper_angle_d 0.99  ?    ? ? 'X-RAY DIFFRACTION' ? 
c_mcbond_it        2.85  1.50 ? ? 'X-RAY DIFFRACTION' ? 
c_mcangle_it       3.62  2.00 ? ? 'X-RAY DIFFRACTION' ? 
c_scbond_it        5.70  2.00 ? ? 'X-RAY DIFFRACTION' ? 
c_scangle_it       7.83  2.50 ? ? 'X-RAY DIFFRACTION' ? 
# 
_refine_ls_shell.pdbx_total_number_of_bins_used   6 
_refine_ls_shell.d_res_high                       1.70 
_refine_ls_shell.d_res_low                        1.81 
_refine_ls_shell.number_reflns_R_work             3580 
_refine_ls_shell.R_factor_R_work                  0.299 
_refine_ls_shell.percent_reflns_obs               99.7 
_refine_ls_shell.R_factor_R_free                  ? 
_refine_ls_shell.R_factor_R_free_error            ? 
_refine_ls_shell.percent_reflns_R_free            ? 
_refine_ls_shell.number_reflns_R_free             ? 
_refine_ls_shell.number_reflns_obs                ? 
_refine_ls_shell.redundancy_reflns_obs            ? 
_refine_ls_shell.number_reflns_all                ? 
_refine_ls_shell.pdbx_refine_id                   'X-RAY DIFFRACTION' 
_refine_ls_shell.R_factor_all                     ? 
# 
loop_
_pdbx_xplor_file.serial_no 
_pdbx_xplor_file.param_file 
_pdbx_xplor_file.topol_file 
_pdbx_xplor_file.pdbx_refine_id 
1 PROTEIN_REP.PARAM PROTEIN.TOP 'X-RAY DIFFRACTION' 
2 ION.PARAM         ION.TOP     'X-RAY DIFFRACTION' 
3 WATER_REP.PARAM   WATER.TOP   'X-RAY DIFFRACTION' 
# 
_struct.entry_id                  1WKA 
_struct.title                     
'Structural basis for non-cognate amino acid discrimination by the valyl-tRNA synthetase editing domain' 
_struct.pdbx_model_details        ? 
_struct.pdbx_CASP_flag            ? 
_struct.pdbx_model_type_details   ? 
# 
_struct_keywords.entry_id        1WKA 
_struct_keywords.pdbx_keywords   LIGASE 
_struct_keywords.text            
;editing, cp1, valyl-trna synthetase, fidelity, thermus thrmophilus, translation, amino acid, Structural Genomics, RIKEN Structural Genomics/Proteomics Initiative, RSGI, LIGASE
;
# 
loop_
_struct_asym.id 
_struct_asym.pdbx_blank_PDB_chainid_flag 
_struct_asym.pdbx_modified 
_struct_asym.entity_id 
_struct_asym.details 
A N N 1 ? 
B N N 2 ? 
# 
_struct_biol.id                    1 
_struct_biol.pdbx_parent_biol_id   ? 
_struct_biol.details               ? 
# 
loop_
_struct_conf.conf_type_id 
_struct_conf.id 
_struct_conf.pdbx_PDB_helix_id 
_struct_conf.beg_label_comp_id 
_struct_conf.beg_label_asym_id 
_struct_conf.beg_label_seq_id 
_struct_conf.pdbx_beg_PDB_ins_code 
_struct_conf.end_label_comp_id 
_struct_conf.end_label_asym_id 
_struct_conf.end_label_seq_id 
_struct_conf.pdbx_end_PDB_ins_code 
_struct_conf.beg_auth_comp_id 
_struct_conf.beg_auth_asym_id 
_struct_conf.beg_auth_seq_id 
_struct_conf.end_auth_comp_id 
_struct_conf.end_auth_asym_id 
_struct_conf.end_auth_seq_id 
_struct_conf.pdbx_PDB_helix_class 
_struct_conf.details 
_struct_conf.pdbx_PDB_helix_length 
HELX_P HELX_P1 1 ARG A 25  ? ASP A 32  ? ARG A 216 ASP A 223 5 ? 8  
HELX_P HELX_P2 2 TYR A 44  ? LEU A 48  ? TYR A 235 LEU A 239 5 ? 5  
HELX_P HELX_P3 3 ASP A 85  ? GLY A 96  ? ASP A 276 GLY A 287 1 ? 12 
HELX_P HELX_P4 4 PRO A 115 ? ARG A 119 ? PRO A 306 ARG A 310 5 ? 5  
HELX_P HELX_P5 5 ASP A 122 ? ALA A 137 ? ASP A 313 ALA A 328 1 ? 16 
# 
_struct_conf_type.id          HELX_P 
_struct_conf_type.criteria    ? 
_struct_conf_type.reference   ? 
# 
loop_
_struct_sheet.id 
_struct_sheet.type 
_struct_sheet.number_strands 
_struct_sheet.details 
A ? 3 ? 
B ? 4 ? 
# 
loop_
_struct_sheet_order.sheet_id 
_struct_sheet_order.range_id_1 
_struct_sheet_order.range_id_2 
_struct_sheet_order.offset 
_struct_sheet_order.sense 
A 1 2 ? anti-parallel 
A 2 3 ? anti-parallel 
B 1 2 ? anti-parallel 
B 2 3 ? parallel      
B 3 4 ? anti-parallel 
# 
loop_
_struct_sheet_range.sheet_id 
_struct_sheet_range.id 
_struct_sheet_range.beg_label_comp_id 
_struct_sheet_range.beg_label_asym_id 
_struct_sheet_range.beg_label_seq_id 
_struct_sheet_range.pdbx_beg_PDB_ins_code 
_struct_sheet_range.end_label_comp_id 
_struct_sheet_range.end_label_asym_id 
_struct_sheet_range.end_label_seq_id 
_struct_sheet_range.pdbx_end_PDB_ins_code 
_struct_sheet_range.beg_auth_comp_id 
_struct_sheet_range.beg_auth_asym_id 
_struct_sheet_range.beg_auth_seq_id 
_struct_sheet_range.end_auth_comp_id 
_struct_sheet_range.end_auth_asym_id 
_struct_sheet_range.end_auth_seq_id 
A 1 PHE A 18  ? THR A 23  ? PHE A 209 THR A 214 
A 2 LYS A 5   ? GLU A 12  ? LYS A 196 GLU A 203 
A 3 LEU A 140 ? ASP A 145 ? LEU A 331 ASP A 336 
B 1 ARG A 51  ? ARG A 53  ? ARG A 242 ARG A 244 
B 2 TRP A 60  ? ALA A 65  ? TRP A 251 ALA A 256 
B 3 ALA A 34  ? VAL A 37  ? ALA A 225 VAL A 228 
B 4 ALA A 77  ? VAL A 80  ? ALA A 268 VAL A 271 
# 
loop_
_pdbx_struct_sheet_hbond.sheet_id 
_pdbx_struct_sheet_hbond.range_id_1 
_pdbx_struct_sheet_hbond.range_id_2 
_pdbx_struct_sheet_hbond.range_1_label_atom_id 
_pdbx_struct_sheet_hbond.range_1_label_comp_id 
_pdbx_struct_sheet_hbond.range_1_label_asym_id 
_pdbx_struct_sheet_hbond.range_1_label_seq_id 
_pdbx_struct_sheet_hbond.range_1_PDB_ins_code 
_pdbx_struct_sheet_hbond.range_1_auth_atom_id 
_pdbx_struct_sheet_hbond.range_1_auth_comp_id 
_pdbx_struct_sheet_hbond.range_1_auth_asym_id 
_pdbx_struct_sheet_hbond.range_1_auth_seq_id 
_pdbx_struct_sheet_hbond.range_2_label_atom_id 
_pdbx_struct_sheet_hbond.range_2_label_comp_id 
_pdbx_struct_sheet_hbond.range_2_label_asym_id 
_pdbx_struct_sheet_hbond.range_2_label_seq_id 
_pdbx_struct_sheet_hbond.range_2_PDB_ins_code 
_pdbx_struct_sheet_hbond.range_2_auth_atom_id 
_pdbx_struct_sheet_hbond.range_2_auth_comp_id 
_pdbx_struct_sheet_hbond.range_2_auth_asym_id 
_pdbx_struct_sheet_hbond.range_2_auth_seq_id 
A 1 2 O ILE A 21 ? O ILE A 212 N LEU A 9   ? N LEU A 200 
A 2 3 N LEU A 6  ? N LEU A 197 O GLU A 144 ? O GLU A 335 
B 1 2 N ALA A 52 ? N ALA A 243 O ILE A 61  ? O ILE A 252 
B 2 3 O LEU A 64 ? O LEU A 255 N ILE A 35  ? N ILE A 226 
B 3 4 N ALA A 36 ? N ALA A 227 O LEU A 78  ? O LEU A 269 
# 
_atom_sites.entry_id                    1WKA 
_atom_sites.fract_transf_matrix[1][1]   0.00485673 
_atom_sites.fract_transf_matrix[1][2]   -0.01066217 
_atom_sites.fract_transf_matrix[1][3]   0.00274442 
_atom_sites.fract_transf_matrix[2][1]   0.01105654 
_atom_sites.fract_transf_matrix[2][2]   -0.00053996 
_atom_sites.fract_transf_matrix[2][3]   0.00471747 
_atom_sites.fract_transf_matrix[3][1]   -0.00541827 
_atom_sites.fract_transf_matrix[3][2]   0.00082493 
_atom_sites.fract_transf_matrix[3][3]   0.01279346 
_atom_sites.fract_transf_vector[1]      1.674290 
_atom_sites.fract_transf_vector[2]      2.077627 
_atom_sites.fract_transf_vector[3]      0.733142 
# 
loop_
_atom_type.symbol 
C 
N 
O 
S 
# 
loop_
_atom_site.group_PDB 
_atom_site.id 
_atom_site.type_symbol 
_atom_site.label_atom_id 
_atom_site.label_alt_id 
_atom_site.label_comp_id 
_atom_site.label_asym_id 
_atom_site.label_entity_id 
_atom_site.label_seq_id 
_atom_site.pdbx_PDB_ins_code 
_atom_site.Cartn_x 
_atom_site.Cartn_y 
_atom_site.Cartn_z 
_atom_site.occupancy 
_atom_site.B_iso_or_equiv 
_atom_site.pdbx_formal_charge 
_atom_site.auth_seq_id 
_atom_site.auth_comp_id 
_atom_site.auth_asym_id 
_atom_site.auth_atom_id 
_atom_site.pdbx_PDB_model_num 
ATOM   1    N N   . GLY A 1 4   ? -8.560  11.976  8.224   1.00 49.57 ? 195 GLY A N   1 
ATOM   2    C CA  . GLY A 1 4   ? -9.061  11.837  9.632   1.00 43.27 ? 195 GLY A CA  1 
ATOM   3    C C   . GLY A 1 4   ? -8.553  10.627  10.407  1.00 39.56 ? 195 GLY A C   1 
ATOM   4    O O   . GLY A 1 4   ? -8.466  10.685  11.640  1.00 33.76 ? 195 GLY A O   1 
ATOM   5    N N   . LYS A 1 5   ? -8.207  9.541   9.709   1.00 29.97 ? 196 LYS A N   1 
ATOM   6    C CA  . LYS A 1 5   ? -7.742  8.318   10.380  1.00 23.74 ? 196 LYS A CA  1 
ATOM   7    C C   . LYS A 1 5   ? -6.510  7.631   9.763   1.00 22.06 ? 196 LYS A C   1 
ATOM   8    O O   . LYS A 1 5   ? -6.266  7.717   8.559   1.00 20.86 ? 196 LYS A O   1 
ATOM   9    C CB  . LYS A 1 5   ? -8.854  7.276   10.397  1.00 29.52 ? 196 LYS A CB  1 
ATOM   10   C CG  . LYS A 1 5   ? -10.176 7.725   11.007  1.00 31.75 ? 196 LYS A CG  1 
ATOM   11   C CD  . LYS A 1 5   ? -10.812 6.575   11.754  1.00 37.07 ? 196 LYS A CD  1 
ATOM   12   C CE  . LYS A 1 5   ? -12.172 6.958   12.333  1.00 46.01 ? 196 LYS A CE  1 
ATOM   13   N NZ  . LYS A 1 5   ? -12.629 5.918   13.294  1.00 61.09 ? 196 LYS A NZ  1 
ATOM   14   N N   . LEU A 1 6   ? -5.782  6.916   10.603  1.00 21.38 ? 197 LEU A N   1 
ATOM   15   C CA  . LEU A 1 6   ? -4.598  6.183   10.194  1.00 20.57 ? 197 LEU A CA  1 
ATOM   16   C C   . LEU A 1 6   ? -4.930  4.706   10.284  1.00 22.24 ? 197 LEU A C   1 
ATOM   17   O O   . LEU A 1 6   ? -5.268  4.200   11.347  1.00 22.03 ? 197 LEU A O   1 
ATOM   18   C CB  . LEU A 1 6   ? -3.402  6.493   11.103  1.00 24.08 ? 197 LEU A CB  1 
ATOM   19   C CG  . LEU A 1 6   ? -2.111  5.728   10.747  1.00 22.16 ? 197 LEU A CG  1 
ATOM   20   C CD1 . LEU A 1 6   ? -1.642  6.182   9.353   1.00 20.82 ? 197 LEU A CD1 1 
ATOM   21   C CD2 . LEU A 1 6   ? -1.001  5.988   11.799  1.00 24.34 ? 197 LEU A CD2 1 
ATOM   22   N N   . TYR A 1 7   ? -4.831  4.012   9.158   1.00 18.64 ? 198 TYR A N   1 
ATOM   23   C CA  . TYR A 1 7   ? -5.139  2.601   9.124   1.00 17.52 ? 198 TYR A CA  1 
ATOM   24   C C   . TYR A 1 7   ? -3.900  1.754   9.009   1.00 19.23 ? 198 TYR A C   1 
ATOM   25   O O   . TYR A 1 7   ? -3.010  2.061   8.206   1.00 20.88 ? 198 TYR A O   1 
ATOM   26   C CB  . TYR A 1 7   ? -6.037  2.280   7.919   1.00 18.63 ? 198 TYR A CB  1 
ATOM   27   C CG  . TYR A 1 7   ? -7.320  3.075   7.866   1.00 19.05 ? 198 TYR A CG  1 
ATOM   28   C CD1 . TYR A 1 7   ? -8.421  2.715   8.656   1.00 20.65 ? 198 TYR A CD1 1 
ATOM   29   C CD2 . TYR A 1 7   ? -7.408  4.223   7.082   1.00 19.99 ? 198 TYR A CD2 1 
ATOM   30   C CE1 . TYR A 1 7   ? -9.566  3.480   8.665   1.00 20.48 ? 198 TYR A CE1 1 
ATOM   31   C CE2 . TYR A 1 7   ? -8.562  5.004   7.088   1.00 18.34 ? 198 TYR A CE2 1 
ATOM   32   C CZ  . TYR A 1 7   ? -9.628  4.624   7.881   1.00 20.26 ? 198 TYR A CZ  1 
ATOM   33   O OH  . TYR A 1 7   ? -10.751 5.415   7.904   1.00 22.86 ? 198 TYR A OH  1 
ATOM   34   N N   . THR A 1 8   ? -3.851  0.681   9.792   1.00 16.15 ? 199 THR A N   1 
ATOM   35   C CA  . THR A 1 8   ? -2.742  -0.255  9.690   1.00 18.37 ? 199 THR A CA  1 
ATOM   36   C C   . THR A 1 8   ? -3.301  -1.514  9.037   1.00 21.20 ? 199 THR A C   1 
ATOM   37   O O   . THR A 1 8   ? -4.295  -2.107  9.499   1.00 22.06 ? 199 THR A O   1 
ATOM   38   C CB  . THR A 1 8   ? -2.132  -0.554  11.058  1.00 23.86 ? 199 THR A CB  1 
ATOM   39   O OG1 . THR A 1 8   ? -1.646  0.674   11.616  1.00 23.00 ? 199 THR A OG1 1 
ATOM   40   C CG2 . THR A 1 8   ? -0.960  -1.522  10.921  1.00 21.26 ? 199 THR A CG2 1 
ATOM   41   N N   . LEU A 1 9   ? -2.671  -1.909  7.935   1.00 18.19 ? 200 LEU A N   1 
ATOM   42   C CA  . LEU A 1 9   ? -3.097  -3.069  7.168   1.00 16.92 ? 200 LEU A CA  1 
ATOM   43   C C   . LEU A 1 9   ? -2.032  -4.148  7.143   1.00 21.49 ? 200 LEU A C   1 
ATOM   44   O O   . LEU A 1 9   ? -0.833  -3.861  7.157   1.00 22.34 ? 200 LEU A O   1 
ATOM   45   C CB  . LEU A 1 9   ? -3.388  -2.651  5.713   1.00 17.48 ? 200 LEU A CB  1 
ATOM   46   C CG  . LEU A 1 9   ? -4.409  -1.528  5.500   1.00 18.57 ? 200 LEU A CG  1 
ATOM   47   C CD1 . LEU A 1 9   ? -4.385  -1.045  4.042   1.00 19.02 ? 200 LEU A CD1 1 
ATOM   48   C CD2 . LEU A 1 9   ? -5.786  -2.038  5.861   1.00 20.58 ? 200 LEU A CD2 1 
ATOM   49   N N   . ARG A 1 10  ? -2.470  -5.396  7.077   1.00 18.08 ? 201 ARG A N   1 
ATOM   50   C CA  . ARG A 1 10  ? -1.531  -6.507  6.985   1.00 20.54 ? 201 ARG A CA  1 
ATOM   51   C C   . ARG A 1 10  ? -1.577  -7.071  5.545   1.00 18.25 ? 201 ARG A C   1 
ATOM   52   O O   . ARG A 1 10  ? -2.641  -7.428  5.013   1.00 18.89 ? 201 ARG A O   1 
ATOM   53   C CB  . ARG A 1 10  ? -1.863  -7.605  8.028   1.00 16.48 ? 201 ARG A CB  1 
ATOM   54   C CG  . ARG A 1 10  ? -3.267  -8.182  7.904   1.00 19.13 ? 201 ARG A CG  1 
ATOM   55   C CD  . ARG A 1 10  ? -3.480  -9.423  8.807   1.00 28.24 ? 201 ARG A CD  1 
ATOM   56   N NE  . ARG A 1 10  ? -3.380  -9.116  10.228  1.00 30.50 ? 201 ARG A NE  1 
ATOM   57   C CZ  . ARG A 1 10  ? -4.362  -8.605  10.981  1.00 39.50 ? 201 ARG A CZ  1 
ATOM   58   N NH1 . ARG A 1 10  ? -5.551  -8.328  10.458  1.00 39.56 ? 201 ARG A NH1 1 
ATOM   59   N NH2 . ARG A 1 10  ? -4.161  -8.385  12.280  1.00 37.48 ? 201 ARG A NH2 1 
ATOM   60   N N   . TYR A 1 11  ? -0.419  -7.111  4.902   1.00 17.17 ? 202 TYR A N   1 
ATOM   61   C CA  . TYR A 1 11  ? -0.292  -7.643  3.540   1.00 17.64 ? 202 TYR A CA  1 
ATOM   62   C C   . TYR A 1 11  ? 0.380   -9.002  3.686   1.00 18.51 ? 202 TYR A C   1 
ATOM   63   O O   . TYR A 1 11  ? 1.432   -9.113  4.350   1.00 16.61 ? 202 TYR A O   1 
ATOM   64   C CB  . TYR A 1 11  ? 0.643   -6.789  2.663   1.00 16.80 ? 202 TYR A CB  1 
ATOM   65   C CG  . TYR A 1 11  ? 0.153   -5.438  2.202   1.00 17.15 ? 202 TYR A CG  1 
ATOM   66   C CD1 . TYR A 1 11  ? 0.539   -4.959  0.948   1.00 15.55 ? 202 TYR A CD1 1 
ATOM   67   C CD2 . TYR A 1 11  ? -0.619  -4.610  3.020   1.00 17.54 ? 202 TYR A CD2 1 
ATOM   68   C CE1 . TYR A 1 11  ? 0.179   -3.672  0.499   1.00 15.82 ? 202 TYR A CE1 1 
ATOM   69   C CE2 . TYR A 1 11  ? -0.983  -3.312  2.593   1.00 18.18 ? 202 TYR A CE2 1 
ATOM   70   C CZ  . TYR A 1 11  ? -0.567  -2.857  1.327   1.00 18.12 ? 202 TYR A CZ  1 
ATOM   71   O OH  . TYR A 1 11  ? -0.820  -1.571  0.928   1.00 18.03 ? 202 TYR A OH  1 
ATOM   72   N N   . GLU A 1 12  ? -0.173  -10.006 3.015   1.00 18.87 ? 203 GLU A N   1 
ATOM   73   C CA  . GLU A 1 12  ? 0.397   -11.352 3.068   1.00 21.29 ? 203 GLU A CA  1 
ATOM   74   C C   . GLU A 1 12  ? 1.785   -11.337 2.437   1.00 21.81 ? 203 GLU A C   1 
ATOM   75   O O   . GLU A 1 12  ? 2.010   -10.701 1.400   1.00 20.12 ? 203 GLU A O   1 
ATOM   76   C CB  . GLU A 1 12  ? -0.492  -12.355 2.319   1.00 24.48 ? 203 GLU A CB  1 
ATOM   77   C CG  . GLU A 1 12  ? -1.989  -12.200 2.608   1.00 52.80 ? 203 GLU A CG  1 
ATOM   78   C CD  . GLU A 1 12  ? -2.786  -13.517 2.541   1.00 62.23 ? 203 GLU A CD  1 
ATOM   79   O OE1 . GLU A 1 12  ? -2.823  -14.263 3.556   1.00 58.18 ? 203 GLU A OE1 1 
ATOM   80   O OE2 . GLU A 1 12  ? -3.376  -13.802 1.472   1.00 65.97 ? 203 GLU A OE2 1 
ATOM   81   N N   . VAL A 1 13  ? 2.707   -12.047 3.068   1.00 17.51 ? 204 VAL A N   1 
ATOM   82   C CA  . VAL A 1 13  ? 4.085   -12.133 2.592   1.00 24.83 ? 204 VAL A CA  1 
ATOM   83   C C   . VAL A 1 13  ? 4.335   -13.497 1.962   1.00 26.72 ? 204 VAL A C   1 
ATOM   84   O O   . VAL A 1 13  ? 3.813   -14.518 2.418   1.00 25.08 ? 204 VAL A O   1 
ATOM   85   C CB  . VAL A 1 13  ? 5.076   -11.882 3.769   1.00 24.31 ? 204 VAL A CB  1 
ATOM   86   C CG1 . VAL A 1 13  ? 6.498   -12.174 3.354   1.00 27.35 ? 204 VAL A CG1 1 
ATOM   87   C CG2 . VAL A 1 13  ? 4.956   -10.440 4.228   1.00 27.02 ? 204 VAL A CG2 1 
ATOM   88   N N   . GLU A 1 14  ? 5.132   -13.497 0.903   1.00 22.38 ? 205 GLU A N   1 
ATOM   89   C CA  . GLU A 1 14  ? 5.484   -14.698 0.169   1.00 25.34 ? 205 GLU A CA  1 
ATOM   90   C C   . GLU A 1 14  ? 6.088   -15.718 1.139   1.00 25.32 ? 205 GLU A C   1 
ATOM   91   O O   . GLU A 1 14  ? 6.994   -15.395 1.898   1.00 25.48 ? 205 GLU A O   1 
ATOM   92   C CB  . GLU A 1 14  ? 6.493   -14.312 -0.918  1.00 29.68 ? 205 GLU A CB  1 
ATOM   93   C CG  . GLU A 1 14  ? 6.866   -15.393 -1.881  1.00 30.32 ? 205 GLU A CG  1 
ATOM   94   C CD  . GLU A 1 14  ? 7.970   -14.934 -2.819  1.00 36.47 ? 205 GLU A CD  1 
ATOM   95   O OE1 . GLU A 1 14  ? 8.334   -15.698 -3.731  1.00 30.75 ? 205 GLU A OE1 1 
ATOM   96   O OE2 . GLU A 1 14  ? 8.480   -13.808 -2.632  1.00 24.98 ? 205 GLU A OE2 1 
ATOM   97   N N   . GLY A 1 15  ? 5.551   -16.933 1.148   1.00 33.23 ? 206 GLY A N   1 
ATOM   98   C CA  . GLY A 1 15  ? 6.074   -17.953 2.049   1.00 34.30 ? 206 GLY A CA  1 
ATOM   99   C C   . GLY A 1 15  ? 5.407   -17.963 3.422   1.00 39.42 ? 206 GLY A C   1 
ATOM   100  O O   . GLY A 1 15  ? 5.796   -18.736 4.304   1.00 38.75 ? 206 GLY A O   1 
ATOM   101  N N   . GLY A 1 16  ? 4.419   -17.095 3.623   1.00 31.08 ? 207 GLY A N   1 
ATOM   102  C CA  . GLY A 1 16  ? 3.706   -17.069 4.897   1.00 29.40 ? 207 GLY A CA  1 
ATOM   103  C C   . GLY A 1 16  ? 3.934   -15.867 5.787   1.00 29.42 ? 207 GLY A C   1 
ATOM   104  O O   . GLY A 1 16  ? 4.991   -15.234 5.754   1.00 32.34 ? 207 GLY A O   1 
ATOM   105  N N   . GLY A 1 17  ? 2.939   -15.538 6.598   1.00 24.87 ? 208 GLY A N   1 
ATOM   106  C CA  . GLY A 1 17  ? 3.098   -14.400 7.475   1.00 24.75 ? 208 GLY A CA  1 
ATOM   107  C C   . GLY A 1 17  ? 2.617   -13.115 6.813   1.00 21.30 ? 208 GLY A C   1 
ATOM   108  O O   . GLY A 1 17  ? 2.093   -13.140 5.706   1.00 21.16 ? 208 GLY A O   1 
ATOM   109  N N   . PHE A 1 18  ? 2.804   -12.002 7.513   1.00 23.69 ? 209 PHE A N   1 
ATOM   110  C CA  . PHE A 1 18  ? 2.356   -10.701 7.040   1.00 23.58 ? 209 PHE A CA  1 
ATOM   111  C C   . PHE A 1 18  ? 3.359   -9.598  7.317   1.00 23.61 ? 209 PHE A C   1 
ATOM   112  O O   . PHE A 1 18  ? 4.265   -9.734  8.163   1.00 24.15 ? 209 PHE A O   1 
ATOM   113  C CB  . PHE A 1 18  ? 1.057   -10.319 7.749   1.00 21.03 ? 209 PHE A CB  1 
ATOM   114  C CG  . PHE A 1 18  ? -0.093  -11.249 7.476   1.00 23.97 ? 209 PHE A CG  1 
ATOM   115  C CD1 . PHE A 1 18  ? -0.972  -10.998 6.422   1.00 23.29 ? 209 PHE A CD1 1 
ATOM   116  C CD2 . PHE A 1 18  ? -0.319  -12.364 8.292   1.00 29.31 ? 209 PHE A CD2 1 
ATOM   117  C CE1 . PHE A 1 18  ? -2.063  -11.835 6.173   1.00 27.27 ? 209 PHE A CE1 1 
ATOM   118  C CE2 . PHE A 1 18  ? -1.421  -13.223 8.056   1.00 25.89 ? 209 PHE A CE2 1 
ATOM   119  C CZ  . PHE A 1 18  ? -2.290  -12.956 6.997   1.00 30.78 ? 209 PHE A CZ  1 
ATOM   120  N N   . ILE A 1 19  ? 3.188   -8.490  6.600   1.00 18.24 ? 210 ILE A N   1 
ATOM   121  C CA  . ILE A 1 19  ? 4.003   -7.309  6.835   1.00 16.74 ? 210 ILE A CA  1 
ATOM   122  C C   . ILE A 1 19  ? 2.946   -6.222  6.957   1.00 18.64 ? 210 ILE A C   1 
ATOM   123  O O   . ILE A 1 19  ? 2.011   -6.167  6.139   1.00 20.23 ? 210 ILE A O   1 
ATOM   124  C CB  . ILE A 1 19  ? 5.033   -7.003  5.685   1.00 16.59 ? 210 ILE A CB  1 
ATOM   125  C CG1 . ILE A 1 19  ? 5.809   -5.714  6.035   1.00 19.97 ? 210 ILE A CG1 1 
ATOM   126  C CG2 . ILE A 1 19  ? 4.328   -6.854  4.318   1.00 15.87 ? 210 ILE A CG2 1 
ATOM   127  C CD1 . ILE A 1 19  ? 7.014   -5.458  5.131   1.00 19.68 ? 210 ILE A CD1 1 
ATOM   128  N N   . GLU A 1 20  ? 3.063   -5.408  8.002   1.00 17.96 ? 211 GLU A N   1 
ATOM   129  C CA  . GLU A 1 20  ? 2.105   -4.336  8.274   1.00 19.03 ? 211 GLU A CA  1 
ATOM   130  C C   . GLU A 1 20  ? 2.552   -3.002  7.745   1.00 19.35 ? 211 GLU A C   1 
ATOM   131  O O   . GLU A 1 20  ? 3.718   -2.606  7.857   1.00 17.37 ? 211 GLU A O   1 
ATOM   132  C CB  . GLU A 1 20  ? 1.834   -4.222  9.776   1.00 23.61 ? 211 GLU A CB  1 
ATOM   133  C CG  . GLU A 1 20  ? 1.160   -5.473  10.331  1.00 20.76 ? 211 GLU A CG  1 
ATOM   134  C CD  . GLU A 1 20  ? 0.886   -5.403  11.827  1.00 24.24 ? 211 GLU A CD  1 
ATOM   135  O OE1 . GLU A 1 20  ? 0.340   -6.391  12.327  1.00 25.77 ? 211 GLU A OE1 1 
ATOM   136  O OE2 . GLU A 1 20  ? 1.195   -4.386  12.491  1.00 23.90 ? 211 GLU A OE2 1 
ATOM   137  N N   . ILE A 1 21  ? 1.584   -2.303  7.171   1.00 17.66 ? 212 ILE A N   1 
ATOM   138  C CA  . ILE A 1 21  ? 1.787   -1.018  6.572   1.00 16.19 ? 212 ILE A CA  1 
ATOM   139  C C   . ILE A 1 21  ? 0.716   -0.070  7.120   1.00 17.98 ? 212 ILE A C   1 
ATOM   140  O O   . ILE A 1 21  ? -0.423  -0.471  7.315   1.00 23.31 ? 212 ILE A O   1 
ATOM   141  C CB  . ILE A 1 21  ? 1.648   -1.179  5.013   1.00 23.40 ? 212 ILE A CB  1 
ATOM   142  C CG1 . ILE A 1 21  ? 3.019   -1.440  4.401   1.00 29.70 ? 212 ILE A CG1 1 
ATOM   143  C CG2 . ILE A 1 21  ? 0.933   -0.013  4.380   1.00 31.81 ? 212 ILE A CG2 1 
ATOM   144  C CD1 . ILE A 1 21  ? 3.449   -2.839  4.518   1.00 33.01 ? 212 ILE A CD1 1 
ATOM   145  N N   . ALA A 1 22  ? 1.077   1.188   7.328   1.00 16.65 ? 213 ALA A N   1 
ATOM   146  C CA  . ALA A 1 22  ? 0.112   2.186   7.790   1.00 21.12 ? 213 ALA A CA  1 
ATOM   147  C C   . ALA A 1 22  ? -0.142  3.204   6.661   1.00 20.76 ? 213 ALA A C   1 
ATOM   148  O O   . ALA A 1 22  ? 0.784   3.590   5.938   1.00 20.28 ? 213 ALA A O   1 
ATOM   149  C CB  . ALA A 1 22  ? 0.659   2.912   9.043   1.00 21.88 ? 213 ALA A CB  1 
ATOM   150  N N   . THR A 1 23  ? -1.389  3.642   6.507   1.00 17.18 ? 214 THR A N   1 
ATOM   151  C CA  . THR A 1 23  ? -1.718  4.613   5.482   1.00 18.54 ? 214 THR A CA  1 
ATOM   152  C C   . THR A 1 23  ? -2.956  5.419   5.824   1.00 16.56 ? 214 THR A C   1 
ATOM   153  O O   . THR A 1 23  ? -3.848  4.937   6.547   1.00 18.35 ? 214 THR A O   1 
ATOM   154  C CB  . THR A 1 23  ? -1.942  3.894   4.103   1.00 16.76 ? 214 THR A CB  1 
ATOM   155  O OG1 . THR A 1 23  ? -2.176  4.860   3.077   1.00 17.46 ? 214 THR A OG1 1 
ATOM   156  C CG2 . THR A 1 23  ? -3.137  2.955   4.184   1.00 20.09 ? 214 THR A CG2 1 
ATOM   157  N N   . VAL A 1 24  ? -3.020  6.651   5.338   1.00 16.26 ? 215 VAL A N   1 
ATOM   158  C CA  . VAL A 1 24  ? -4.235  7.432   5.533   1.00 18.27 ? 215 VAL A CA  1 
ATOM   159  C C   . VAL A 1 24  ? -5.008  7.417   4.196   1.00 17.83 ? 215 VAL A C   1 
ATOM   160  O O   . VAL A 1 24  ? -6.064  8.035   4.058   1.00 17.01 ? 215 VAL A O   1 
ATOM   161  C CB  . VAL A 1 24  ? -3.929  8.907   5.970   1.00 17.93 ? 215 VAL A CB  1 
ATOM   162  C CG1 . VAL A 1 24  ? -3.131  8.877   7.309   1.00 18.71 ? 215 VAL A CG1 1 
ATOM   163  C CG2 . VAL A 1 24  ? -3.161  9.646   4.897   1.00 21.56 ? 215 VAL A CG2 1 
ATOM   164  N N   . ARG A 1 25  ? -4.475  6.708   3.204   1.00 15.11 ? 216 ARG A N   1 
ATOM   165  C CA  . ARG A 1 25  ? -5.121  6.646   1.877   1.00 15.53 ? 216 ARG A CA  1 
ATOM   166  C C   . ARG A 1 25  ? -5.353  5.191   1.468   1.00 16.40 ? 216 ARG A C   1 
ATOM   167  O O   . ARG A 1 25  ? -4.791  4.710   0.479   1.00 18.24 ? 216 ARG A O   1 
ATOM   168  C CB  . ARG A 1 25  ? -4.219  7.352   0.868   1.00 23.07 ? 216 ARG A CB  1 
ATOM   169  C CG  . ARG A 1 25  ? -4.093  8.854   1.142   1.00 23.61 ? 216 ARG A CG  1 
ATOM   170  C CD  . ARG A 1 25  ? -4.534  9.594   -0.102  1.00 43.41 ? 216 ARG A CD  1 
ATOM   171  N NE  . ARG A 1 25  ? -3.385  9.903   -0.912  1.00 37.69 ? 216 ARG A NE  1 
ATOM   172  C CZ  . ARG A 1 25  ? -3.381  10.049  -2.238  1.00 39.56 ? 216 ARG A CZ  1 
ATOM   173  N NH1 . ARG A 1 25  ? -4.480  9.910   -2.978  1.00 40.04 ? 216 ARG A NH1 1 
ATOM   174  N NH2 . ARG A 1 25  ? -2.240  10.345  -2.818  1.00 34.22 ? 216 ARG A NH2 1 
ATOM   175  N N   . PRO A 1 26  ? -6.212  4.484   2.206   1.00 17.99 ? 217 PRO A N   1 
ATOM   176  C CA  . PRO A 1 26  ? -6.471  3.080   1.887   1.00 16.52 ? 217 PRO A CA  1 
ATOM   177  C C   . PRO A 1 26  ? -6.974  2.795   0.460   1.00 19.70 ? 217 PRO A C   1 
ATOM   178  O O   . PRO A 1 26  ? -6.718  1.724   -0.088  1.00 17.36 ? 217 PRO A O   1 
ATOM   179  C CB  . PRO A 1 26  ? -7.425  2.633   3.005   1.00 18.15 ? 217 PRO A CB  1 
ATOM   180  C CG  . PRO A 1 26  ? -8.163  3.862   3.387   1.00 17.20 ? 217 PRO A CG  1 
ATOM   181  C CD  . PRO A 1 26  ? -7.101  4.975   3.280   1.00 15.98 ? 217 PRO A CD  1 
ATOM   182  N N   . GLU A 1 27  ? -7.633  3.769   -0.159  1.00 16.95 ? 218 GLU A N   1 
ATOM   183  C CA  . GLU A 1 27  ? -8.112  3.577   -1.508  1.00 18.37 ? 218 GLU A CA  1 
ATOM   184  C C   . GLU A 1 27  ? -6.959  3.435   -2.507  1.00 18.78 ? 218 GLU A C   1 
ATOM   185  O O   . GLU A 1 27  ? -7.155  2.885   -3.585  1.00 16.62 ? 218 GLU A O   1 
ATOM   186  C CB  . GLU A 1 27  ? -9.004  4.752   -1.958  1.00 18.52 ? 218 GLU A CB  1 
ATOM   187  C CG  . GLU A 1 27  ? -8.256  6.058   -2.225  1.00 18.89 ? 218 GLU A CG  1 
ATOM   188  C CD  . GLU A 1 27  ? -7.812  6.799   -0.950  1.00 16.79 ? 218 GLU A CD  1 
ATOM   189  O OE1 . GLU A 1 27  ? -7.166  7.852   -1.110  1.00 22.97 ? 218 GLU A OE1 1 
ATOM   190  O OE2 . GLU A 1 27  ? -8.115  6.354   0.185   1.00 18.12 ? 218 GLU A OE2 1 
ATOM   191  N N   . THR A 1 28  ? -5.770  3.951   -2.172  1.00 15.83 ? 219 THR A N   1 
ATOM   192  C CA  . THR A 1 28  ? -4.640  3.872   -3.095  1.00 14.54 ? 219 THR A CA  1 
ATOM   193  C C   . THR A 1 28  ? -3.842  2.590   -2.971  1.00 14.85 ? 219 THR A C   1 
ATOM   194  O O   . THR A 1 28  ? -2.920  2.381   -3.741  1.00 14.09 ? 219 THR A O   1 
ATOM   195  C CB  . THR A 1 28  ? -3.646  5.060   -2.935  1.00 16.93 ? 219 THR A CB  1 
ATOM   196  O OG1 . THR A 1 28  ? -3.016  4.989   -1.654  1.00 15.68 ? 219 THR A OG1 1 
ATOM   197  C CG2 . THR A 1 28  ? -4.374  6.408   -3.125  1.00 18.36 ? 219 THR A CG2 1 
ATOM   198  N N   . VAL A 1 29  ? -4.188  1.729   -2.015  1.00 16.09 ? 220 VAL A N   1 
ATOM   199  C CA  . VAL A 1 29  ? -3.486  0.451   -1.841  1.00 16.41 ? 220 VAL A CA  1 
ATOM   200  C C   . VAL A 1 29  ? -3.378  -0.343  -3.174  1.00 16.39 ? 220 VAL A C   1 
ATOM   201  O O   . VAL A 1 29  ? -2.355  -0.961  -3.467  1.00 13.42 ? 220 VAL A O   1 
ATOM   202  C CB  . VAL A 1 29  ? -4.220  -0.409  -0.771  1.00 18.98 ? 220 VAL A CB  1 
ATOM   203  C CG1 . VAL A 1 29  ? -3.792  -1.859  -0.852  1.00 19.62 ? 220 VAL A CG1 1 
ATOM   204  C CG2 . VAL A 1 29  ? -3.945  0.166   0.645   1.00 17.34 ? 220 VAL A CG2 1 
ATOM   205  N N   . PHE A 1 30  ? -4.429  -0.301  -3.997  1.00 16.05 ? 221 PHE A N   1 
ATOM   206  C CA  . PHE A 1 30  ? -4.436  -1.066  -5.249  1.00 14.10 ? 221 PHE A CA  1 
ATOM   207  C C   . PHE A 1 30  ? -3.425  -0.606  -6.287  1.00 13.40 ? 221 PHE A C   1 
ATOM   208  O O   . PHE A 1 30  ? -3.120  -1.344  -7.224  1.00 18.04 ? 221 PHE A O   1 
ATOM   209  C CB  . PHE A 1 30  ? -5.887  -1.099  -5.784  1.00 13.74 ? 221 PHE A CB  1 
ATOM   210  C CG  . PHE A 1 30  ? -6.880  -1.385  -4.698  1.00 14.56 ? 221 PHE A CG  1 
ATOM   211  C CD1 . PHE A 1 30  ? -7.722  -0.374  -4.222  1.00 14.93 ? 221 PHE A CD1 1 
ATOM   212  C CD2 . PHE A 1 30  ? -6.877  -2.618  -4.042  1.00 16.05 ? 221 PHE A CD2 1 
ATOM   213  C CE1 . PHE A 1 30  ? -8.541  -0.592  -3.108  1.00 15.66 ? 221 PHE A CE1 1 
ATOM   214  C CE2 . PHE A 1 30  ? -7.692  -2.844  -2.928  1.00 17.15 ? 221 PHE A CE2 1 
ATOM   215  C CZ  . PHE A 1 30  ? -8.526  -1.821  -2.466  1.00 18.61 ? 221 PHE A CZ  1 
ATOM   216  N N   . ALA A 1 31  ? -2.909  0.613   -6.132  1.00 15.16 ? 222 ALA A N   1 
ATOM   217  C CA  . ALA A 1 31  ? -1.879  1.146   -7.014  1.00 17.82 ? 222 ALA A CA  1 
ATOM   218  C C   . ALA A 1 31  ? -0.463  0.892   -6.459  1.00 19.03 ? 222 ALA A C   1 
ATOM   219  O O   . ALA A 1 31  ? 0.512   1.328   -7.067  1.00 16.42 ? 222 ALA A O   1 
ATOM   220  C CB  . ALA A 1 31  ? -2.074  2.656   -7.218  1.00 19.17 ? 222 ALA A CB  1 
ATOM   221  N N   . ASP A 1 32  ? -0.333  0.209   -5.319  1.00 14.77 ? 223 ASP A N   1 
ATOM   222  C CA  . ASP A 1 32  ? 1.020   -0.028  -4.755  1.00 14.51 ? 223 ASP A CA  1 
ATOM   223  C C   . ASP A 1 32  ? 1.915   -0.795  -5.747  1.00 14.49 ? 223 ASP A C   1 
ATOM   224  O O   . ASP A 1 32  ? 1.473   -1.759  -6.393  1.00 16.34 ? 223 ASP A O   1 
ATOM   225  C CB  . ASP A 1 32  ? 0.969   -0.855  -3.458  1.00 17.44 ? 223 ASP A CB  1 
ATOM   226  C CG  . ASP A 1 32  ? 0.291   -0.114  -2.282  1.00 20.20 ? 223 ASP A CG  1 
ATOM   227  O OD1 . ASP A 1 32  ? 0.023   1.112   -2.364  1.00 17.96 ? 223 ASP A OD1 1 
ATOM   228  O OD2 . ASP A 1 32  ? 0.033   -0.787  -1.270  1.00 19.26 ? 223 ASP A OD2 1 
ATOM   229  N N   . GLN A 1 33  ? 3.175   -0.370  -5.847  1.00 14.40 ? 224 GLN A N   1 
ATOM   230  C CA  . GLN A 1 33  ? 4.137   -1.022  -6.734  1.00 16.04 ? 224 GLN A CA  1 
ATOM   231  C C   . GLN A 1 33  ? 5.293   -1.663  -5.969  1.00 14.44 ? 224 GLN A C   1 
ATOM   232  O O   . GLN A 1 33  ? 6.092   -2.382  -6.550  1.00 15.70 ? 224 GLN A O   1 
ATOM   233  C CB  . GLN A 1 33  ? 4.628   -0.012  -7.770  1.00 17.65 ? 224 GLN A CB  1 
ATOM   234  C CG  . GLN A 1 33  ? 3.534   0.271   -8.813  1.00 17.91 ? 224 GLN A CG  1 
ATOM   235  C CD  . GLN A 1 33  ? 3.335   -0.931  -9.726  1.00 21.77 ? 224 GLN A CD  1 
ATOM   236  O OE1 . GLN A 1 33  ? 3.946   -1.020  -10.795 1.00 28.70 ? 224 GLN A OE1 1 
ATOM   237  N NE2 . GLN A 1 33  ? 2.521   -1.884  -9.294  1.00 37.03 ? 224 GLN A NE2 1 
ATOM   238  N N   . ALA A 1 34  ? 5.380   -1.387  -4.674  1.00 13.90 ? 225 ALA A N   1 
ATOM   239  C CA  . ALA A 1 34  ? 6.420   -1.964  -3.821  1.00 16.42 ? 225 ALA A CA  1 
ATOM   240  C C   . ALA A 1 34  ? 6.127   -1.627  -2.377  1.00 18.58 ? 225 ALA A C   1 
ATOM   241  O O   . ALA A 1 34  ? 5.300   -0.767  -2.087  1.00 15.75 ? 225 ALA A O   1 
ATOM   242  C CB  . ALA A 1 34  ? 7.797   -1.368  -4.164  1.00 14.00 ? 225 ALA A CB  1 
ATOM   243  N N   . ILE A 1 35  ? 6.786   -2.342  -1.478  1.00 13.74 ? 226 ILE A N   1 
ATOM   244  C CA  . ILE A 1 35  ? 6.760   -1.945  -0.090  1.00 14.39 ? 226 ILE A CA  1 
ATOM   245  C C   . ILE A 1 35  ? 8.256   -1.610  0.157   1.00 15.30 ? 226 ILE A C   1 
ATOM   246  O O   . ILE A 1 35  ? 9.146   -2.415  -0.146  1.00 16.71 ? 226 ILE A O   1 
ATOM   247  C CB  . ILE A 1 35  ? 6.302   -3.064  0.843   1.00 14.29 ? 226 ILE A CB  1 
ATOM   248  C CG1 . ILE A 1 35  ? 4.787   -3.247  0.665   1.00 17.68 ? 226 ILE A CG1 1 
ATOM   249  C CG2 . ILE A 1 35  ? 6.663   -2.700  2.283   1.00 14.07 ? 226 ILE A CG2 1 
ATOM   250  C CD1 . ILE A 1 35  ? 4.237   -4.303  1.512   1.00 29.23 ? 226 ILE A CD1 1 
ATOM   251  N N   . ALA A 1 36  ? 8.535   -0.426  0.678   1.00 16.00 ? 227 ALA A N   1 
ATOM   252  C CA  . ALA A 1 36  ? 9.904   -0.047  0.924   1.00 17.98 ? 227 ALA A CA  1 
ATOM   253  C C   . ALA A 1 36  ? 10.208  -0.032  2.425   1.00 16.61 ? 227 ALA A C   1 
ATOM   254  O O   . ALA A 1 36  ? 9.377   0.364   3.243   1.00 17.14 ? 227 ALA A O   1 
ATOM   255  C CB  . ALA A 1 36  ? 10.190  1.315   0.297   1.00 17.76 ? 227 ALA A CB  1 
ATOM   256  N N   . VAL A 1 37  ? 11.403  -0.494  2.777   1.00 16.45 ? 228 VAL A N   1 
ATOM   257  C CA  . VAL A 1 37  ? 11.861  -0.504  4.173   1.00 21.16 ? 228 VAL A CA  1 
ATOM   258  C C   . VAL A 1 37  ? 13.322  0.012   4.193   1.00 14.64 ? 228 VAL A C   1 
ATOM   259  O O   . VAL A 1 37  ? 14.059  -0.093  3.186   1.00 17.88 ? 228 VAL A O   1 
ATOM   260  C CB  . VAL A 1 37  ? 11.816  -1.958  4.815   1.00 18.76 ? 228 VAL A CB  1 
ATOM   261  C CG1 . VAL A 1 37  ? 10.341  -2.456  4.915   1.00 14.93 ? 228 VAL A CG1 1 
ATOM   262  C CG2 . VAL A 1 37  ? 12.682  -2.935  3.988   1.00 17.16 ? 228 VAL A CG2 1 
ATOM   263  N N   . HIS A 1 38  ? 13.729  0.584   5.306   1.00 15.69 ? 229 HIS A N   1 
ATOM   264  C CA  . HIS A 1 38  ? 15.117  1.032   5.413   1.00 20.31 ? 229 HIS A CA  1 
ATOM   265  C C   . HIS A 1 38  ? 15.992  -0.240  5.439   1.00 20.89 ? 229 HIS A C   1 
ATOM   266  O O   . HIS A 1 38  ? 15.657  -1.215  6.127   1.00 21.73 ? 229 HIS A O   1 
ATOM   267  C CB  . HIS A 1 38  ? 15.317  1.828   6.694   1.00 20.05 ? 229 HIS A CB  1 
ATOM   268  C CG  . HIS A 1 38  ? 16.682  2.427   6.797   1.00 29.14 ? 229 HIS A CG  1 
ATOM   269  N ND1 . HIS A 1 38  ? 16.961  3.718   6.403   1.00 35.17 ? 229 HIS A ND1 1 
ATOM   270  C CD2 . HIS A 1 38  ? 17.866  1.873   7.144   1.00 24.63 ? 229 HIS A CD2 1 
ATOM   271  C CE1 . HIS A 1 38  ? 18.262  3.934   6.499   1.00 27.19 ? 229 HIS A CE1 1 
ATOM   272  N NE2 . HIS A 1 38  ? 18.834  2.830   6.945   1.00 35.12 ? 229 HIS A NE2 1 
ATOM   273  N N   . PRO A 1 39  ? 17.104  -0.263  4.673   1.00 22.38 ? 230 PRO A N   1 
ATOM   274  C CA  . PRO A 1 39  ? 17.954  -1.461  4.671   1.00 22.79 ? 230 PRO A CA  1 
ATOM   275  C C   . PRO A 1 39  ? 18.463  -1.935  6.048   1.00 22.78 ? 230 PRO A C   1 
ATOM   276  O O   . PRO A 1 39  ? 18.772  -3.109  6.224   1.00 25.87 ? 230 PRO A O   1 
ATOM   277  C CB  . PRO A 1 39  ? 19.109  -1.083  3.730   1.00 22.02 ? 230 PRO A CB  1 
ATOM   278  C CG  . PRO A 1 39  ? 19.186  0.417   3.840   1.00 26.42 ? 230 PRO A CG  1 
ATOM   279  C CD  . PRO A 1 39  ? 17.713  0.829   3.889   1.00 23.46 ? 230 PRO A CD  1 
ATOM   280  N N   . GLU A 1 40  ? 18.540  -1.041  7.023   1.00 21.39 ? 231 GLU A N   1 
ATOM   281  C CA  . GLU A 1 40  ? 19.042  -1.446  8.332   1.00 28.13 ? 231 GLU A CA  1 
ATOM   282  C C   . GLU A 1 40  ? 17.963  -1.830  9.334   1.00 32.34 ? 231 GLU A C   1 
ATOM   283  O O   . GLU A 1 40  ? 18.280  -2.170  10.474  1.00 29.43 ? 231 GLU A O   1 
ATOM   284  C CB  . GLU A 1 40  ? 19.892  -0.326  8.914   1.00 30.10 ? 231 GLU A CB  1 
ATOM   285  C CG  . GLU A 1 40  ? 20.979  0.105   7.944   1.00 40.84 ? 231 GLU A CG  1 
ATOM   286  C CD  . GLU A 1 40  ? 21.918  1.146   8.512   1.00 46.80 ? 231 GLU A CD  1 
ATOM   287  O OE1 . GLU A 1 40  ? 21.467  2.027   9.283   1.00 53.03 ? 231 GLU A OE1 1 
ATOM   288  O OE2 . GLU A 1 40  ? 23.114  1.083   8.165   1.00 54.04 ? 231 GLU A OE2 1 
ATOM   289  N N   . ASP A 1 41  ? 16.700  -1.817  8.910   1.00 24.19 ? 232 ASP A N   1 
ATOM   290  C CA  . ASP A 1 41  ? 15.603  -2.121  9.823   1.00 20.43 ? 232 ASP A CA  1 
ATOM   291  C C   . ASP A 1 41  ? 15.481  -3.612  10.104  1.00 21.50 ? 232 ASP A C   1 
ATOM   292  O O   . ASP A 1 41  ? 15.033  -4.382  9.248   1.00 20.19 ? 232 ASP A O   1 
ATOM   293  C CB  . ASP A 1 41  ? 14.283  -1.584  9.247   1.00 19.42 ? 232 ASP A CB  1 
ATOM   294  C CG  . ASP A 1 41  ? 13.163  -1.520  10.292  1.00 17.84 ? 232 ASP A CG  1 
ATOM   295  O OD1 . ASP A 1 41  ? 13.161  -2.312  11.268  1.00 23.37 ? 232 ASP A OD1 1 
ATOM   296  O OD2 . ASP A 1 41  ? 12.266  -0.685  10.129  1.00 20.91 ? 232 ASP A OD2 1 
ATOM   297  N N   . GLU A 1 42  ? 15.870  -4.017  11.318  1.00 21.37 ? 233 GLU A N   1 
ATOM   298  C CA  . GLU A 1 42  ? 15.811  -5.422  11.733  1.00 19.98 ? 233 GLU A CA  1 
ATOM   299  C C   . GLU A 1 42  ? 14.452  -6.089  11.621  1.00 18.64 ? 233 GLU A C   1 
ATOM   300  O O   . GLU A 1 42  ? 14.355  -7.317  11.520  1.00 21.20 ? 233 GLU A O   1 
ATOM   301  C CB  . GLU A 1 42  ? 16.302  -5.576  13.195  1.00 16.07 ? 233 GLU A CB  1 
ATOM   302  C CG  . GLU A 1 42  ? 17.801  -5.230  13.357  1.00 20.04 ? 233 GLU A CG  1 
ATOM   303  C CD  . GLU A 1 42  ? 18.047  -3.760  13.691  1.00 26.25 ? 233 GLU A CD  1 
ATOM   304  O OE1 . GLU A 1 42  ? 17.092  -2.952  13.594  1.00 22.40 ? 233 GLU A OE1 1 
ATOM   305  O OE2 . GLU A 1 42  ? 19.198  -3.409  14.049  1.00 23.82 ? 233 GLU A OE2 1 
ATOM   306  N N   . ARG A 1 43  ? 13.391  -5.307  11.698  1.00 18.33 ? 234 ARG A N   1 
ATOM   307  C CA  . ARG A 1 43  ? 12.070  -5.911  11.616  1.00 22.53 ? 234 ARG A CA  1 
ATOM   308  C C   . ARG A 1 43  ? 11.799  -6.472  10.232  1.00 18.76 ? 234 ARG A C   1 
ATOM   309  O O   . ARG A 1 43  ? 11.083  -7.458  10.099  1.00 21.00 ? 234 ARG A O   1 
ATOM   310  C CB  . ARG A 1 43  ? 10.974  -4.881  11.973  1.00 21.31 ? 234 ARG A CB  1 
ATOM   311  C CG  . ARG A 1 43  ? 11.045  -4.331  13.399  1.00 21.16 ? 234 ARG A CG  1 
ATOM   312  C CD  . ARG A 1 43  ? 10.134  -3.123  13.576  1.00 21.09 ? 234 ARG A CD  1 
ATOM   313  N NE  . ARG A 1 43  ? 10.590  -1.983  12.781  1.00 19.73 ? 234 ARG A NE  1 
ATOM   314  C CZ  . ARG A 1 43  ? 9.999   -0.793  12.778  1.00 20.79 ? 234 ARG A CZ  1 
ATOM   315  N NH1 . ARG A 1 43  ? 8.923   -0.581  13.538  1.00 19.93 ? 234 ARG A NH1 1 
ATOM   316  N NH2 . ARG A 1 43  ? 10.467  0.175   12.001  1.00 21.87 ? 234 ARG A NH2 1 
ATOM   317  N N   . TYR A 1 44  ? 12.387  -5.875  9.202   1.00 18.63 ? 235 TYR A N   1 
ATOM   318  C CA  . TYR A 1 44  ? 12.095  -6.289  7.820   1.00 17.01 ? 235 TYR A CA  1 
ATOM   319  C C   . TYR A 1 44  ? 13.225  -6.780  6.938   1.00 16.30 ? 235 TYR A C   1 
ATOM   320  O O   . TYR A 1 44  ? 12.990  -7.243  5.829   1.00 18.16 ? 235 TYR A O   1 
ATOM   321  C CB  . TYR A 1 44  ? 11.401  -5.111  7.117   1.00 17.06 ? 235 TYR A CB  1 
ATOM   322  C CG  . TYR A 1 44  ? 10.304  -4.496  7.977   1.00 17.54 ? 235 TYR A CG  1 
ATOM   323  C CD1 . TYR A 1 44  ? 10.413  -3.178  8.448   1.00 17.20 ? 235 TYR A CD1 1 
ATOM   324  C CD2 . TYR A 1 44  ? 9.166   -5.228  8.316   1.00 15.62 ? 235 TYR A CD2 1 
ATOM   325  C CE1 . TYR A 1 44  ? 9.417   -2.617  9.232   1.00 18.16 ? 235 TYR A CE1 1 
ATOM   326  C CE2 . TYR A 1 44  ? 8.156   -4.669  9.102   1.00 20.37 ? 235 TYR A CE2 1 
ATOM   327  C CZ  . TYR A 1 44  ? 8.290   -3.364  9.552   1.00 20.68 ? 235 TYR A CZ  1 
ATOM   328  O OH  . TYR A 1 44  ? 7.292   -2.798  10.293  1.00 21.40 ? 235 TYR A OH  1 
ATOM   329  N N   . ARG A 1 45  ? 14.463  -6.685  7.416   1.00 17.84 ? 236 ARG A N   1 
ATOM   330  C CA  . ARG A 1 45  ? 15.615  -7.083  6.612   1.00 20.57 ? 236 ARG A CA  1 
ATOM   331  C C   . ARG A 1 45  ? 15.530  -8.455  5.962   1.00 16.53 ? 236 ARG A C   1 
ATOM   332  O O   . ARG A 1 45  ? 15.916  -8.610  4.809   1.00 19.36 ? 236 ARG A O   1 
ATOM   333  C CB  . ARG A 1 45  ? 16.906  -7.007  7.462   1.00 23.99 ? 236 ARG A CB  1 
ATOM   334  C CG  . ARG A 1 45  ? 17.459  -5.602  7.605   1.00 34.63 ? 236 ARG A CG  1 
ATOM   335  C CD  . ARG A 1 45  ? 18.724  -5.550  8.471   1.00 32.14 ? 236 ARG A CD  1 
ATOM   336  N NE  . ARG A 1 45  ? 19.790  -6.400  7.950   1.00 42.40 ? 236 ARG A NE  1 
ATOM   337  C CZ  . ARG A 1 45  ? 20.536  -6.123  6.886   1.00 39.91 ? 236 ARG A CZ  1 
ATOM   338  N NH1 . ARG A 1 45  ? 20.345  -5.010  6.202   1.00 46.64 ? 236 ARG A NH1 1 
ATOM   339  N NH2 . ARG A 1 45  ? 21.489  -6.965  6.514   1.00 47.08 ? 236 ARG A NH2 1 
ATOM   340  N N   . HIS A 1 46  ? 15.025  -9.447  6.685   1.00 17.41 ? 237 HIS A N   1 
ATOM   341  C CA  . HIS A 1 46  ? 14.913  -10.811 6.153   1.00 18.79 ? 237 HIS A CA  1 
ATOM   342  C C   . HIS A 1 46  ? 13.836  -10.935 5.053   1.00 21.75 ? 237 HIS A C   1 
ATOM   343  O O   . HIS A 1 46  ? 13.747  -11.960 4.372   1.00 21.92 ? 237 HIS A O   1 
ATOM   344  C CB  . HIS A 1 46  ? 14.573  -11.780 7.300   1.00 21.57 ? 237 HIS A CB  1 
ATOM   345  C CG  . HIS A 1 46  ? 13.243  -11.520 7.939   1.00 16.21 ? 237 HIS A CG  1 
ATOM   346  N ND1 . HIS A 1 46  ? 12.991  -10.420 8.734   1.00 19.19 ? 237 HIS A ND1 1 
ATOM   347  C CD2 . HIS A 1 46  ? 12.075  -12.194 7.853   1.00 15.88 ? 237 HIS A CD2 1 
ATOM   348  C CE1 . HIS A 1 46  ? 11.725  -10.430 9.110   1.00 18.52 ? 237 HIS A CE1 1 
ATOM   349  N NE2 . HIS A 1 46  ? 11.148  -11.498 8.588   1.00 16.29 ? 237 HIS A NE2 1 
ATOM   350  N N   . LEU A 1 47  ? 13.009  -9.901  4.907   1.00 21.79 ? 238 LEU A N   1 
ATOM   351  C CA  . LEU A 1 47  ? 11.942  -9.898  3.896   1.00 20.21 ? 238 LEU A CA  1 
ATOM   352  C C   . LEU A 1 47  ? 12.392  -9.227  2.586   1.00 19.58 ? 238 LEU A C   1 
ATOM   353  O O   . LEU A 1 47  ? 11.698  -9.307  1.564   1.00 19.59 ? 238 LEU A O   1 
ATOM   354  C CB  . LEU A 1 47  ? 10.706  -9.162  4.451   1.00 17.75 ? 238 LEU A CB  1 
ATOM   355  C CG  . LEU A 1 47  ? 10.046  -9.756  5.708   1.00 18.74 ? 238 LEU A CG  1 
ATOM   356  C CD1 . LEU A 1 47  ? 8.790   -8.971  6.063   1.00 22.04 ? 238 LEU A CD1 1 
ATOM   357  C CD2 . LEU A 1 47  ? 9.722   -11.226 5.445   1.00 23.12 ? 238 LEU A CD2 1 
ATOM   358  N N   . LEU A 1 48  ? 13.545  -8.560  2.609   1.00 17.55 ? 239 LEU A N   1 
ATOM   359  C CA  . LEU A 1 48  ? 14.047  -7.896  1.405   1.00 21.13 ? 239 LEU A CA  1 
ATOM   360  C C   . LEU A 1 48  ? 14.194  -8.906  0.296   1.00 22.02 ? 239 LEU A C   1 
ATOM   361  O O   . LEU A 1 48  ? 14.780  -9.971  0.496   1.00 22.99 ? 239 LEU A O   1 
ATOM   362  C CB  . LEU A 1 48  ? 15.387  -7.229  1.683   1.00 19.13 ? 239 LEU A CB  1 
ATOM   363  C CG  . LEU A 1 48  ? 15.205  -5.980  2.538   1.00 19.90 ? 239 LEU A CG  1 
ATOM   364  C CD1 . LEU A 1 48  ? 16.570  -5.485  3.002   1.00 17.64 ? 239 LEU A CD1 1 
ATOM   365  C CD2 . LEU A 1 48  ? 14.455  -4.897  1.707   1.00 19.40 ? 239 LEU A CD2 1 
ATOM   366  N N   . GLY A 1 49  ? 13.643  -8.603  -0.872  1.00 18.35 ? 240 GLY A N   1 
ATOM   367  C CA  . GLY A 1 49  ? 13.732  -9.549  -1.972  1.00 21.05 ? 240 GLY A CA  1 
ATOM   368  C C   . GLY A 1 49  ? 12.535  -10.486 -2.060  1.00 18.56 ? 240 GLY A C   1 
ATOM   369  O O   . GLY A 1 49  ? 12.354  -11.156 -3.084  1.00 23.20 ? 240 GLY A O   1 
ATOM   370  N N   . LYS A 1 50  ? 11.738  -10.576 -0.995  1.00 16.45 ? 241 LYS A N   1 
ATOM   371  C CA  . LYS A 1 50  ? 10.524  -11.387 -1.054  1.00 15.67 ? 241 LYS A CA  1 
ATOM   372  C C   . LYS A 1 50  ? 9.436   -10.464 -1.612  1.00 20.01 ? 241 LYS A C   1 
ATOM   373  O O   . LYS A 1 50  ? 9.697   -9.272  -1.877  1.00 17.87 ? 241 LYS A O   1 
ATOM   374  C CB  . LYS A 1 50  ? 10.093  -11.855 0.334   1.00 17.99 ? 241 LYS A CB  1 
ATOM   375  C CG  . LYS A 1 50  ? 10.952  -12.969 0.911   1.00 25.77 ? 241 LYS A CG  1 
ATOM   376  C CD  . LYS A 1 50  ? 10.420  -13.318 2.300   1.00 36.45 ? 241 LYS A CD  1 
ATOM   377  C CE  . LYS A 1 50  ? 10.552  -14.794 2.625   1.00 39.24 ? 241 LYS A CE  1 
ATOM   378  N NZ  . LYS A 1 50  ? 11.949  -15.229 2.535   1.00 35.86 ? 241 LYS A NZ  1 
ATOM   379  N N   . ARG A 1 51  ? 8.235   -11.008 -1.781  1.00 18.46 ? 242 ARG A N   1 
ATOM   380  C CA  . ARG A 1 51  ? 7.104   -10.244 -2.306  1.00 18.11 ? 242 ARG A CA  1 
ATOM   381  C C   . ARG A 1 51  ? 5.959   -10.216 -1.313  1.00 18.53 ? 242 ARG A C   1 
ATOM   382  O O   . ARG A 1 51  ? 5.868   -11.094 -0.439  1.00 19.72 ? 242 ARG A O   1 
ATOM   383  C CB  . ARG A 1 51  ? 6.649   -10.846 -3.627  1.00 15.62 ? 242 ARG A CB  1 
ATOM   384  C CG  . ARG A 1 51  ? 7.703   -10.660 -4.725  1.00 17.20 ? 242 ARG A CG  1 
ATOM   385  C CD  . ARG A 1 51  ? 7.460   -11.552 -5.919  1.00 16.70 ? 242 ARG A CD  1 
ATOM   386  N NE  . ARG A 1 51  ? 8.391   -11.214 -6.983  1.00 17.80 ? 242 ARG A NE  1 
ATOM   387  C CZ  . ARG A 1 51  ? 8.669   -11.995 -8.020  1.00 23.45 ? 242 ARG A CZ  1 
ATOM   388  N NH1 . ARG A 1 51  ? 8.073   -13.182 -8.147  1.00 21.81 ? 242 ARG A NH1 1 
ATOM   389  N NH2 . ARG A 1 51  ? 9.567   -11.598 -8.926  1.00 20.00 ? 242 ARG A NH2 1 
ATOM   390  N N   . ALA A 1 52  ? 5.120   -9.186  -1.427  1.00 16.18 ? 243 ALA A N   1 
ATOM   391  C CA  . ALA A 1 52  ? 3.921   -9.027  -0.589  1.00 16.65 ? 243 ALA A CA  1 
ATOM   392  C C   . ALA A 1 52  ? 2.733   -8.947  -1.550  1.00 16.85 ? 243 ALA A C   1 
ATOM   393  O O   . ALA A 1 52  ? 2.849   -8.449  -2.687  1.00 17.18 ? 243 ALA A O   1 
ATOM   394  C CB  . ALA A 1 52  ? 4.008   -7.754  0.237   1.00 17.16 ? 243 ALA A CB  1 
ATOM   395  N N   . ARG A 1 53  ? 1.596   -9.453  -1.108  1.00 16.92 ? 244 ARG A N   1 
ATOM   396  C CA  . ARG A 1 53  ? 0.395   -9.450  -1.926  1.00 17.81 ? 244 ARG A CA  1 
ATOM   397  C C   . ARG A 1 53  ? -0.503  -8.287  -1.552  1.00 15.74 ? 244 ARG A C   1 
ATOM   398  O O   . ARG A 1 53  ? -0.788  -8.066  -0.369  1.00 19.40 ? 244 ARG A O   1 
ATOM   399  C CB  . ARG A 1 53  ? -0.347  -10.777 -1.743  1.00 19.45 ? 244 ARG A CB  1 
ATOM   400  C CG  . ARG A 1 53  ? -1.615  -10.913 -2.599  1.00 22.74 ? 244 ARG A CG  1 
ATOM   401  C CD  . ARG A 1 53  ? -2.302  -12.287 -2.360  1.00 22.72 ? 244 ARG A CD  1 
ATOM   402  N NE  . ARG A 1 53  ? -3.726  -12.041 -2.226  1.00 51.28 ? 244 ARG A NE  1 
ATOM   403  C CZ  . ARG A 1 53  ? -4.356  -11.758 -1.086  1.00 47.41 ? 244 ARG A CZ  1 
ATOM   404  N NH1 . ARG A 1 53  ? -3.715  -11.703 0.084   1.00 38.59 ? 244 ARG A NH1 1 
ATOM   405  N NH2 . ARG A 1 53  ? -5.643  -11.462 -1.134  1.00 47.72 ? 244 ARG A NH2 1 
ATOM   406  N N   . ILE A 1 54  ? -0.925  -7.514  -2.548  1.00 15.57 ? 245 ILE A N   1 
ATOM   407  C CA  . ILE A 1 54  ? -1.800  -6.396  -2.269  1.00 17.79 ? 245 ILE A CA  1 
ATOM   408  C C   . ILE A 1 54  ? -3.186  -6.960  -1.801  1.00 15.22 ? 245 ILE A C   1 
ATOM   409  O O   . ILE A 1 54  ? -3.803  -7.787  -2.497  1.00 17.92 ? 245 ILE A O   1 
ATOM   410  C CB  . ILE A 1 54  ? -1.970  -5.492  -3.520  1.00 15.64 ? 245 ILE A CB  1 
ATOM   411  C CG1 . ILE A 1 54  ? -0.606  -4.894  -3.935  1.00 15.18 ? 245 ILE A CG1 1 
ATOM   412  C CG2 . ILE A 1 54  ? -2.960  -4.368  -3.200  1.00 16.63 ? 245 ILE A CG2 1 
ATOM   413  C CD1 . ILE A 1 54  ? -0.661  -3.990  -5.207  1.00 17.98 ? 245 ILE A CD1 1 
ATOM   414  N N   . PRO A 1 55  ? -3.665  -6.539  -0.615  1.00 16.07 ? 246 PRO A N   1 
ATOM   415  C CA  . PRO A 1 55  ? -4.955  -7.006  -0.078  1.00 18.63 ? 246 PRO A CA  1 
ATOM   416  C C   . PRO A 1 55  ? -6.085  -6.875  -1.104  1.00 17.21 ? 246 PRO A C   1 
ATOM   417  O O   . PRO A 1 55  ? -6.209  -5.842  -1.771  1.00 18.12 ? 246 PRO A O   1 
ATOM   418  C CB  . PRO A 1 55  ? -5.177  -6.102  1.136   1.00 19.61 ? 246 PRO A CB  1 
ATOM   419  C CG  . PRO A 1 55  ? -3.735  -5.888  1.635   1.00 18.58 ? 246 PRO A CG  1 
ATOM   420  C CD  . PRO A 1 55  ? -3.015  -5.602  0.320   1.00 18.86 ? 246 PRO A CD  1 
ATOM   421  N N   . LEU A 1 56  ? -6.906  -7.929  -1.202  1.00 18.91 ? 247 LEU A N   1 
ATOM   422  C CA  . LEU A 1 56  ? -8.055  -7.997  -2.124  1.00 22.05 ? 247 LEU A CA  1 
ATOM   423  C C   . LEU A 1 56  ? -7.674  -8.149  -3.598  1.00 24.33 ? 247 LEU A C   1 
ATOM   424  O O   . LEU A 1 56  ? -8.517  -7.975  -4.461  1.00 24.23 ? 247 LEU A O   1 
ATOM   425  C CB  . LEU A 1 56  ? -8.974  -6.775  -1.978  1.00 18.79 ? 247 LEU A CB  1 
ATOM   426  C CG  . LEU A 1 56  ? -9.319  -6.318  -0.551  1.00 19.43 ? 247 LEU A CG  1 
ATOM   427  C CD1 . LEU A 1 56  ? -10.280 -5.125  -0.633  1.00 21.28 ? 247 LEU A CD1 1 
ATOM   428  C CD2 . LEU A 1 56  ? -9.886  -7.470  0.266   1.00 23.23 ? 247 LEU A CD2 1 
ATOM   429  N N   . THR A 1 57  ? -6.414  -8.469  -3.892  1.00 20.42 ? 248 THR A N   1 
ATOM   430  C CA  . THR A 1 57  ? -5.988  -8.649  -5.282  1.00 20.00 ? 248 THR A CA  1 
ATOM   431  C C   . THR A 1 57  ? -5.144  -9.902  -5.381  1.00 20.62 ? 248 THR A C   1 
ATOM   432  O O   . THR A 1 57  ? -4.844  -10.549 -4.378  1.00 22.20 ? 248 THR A O   1 
ATOM   433  C CB  . THR A 1 57  ? -5.038  -7.522  -5.772  1.00 19.21 ? 248 THR A CB  1 
ATOM   434  O OG1 . THR A 1 57  ? -3.725  -7.731  -5.196  1.00 19.34 ? 248 THR A OG1 1 
ATOM   435  C CG2 . THR A 1 57  ? -5.565  -6.144  -5.377  1.00 26.46 ? 248 THR A CG2 1 
ATOM   436  N N   . GLU A 1 58  ? -4.744  -10.235 -6.599  1.00 21.38 ? 249 GLU A N   1 
ATOM   437  C CA  . GLU A 1 58  ? -3.825  -11.335 -6.760  1.00 28.59 ? 249 GLU A CA  1 
ATOM   438  C C   . GLU A 1 58  ? -2.490  -10.738 -7.281  1.00 23.92 ? 249 GLU A C   1 
ATOM   439  O O   . GLU A 1 58  ? -1.696  -11.420 -7.929  1.00 24.91 ? 249 GLU A O   1 
ATOM   440  C CB  . GLU A 1 58  ? -4.374  -12.413 -7.707  1.00 37.35 ? 249 GLU A CB  1 
ATOM   441  C CG  . GLU A 1 58  ? -3.482  -13.687 -7.757  1.00 58.50 ? 249 GLU A CG  1 
ATOM   442  C CD  . GLU A 1 58  ? -3.233  -14.355 -6.377  1.00 66.25 ? 249 GLU A CD  1 
ATOM   443  O OE1 . GLU A 1 58  ? -2.093  -14.850 -6.136  1.00 54.02 ? 249 GLU A OE1 1 
ATOM   444  O OE2 . GLU A 1 58  ? -4.176  -14.396 -5.544  1.00 64.98 ? 249 GLU A OE2 1 
ATOM   445  N N   . VAL A 1 59  ? -2.236  -9.472  -6.944  1.00 22.07 ? 250 VAL A N   1 
ATOM   446  C CA  . VAL A 1 59  ? -1.021  -8.760  -7.375  1.00 19.82 ? 250 VAL A CA  1 
ATOM   447  C C   . VAL A 1 59  ? 0.079   -8.849  -6.314  1.00 20.68 ? 250 VAL A C   1 
ATOM   448  O O   . VAL A 1 59  ? -0.165  -8.553  -5.136  1.00 20.15 ? 250 VAL A O   1 
ATOM   449  C CB  . VAL A 1 59  ? -1.318  -7.277  -7.622  1.00 24.34 ? 250 VAL A CB  1 
ATOM   450  C CG1 . VAL A 1 59  ? -0.018  -6.525  -8.038  1.00 22.17 ? 250 VAL A CG1 1 
ATOM   451  C CG2 . VAL A 1 59  ? -2.379  -7.144  -8.711  1.00 26.61 ? 250 VAL A CG2 1 
ATOM   452  N N   . TRP A 1 60  ? 1.274   -9.252  -6.729  1.00 20.22 ? 251 TRP A N   1 
ATOM   453  C CA  . TRP A 1 60  ? 2.415   -9.371  -5.805  1.00 18.68 ? 251 TRP A CA  1 
ATOM   454  C C   . TRP A 1 60  ? 3.416   -8.277  -6.134  1.00 16.81 ? 251 TRP A C   1 
ATOM   455  O O   . TRP A 1 60  ? 3.701   -8.049  -7.296  1.00 20.10 ? 251 TRP A O   1 
ATOM   456  C CB  . TRP A 1 60  ? 3.088   -10.735 -5.947  1.00 20.07 ? 251 TRP A CB  1 
ATOM   457  C CG  . TRP A 1 60  ? 2.254   -11.844 -5.413  1.00 20.23 ? 251 TRP A CG  1 
ATOM   458  C CD1 . TRP A 1 60  ? 1.279   -12.527 -6.082  1.00 25.66 ? 251 TRP A CD1 1 
ATOM   459  C CD2 . TRP A 1 60  ? 2.296   -12.387 -4.082  1.00 20.33 ? 251 TRP A CD2 1 
ATOM   460  N NE1 . TRP A 1 60  ? 0.710   -13.474 -5.244  1.00 28.45 ? 251 TRP A NE1 1 
ATOM   461  C CE2 . TRP A 1 60  ? 1.319   -13.410 -4.016  1.00 26.30 ? 251 TRP A CE2 1 
ATOM   462  C CE3 . TRP A 1 60  ? 3.058   -12.105 -2.937  1.00 18.54 ? 251 TRP A CE3 1 
ATOM   463  C CZ2 . TRP A 1 60  ? 1.088   -14.159 -2.847  1.00 26.72 ? 251 TRP A CZ2 1 
ATOM   464  C CZ3 . TRP A 1 60  ? 2.829   -12.843 -1.778  1.00 21.52 ? 251 TRP A CZ3 1 
ATOM   465  C CH2 . TRP A 1 60  ? 1.851   -13.862 -1.744  1.00 23.78 ? 251 TRP A CH2 1 
ATOM   466  N N   . ILE A 1 61  ? 3.958   -7.621  -5.109  1.00 14.71 ? 252 ILE A N   1 
ATOM   467  C CA  . ILE A 1 61  ? 4.896   -6.520  -5.323  1.00 16.58 ? 252 ILE A CA  1 
ATOM   468  C C   . ILE A 1 61  ? 6.185   -6.756  -4.534  1.00 14.00 ? 252 ILE A C   1 
ATOM   469  O O   . ILE A 1 61  ? 6.172   -7.419  -3.484  1.00 16.88 ? 252 ILE A O   1 
ATOM   470  C CB  . ILE A 1 61  ? 4.266   -5.161  -4.886  1.00 15.13 ? 252 ILE A CB  1 
ATOM   471  C CG1 . ILE A 1 61  ? 3.789   -5.248  -3.418  1.00 15.16 ? 252 ILE A CG1 1 
ATOM   472  C CG2 . ILE A 1 61  ? 3.053   -4.784  -5.845  1.00 15.28 ? 252 ILE A CG2 1 
ATOM   473  C CD1 . ILE A 1 61  ? 3.146   -3.942  -2.916  1.00 18.21 ? 252 ILE A CD1 1 
ATOM   474  N N   . PRO A 1 62  ? 7.304   -6.183  -4.998  1.00 16.54 ? 253 PRO A N   1 
ATOM   475  C CA  . PRO A 1 62  ? 8.572   -6.390  -4.282  1.00 16.35 ? 253 PRO A CA  1 
ATOM   476  C C   . PRO A 1 62  ? 8.677   -5.667  -2.944  1.00 17.49 ? 253 PRO A C   1 
ATOM   477  O O   . PRO A 1 62  ? 8.116   -4.583  -2.776  1.00 16.48 ? 253 PRO A O   1 
ATOM   478  C CB  . PRO A 1 62  ? 9.612   -5.851  -5.269  1.00 15.13 ? 253 PRO A CB  1 
ATOM   479  C CG  . PRO A 1 62  ? 8.848   -4.707  -5.950  1.00 17.39 ? 253 PRO A CG  1 
ATOM   480  C CD  . PRO A 1 62  ? 7.498   -5.325  -6.193  1.00 17.01 ? 253 PRO A CD  1 
ATOM   481  N N   . ILE A 1 63  ? 9.372   -6.287  -1.993  1.00 16.92 ? 254 ILE A N   1 
ATOM   482  C CA  . ILE A 1 63  ? 9.688   -5.652  -0.723  1.00 15.51 ? 254 ILE A CA  1 
ATOM   483  C C   . ILE A 1 63  ? 11.140  -5.239  -0.990  1.00 16.55 ? 254 ILE A C   1 
ATOM   484  O O   . ILE A 1 63  ? 12.035  -6.077  -1.185  1.00 16.64 ? 254 ILE A O   1 
ATOM   485  C CB  . ILE A 1 63  ? 9.596   -6.623  0.449   1.00 15.24 ? 254 ILE A CB  1 
ATOM   486  C CG1 . ILE A 1 63  ? 8.138   -7.118  0.575   1.00 17.06 ? 254 ILE A CG1 1 
ATOM   487  C CG2 . ILE A 1 63  ? 10.097  -5.940  1.719   1.00 14.57 ? 254 ILE A CG2 1 
ATOM   488  C CD1 . ILE A 1 63  ? 7.874   -8.104  1.722   1.00 16.30 ? 254 ILE A CD1 1 
ATOM   489  N N   . LEU A 1 64  ? 11.386  -3.941  -1.023  1.00 15.57 ? 255 LEU A N   1 
ATOM   490  C CA  . LEU A 1 64  ? 12.712  -3.468  -1.385  1.00 17.82 ? 255 LEU A CA  1 
ATOM   491  C C   . LEU A 1 64  ? 13.292  -2.502  -0.376  1.00 18.06 ? 255 LEU A C   1 
ATOM   492  O O   . LEU A 1 64  ? 12.590  -2.020  0.508   1.00 17.47 ? 255 LEU A O   1 
ATOM   493  C CB  . LEU A 1 64  ? 12.667  -2.848  -2.794  1.00 21.47 ? 255 LEU A CB  1 
ATOM   494  C CG  . LEU A 1 64  ? 11.634  -1.745  -3.094  1.00 20.84 ? 255 LEU A CG  1 
ATOM   495  C CD1 . LEU A 1 64  ? 12.101  -0.442  -2.458  1.00 18.39 ? 255 LEU A CD1 1 
ATOM   496  C CD2 . LEU A 1 64  ? 11.442  -1.577  -4.625  1.00 17.95 ? 255 LEU A CD2 1 
ATOM   497  N N   . ALA A 1 65  ? 14.587  -2.220  -0.502  1.00 16.16 ? 256 ALA A N   1 
ATOM   498  C CA  . ALA A 1 65  ? 15.234  -1.349  0.449   1.00 18.81 ? 256 ALA A CA  1 
ATOM   499  C C   . ALA A 1 65  ? 15.466  0.054   -0.110  1.00 18.45 ? 256 ALA A C   1 
ATOM   500  O O   . ALA A 1 65  ? 15.899  0.208   -1.259  1.00 19.96 ? 256 ALA A O   1 
ATOM   501  C CB  . ALA A 1 65  ? 16.601  -1.961  0.874   1.00 19.16 ? 256 ALA A CB  1 
ATOM   502  N N   . ASP A 1 66  ? 15.198  1.055   0.719   1.00 19.12 ? 257 ASP A N   1 
ATOM   503  C CA  . ASP A 1 66  ? 15.443  2.448   0.330   1.00 23.06 ? 257 ASP A CA  1 
ATOM   504  C C   . ASP A 1 66  ? 15.749  3.260   1.586   1.00 24.21 ? 257 ASP A C   1 
ATOM   505  O O   . ASP A 1 66  ? 14.987  3.251   2.550   1.00 26.43 ? 257 ASP A O   1 
ATOM   506  C CB  . ASP A 1 66  ? 14.256  3.048   -0.444  1.00 20.62 ? 257 ASP A CB  1 
ATOM   507  C CG  . ASP A 1 66  ? 14.643  4.344   -1.159  1.00 20.73 ? 257 ASP A CG  1 
ATOM   508  O OD1 . ASP A 1 66  ? 14.748  5.376   -0.481  1.00 25.41 ? 257 ASP A OD1 1 
ATOM   509  O OD2 . ASP A 1 66  ? 14.897  4.306   -2.382  1.00 23.64 ? 257 ASP A OD2 1 
ATOM   510  N N   . PRO A 1 67  ? 16.887  3.988   1.590   1.00 28.94 ? 258 PRO A N   1 
ATOM   511  C CA  . PRO A 1 67  ? 17.344  4.816   2.714   1.00 28.43 ? 258 PRO A CA  1 
ATOM   512  C C   . PRO A 1 67  ? 16.446  6.009   3.064   1.00 28.67 ? 258 PRO A C   1 
ATOM   513  O O   . PRO A 1 67  ? 16.575  6.589   4.144   1.00 31.76 ? 258 PRO A O   1 
ATOM   514  C CB  . PRO A 1 67  ? 18.740  5.275   2.275   1.00 35.29 ? 258 PRO A CB  1 
ATOM   515  C CG  . PRO A 1 67  ? 19.115  4.351   1.159   1.00 43.04 ? 258 PRO A CG  1 
ATOM   516  C CD  . PRO A 1 67  ? 17.802  4.121   0.448   1.00 31.47 ? 258 PRO A CD  1 
ATOM   517  N N   . ALA A 1 68  ? 15.544  6.375   2.161   1.00 28.76 ? 259 ALA A N   1 
ATOM   518  C CA  . ALA A 1 68  ? 14.642  7.497   2.425   1.00 33.38 ? 259 ALA A CA  1 
ATOM   519  C C   . ALA A 1 68  ? 13.524  7.077   3.385   1.00 30.99 ? 259 ALA A C   1 
ATOM   520  O O   . ALA A 1 68  ? 12.757  7.917   3.872   1.00 25.97 ? 259 ALA A O   1 
ATOM   521  C CB  . ALA A 1 68  ? 14.049  8.019   1.125   1.00 29.64 ? 259 ALA A CB  1 
ATOM   522  N N   . VAL A 1 69  ? 13.427  5.774   3.657   1.00 25.15 ? 260 VAL A N   1 
ATOM   523  C CA  . VAL A 1 69  ? 12.402  5.282   4.572   1.00 26.28 ? 260 VAL A CA  1 
ATOM   524  C C   . VAL A 1 69  ? 12.746  5.591   6.023   1.00 22.25 ? 260 VAL A C   1 
ATOM   525  O O   . VAL A 1 69  ? 13.851  5.309   6.474   1.00 25.33 ? 260 VAL A O   1 
ATOM   526  C CB  . VAL A 1 69  ? 12.204  3.728   4.462   1.00 22.83 ? 260 VAL A CB  1 
ATOM   527  C CG1 . VAL A 1 69  ? 11.218  3.246   5.541   1.00 20.13 ? 260 VAL A CG1 1 
ATOM   528  C CG2 . VAL A 1 69  ? 11.683  3.365   3.084   1.00 20.65 ? 260 VAL A CG2 1 
ATOM   529  N N   . GLU A 1 70  ? 11.770  6.134   6.749   1.00 26.30 ? 261 GLU A N   1 
ATOM   530  C CA  . GLU A 1 70  ? 11.919  6.452   8.159   1.00 31.52 ? 261 GLU A CA  1 
ATOM   531  C C   . GLU A 1 70  ? 11.330  5.305   8.977   1.00 27.76 ? 261 GLU A C   1 
ATOM   532  O O   . GLU A 1 70  ? 10.115  5.096   8.967   1.00 31.70 ? 261 GLU A O   1 
ATOM   533  C CB  . GLU A 1 70  ? 11.173  7.745   8.478   1.00 39.04 ? 261 GLU A CB  1 
ATOM   534  C CG  . GLU A 1 70  ? 12.103  8.850   8.855   1.00 55.39 ? 261 GLU A CG  1 
ATOM   535  C CD  . GLU A 1 70  ? 12.943  8.471   10.055  1.00 59.74 ? 261 GLU A CD  1 
ATOM   536  O OE1 . GLU A 1 70  ? 14.125  8.877   10.083  1.00 58.57 ? 261 GLU A OE1 1 
ATOM   537  O OE2 . GLU A 1 70  ? 12.416  7.772   10.966  1.00 58.36 ? 261 GLU A OE2 1 
ATOM   538  N N   . LYS A 1 71  ? 12.180  4.577   9.694   1.00 25.73 ? 262 LYS A N   1 
ATOM   539  C CA  . LYS A 1 71  ? 11.729  3.434   10.501  1.00 25.70 ? 262 LYS A CA  1 
ATOM   540  C C   . LYS A 1 71  ? 10.649  3.805   11.515  1.00 23.15 ? 262 LYS A C   1 
ATOM   541  O O   . LYS A 1 71  ? 9.815   2.977   11.870  1.00 26.02 ? 262 LYS A O   1 
ATOM   542  C CB  . LYS A 1 71  ? 12.906  2.827   11.285  1.00 29.87 ? 262 LYS A CB  1 
ATOM   543  C CG  . LYS A 1 71  ? 14.144  2.486   10.482  1.00 37.13 ? 262 LYS A CG  1 
ATOM   544  C CD  . LYS A 1 71  ? 15.333  2.412   11.448  1.00 45.46 ? 262 LYS A CD  1 
ATOM   545  C CE  . LYS A 1 71  ? 16.654  2.277   10.730  1.00 47.35 ? 262 LYS A CE  1 
ATOM   546  N NZ  . LYS A 1 71  ? 16.865  0.896   10.249  1.00 55.41 ? 262 LYS A NZ  1 
ATOM   547  N N   . ASP A 1 72  ? 10.664  5.050   11.977  1.00 23.90 ? 263 ASP A N   1 
ATOM   548  C CA  . ASP A 1 72  ? 9.702   5.486   12.974  1.00 29.24 ? 263 ASP A CA  1 
ATOM   549  C C   . ASP A 1 72  ? 8.406   6.033   12.426  1.00 28.13 ? 263 ASP A C   1 
ATOM   550  O O   . ASP A 1 72  ? 7.516   6.363   13.195  1.00 33.18 ? 263 ASP A O   1 
ATOM   551  C CB  . ASP A 1 72  ? 10.322  6.552   13.882  1.00 35.39 ? 263 ASP A CB  1 
ATOM   552  C CG  . ASP A 1 72  ? 11.526  6.039   14.632  1.00 45.96 ? 263 ASP A CG  1 
ATOM   553  O OD1 . ASP A 1 72  ? 11.452  4.906   15.167  1.00 45.49 ? 263 ASP A OD1 1 
ATOM   554  O OD2 . ASP A 1 72  ? 12.542  6.769   14.685  1.00 55.41 ? 263 ASP A OD2 1 
ATOM   555  N N   . PHE A 1 73  ? 8.312   6.176   11.112  1.00 29.15 ? 264 PHE A N   1 
ATOM   556  C CA  . PHE A 1 73  ? 7.080   6.688   10.524  1.00 32.76 ? 264 PHE A CA  1 
ATOM   557  C C   . PHE A 1 73  ? 6.190   5.507   10.169  1.00 28.84 ? 264 PHE A C   1 
ATOM   558  O O   . PHE A 1 73  ? 6.603   4.612   9.431   1.00 27.70 ? 264 PHE A O   1 
ATOM   559  C CB  . PHE A 1 73  ? 7.375   7.514   9.277   1.00 34.99 ? 264 PHE A CB  1 
ATOM   560  C CG  . PHE A 1 73  ? 6.263   8.439   8.917   1.00 56.64 ? 264 PHE A CG  1 
ATOM   561  C CD1 . PHE A 1 73  ? 5.815   9.389   9.841   1.00 59.57 ? 264 PHE A CD1 1 
ATOM   562  C CD2 . PHE A 1 73  ? 5.630   8.348   7.681   1.00 62.60 ? 264 PHE A CD2 1 
ATOM   563  C CE1 . PHE A 1 73  ? 4.751   10.237  9.538   1.00 61.87 ? 264 PHE A CE1 1 
ATOM   564  C CE2 . PHE A 1 73  ? 4.559   9.195   7.366   1.00 67.12 ? 264 PHE A CE2 1 
ATOM   565  C CZ  . PHE A 1 73  ? 4.120   10.139  8.299   1.00 63.87 ? 264 PHE A CZ  1 
ATOM   566  N N   . GLY A 1 74  ? 4.966   5.507   10.691  1.00 27.64 ? 265 GLY A N   1 
ATOM   567  C CA  . GLY A 1 74  ? 4.079   4.393   10.436  1.00 29.67 ? 265 GLY A CA  1 
ATOM   568  C C   . GLY A 1 74  ? 4.676   3.151   11.084  1.00 27.78 ? 265 GLY A C   1 
ATOM   569  O O   . GLY A 1 74  ? 5.169   3.205   12.217  1.00 25.08 ? 265 GLY A O   1 
ATOM   570  N N   . THR A 1 75  ? 4.644   2.029   10.373  1.00 23.24 ? 266 THR A N   1 
ATOM   571  C CA  . THR A 1 75  ? 5.188   0.772   10.889  1.00 20.44 ? 266 THR A CA  1 
ATOM   572  C C   . THR A 1 75  ? 6.654   0.683   10.461  1.00 21.54 ? 266 THR A C   1 
ATOM   573  O O   . THR A 1 75  ? 7.351   -0.266  10.799  1.00 21.00 ? 266 THR A O   1 
ATOM   574  C CB  . THR A 1 75  ? 4.484   -0.448  10.262  1.00 16.22 ? 266 THR A CB  1 
ATOM   575  O OG1 . THR A 1 75  ? 4.784   -0.446  8.857   1.00 18.11 ? 266 THR A OG1 1 
ATOM   576  C CG2 . THR A 1 75  ? 2.936   -0.406  10.467  1.00 18.99 ? 266 THR A CG2 1 
ATOM   577  N N   . GLY A 1 76  ? 7.106   1.663   9.682   1.00 20.47 ? 267 GLY A N   1 
ATOM   578  C CA  . GLY A 1 76  ? 8.466   1.625   9.181   1.00 21.17 ? 267 GLY A CA  1 
ATOM   579  C C   . GLY A 1 76  ? 8.480   0.901   7.838   1.00 22.55 ? 267 GLY A C   1 
ATOM   580  O O   . GLY A 1 76  ? 9.511   0.873   7.188   1.00 21.03 ? 267 GLY A O   1 
ATOM   581  N N   . ALA A 1 77  ? 7.358   0.284   7.435   1.00 17.59 ? 268 ALA A N   1 
ATOM   582  C CA  . ALA A 1 77  ? 7.268   -0.376  6.112   1.00 15.11 ? 268 ALA A CA  1 
ATOM   583  C C   . ALA A 1 77  ? 6.323   0.550   5.348   1.00 15.66 ? 268 ALA A C   1 
ATOM   584  O O   . ALA A 1 77  ? 5.161   0.750   5.736   1.00 17.76 ? 268 ALA A O   1 
ATOM   585  C CB  . ALA A 1 77  ? 6.693   -1.777  6.218   1.00 16.84 ? 268 ALA A CB  1 
ATOM   586  N N   . LEU A 1 78  ? 6.841   1.104   4.257   1.00 15.34 ? 269 LEU A N   1 
ATOM   587  C CA  . LEU A 1 78  ? 6.107   2.084   3.473   1.00 15.70 ? 269 LEU A CA  1 
ATOM   588  C C   . LEU A 1 78  ? 5.532   1.554   2.162   1.00 17.76 ? 269 LEU A C   1 
ATOM   589  O O   . LEU A 1 78  ? 6.299   1.082   1.307   1.00 17.05 ? 269 LEU A O   1 
ATOM   590  C CB  . LEU A 1 78  ? 7.063   3.248   3.176   1.00 18.04 ? 269 LEU A CB  1 
ATOM   591  C CG  . LEU A 1 78  ? 6.621   4.274   2.143   1.00 24.19 ? 269 LEU A CG  1 
ATOM   592  C CD1 . LEU A 1 78  ? 5.513   5.147   2.765   1.00 27.30 ? 269 LEU A CD1 1 
ATOM   593  C CD2 . LEU A 1 78  ? 7.852   5.131   1.701   1.00 27.38 ? 269 LEU A CD2 1 
ATOM   594  N N   . LYS A 1 79  ? 4.208   1.626   1.979   1.00 16.47 ? 270 LYS A N   1 
ATOM   595  C CA  . LYS A 1 79  ? 3.670   1.207   0.673   1.00 16.60 ? 270 LYS A CA  1 
ATOM   596  C C   . LYS A 1 79  ? 4.097   2.327   -0.316  1.00 16.32 ? 270 LYS A C   1 
ATOM   597  O O   . LYS A 1 79  ? 4.081   3.525   0.024   1.00 17.71 ? 270 LYS A O   1 
ATOM   598  C CB  . LYS A 1 79  ? 2.134   1.011   0.702   1.00 16.03 ? 270 LYS A CB  1 
ATOM   599  C CG  . LYS A 1 79  ? 1.297   2.261   0.912   1.00 17.86 ? 270 LYS A CG  1 
ATOM   600  C CD  . LYS A 1 79  ? -0.194  1.880   1.000   1.00 20.27 ? 270 LYS A CD  1 
ATOM   601  C CE  . LYS A 1 79  ? -1.089  2.997   0.476   1.00 19.31 ? 270 LYS A CE  1 
ATOM   602  N NZ  . LYS A 1 79  ? -0.824  3.163   -1.020  1.00 14.60 ? 270 LYS A NZ  1 
ATOM   603  N N   . VAL A 1 80  ? 4.519   1.935   -1.510  1.00 13.80 ? 271 VAL A N   1 
ATOM   604  C CA  . VAL A 1 80  ? 5.004   2.885   -2.515  1.00 14.52 ? 271 VAL A CA  1 
ATOM   605  C C   . VAL A 1 80  ? 4.054   2.919   -3.715  1.00 16.44 ? 271 VAL A C   1 
ATOM   606  O O   . VAL A 1 80  ? 3.894   1.899   -4.411  1.00 15.13 ? 271 VAL A O   1 
ATOM   607  C CB  . VAL A 1 80  ? 6.434   2.491   -2.995  1.00 14.49 ? 271 VAL A CB  1 
ATOM   608  C CG1 . VAL A 1 80  ? 6.948   3.508   -4.027  1.00 17.04 ? 271 VAL A CG1 1 
ATOM   609  C CG2 . VAL A 1 80  ? 7.376   2.390   -1.796  1.00 16.39 ? 271 VAL A CG2 1 
ATOM   610  N N   . THR A 1 81  ? 3.440   4.083   -3.951  1.00 14.62 ? 272 THR A N   1 
ATOM   611  C CA  . THR A 1 81  ? 2.481   4.277   -5.065  1.00 14.28 ? 272 THR A CA  1 
ATOM   612  C C   . THR A 1 81  ? 2.970   5.483   -5.849  1.00 14.12 ? 272 THR A C   1 
ATOM   613  O O   . THR A 1 81  ? 2.516   6.613   -5.637  1.00 16.95 ? 272 THR A O   1 
ATOM   614  C CB  . THR A 1 81  ? 1.032   4.540   -4.527  1.00 21.93 ? 272 THR A CB  1 
ATOM   615  O OG1 . THR A 1 81  ? 0.996   5.784   -3.832  1.00 30.13 ? 272 THR A OG1 1 
ATOM   616  C CG2 . THR A 1 81  ? 0.661   3.503   -3.553  1.00 23.40 ? 272 THR A CG2 1 
ATOM   617  N N   . PRO A 1 82  ? 3.883   5.255   -6.803  1.00 17.11 ? 273 PRO A N   1 
ATOM   618  C CA  . PRO A 1 82  ? 4.472   6.318   -7.616  1.00 17.38 ? 273 PRO A CA  1 
ATOM   619  C C   . PRO A 1 82  ? 3.502   7.265   -8.319  1.00 16.77 ? 273 PRO A C   1 
ATOM   620  O O   . PRO A 1 82  ? 3.775   8.467   -8.428  1.00 19.84 ? 273 PRO A O   1 
ATOM   621  C CB  . PRO A 1 82  ? 5.365   5.556   -8.594  1.00 21.22 ? 273 PRO A CB  1 
ATOM   622  C CG  . PRO A 1 82  ? 5.742   4.340   -7.852  1.00 19.06 ? 273 PRO A CG  1 
ATOM   623  C CD  . PRO A 1 82  ? 4.418   3.937   -7.198  1.00 14.96 ? 273 PRO A CD  1 
ATOM   624  N N   . ALA A 1 83  ? 2.359   6.740   -8.743  1.00 16.34 ? 274 ALA A N   1 
ATOM   625  C CA  . ALA A 1 83  ? 1.369   7.563   -9.450  1.00 18.86 ? 274 ALA A CA  1 
ATOM   626  C C   . ALA A 1 83  ? 0.575   8.524   -8.578  1.00 19.67 ? 274 ALA A C   1 
ATOM   627  O O   . ALA A 1 83  ? -0.035  9.464   -9.104  1.00 21.85 ? 274 ALA A O   1 
ATOM   628  C CB  . ALA A 1 83  ? 0.387   6.636   -10.205 1.00 17.41 ? 274 ALA A CB  1 
ATOM   629  N N   . HIS A 1 84  ? 0.604   8.331   -7.258  1.00 15.57 ? 275 HIS A N   1 
ATOM   630  C CA  . HIS A 1 84  ? -0.247  9.115   -6.368  1.00 16.27 ? 275 HIS A CA  1 
ATOM   631  C C   . HIS A 1 84  ? 0.390   9.913   -5.245  1.00 18.01 ? 275 HIS A C   1 
ATOM   632  O O   . HIS A 1 84  ? -0.321  10.517  -4.433  1.00 19.46 ? 275 HIS A O   1 
ATOM   633  C CB  . HIS A 1 84  ? -1.306  8.181   -5.762  1.00 17.78 ? 275 HIS A CB  1 
ATOM   634  C CG  . HIS A 1 84  ? -2.220  7.562   -6.780  1.00 21.08 ? 275 HIS A CG  1 
ATOM   635  N ND1 . HIS A 1 84  ? -2.946  8.310   -7.682  1.00 25.20 ? 275 HIS A ND1 1 
ATOM   636  C CD2 . HIS A 1 84  ? -2.484  6.264   -7.068  1.00 18.23 ? 275 HIS A CD2 1 
ATOM   637  C CE1 . HIS A 1 84  ? -3.620  7.497   -8.483  1.00 23.06 ? 275 HIS A CE1 1 
ATOM   638  N NE2 . HIS A 1 84  ? -3.358  6.251   -8.127  1.00 18.87 ? 275 HIS A NE2 1 
ATOM   639  N N   . ASP A 1 85  ? 1.718   9.938   -5.192  1.00 17.06 ? 276 ASP A N   1 
ATOM   640  C CA  . ASP A 1 85  ? 2.385   10.663  -4.118  1.00 18.71 ? 276 ASP A CA  1 
ATOM   641  C C   . ASP A 1 85  ? 3.766   11.067  -4.624  1.00 20.86 ? 276 ASP A C   1 
ATOM   642  O O   . ASP A 1 85  ? 4.472   10.246  -5.234  1.00 17.24 ? 276 ASP A O   1 
ATOM   643  C CB  . ASP A 1 85  ? 2.515   9.744   -2.904  1.00 24.41 ? 276 ASP A CB  1 
ATOM   644  C CG  . ASP A 1 85  ? 3.283   10.393  -1.774  1.00 35.46 ? 276 ASP A CG  1 
ATOM   645  O OD1 . ASP A 1 85  ? 2.648   10.973  -0.876  1.00 39.85 ? 276 ASP A OD1 1 
ATOM   646  O OD2 . ASP A 1 85  ? 4.529   10.342  -1.800  1.00 34.45 ? 276 ASP A OD2 1 
ATOM   647  N N   . PRO A 1 86  ? 4.169   12.334  -4.399  1.00 20.23 ? 277 PRO A N   1 
ATOM   648  C CA  . PRO A 1 86  ? 5.484   12.798  -4.871  1.00 22.24 ? 277 PRO A CA  1 
ATOM   649  C C   . PRO A 1 86  ? 6.717   12.130  -4.236  1.00 18.10 ? 277 PRO A C   1 
ATOM   650  O O   . PRO A 1 86  ? 7.731   11.957  -4.912  1.00 21.73 ? 277 PRO A O   1 
ATOM   651  C CB  . PRO A 1 86  ? 5.423   14.316  -4.656  1.00 22.72 ? 277 PRO A CB  1 
ATOM   652  C CG  . PRO A 1 86  ? 4.518   14.477  -3.475  1.00 24.92 ? 277 PRO A CG  1 
ATOM   653  C CD  . PRO A 1 86  ? 3.436   13.402  -3.692  1.00 22.38 ? 277 PRO A CD  1 
ATOM   654  N N   . LEU A 1 87  ? 6.634   11.745  -2.969  1.00 18.81 ? 278 LEU A N   1 
ATOM   655  C CA  . LEU A 1 87  ? 7.769   11.054  -2.327  1.00 24.29 ? 278 LEU A CA  1 
ATOM   656  C C   . LEU A 1 87  ? 7.867   9.651   -2.937  1.00 22.70 ? 278 LEU A C   1 
ATOM   657  O O   . LEU A 1 87  ? 8.954   9.184   -3.281  1.00 22.37 ? 278 LEU A O   1 
ATOM   658  C CB  . LEU A 1 87  ? 7.550   10.953  -0.815  1.00 25.85 ? 278 LEU A CB  1 
ATOM   659  C CG  . LEU A 1 87  ? 8.397   9.874   -0.106  1.00 48.78 ? 278 LEU A CG  1 
ATOM   660  C CD1 . LEU A 1 87  ? 9.889   10.250  -0.146  1.00 48.35 ? 278 LEU A CD1 1 
ATOM   661  C CD2 . LEU A 1 87  ? 7.928   9.702   1.333   1.00 47.48 ? 278 LEU A CD2 1 
ATOM   662  N N   . ASP A 1 88  ? 6.725   8.982   -3.102  1.00 18.91 ? 279 ASP A N   1 
ATOM   663  C CA  . ASP A 1 88  ? 6.713   7.650   -3.695  1.00 15.37 ? 279 ASP A CA  1 
ATOM   664  C C   . ASP A 1 88  ? 7.237   7.693   -5.106  1.00 18.79 ? 279 ASP A C   1 
ATOM   665  O O   . ASP A 1 88  ? 7.847   6.746   -5.585  1.00 20.35 ? 279 ASP A O   1 
ATOM   666  C CB  . ASP A 1 88  ? 5.290   7.055   -3.716  1.00 13.87 ? 279 ASP A CB  1 
ATOM   667  C CG  . ASP A 1 88  ? 4.799   6.703   -2.332  1.00 22.51 ? 279 ASP A CG  1 
ATOM   668  O OD1 . ASP A 1 88  ? 5.589   6.897   -1.378  1.00 34.44 ? 279 ASP A OD1 1 
ATOM   669  O OD2 . ASP A 1 88  ? 3.653   6.227   -2.179  1.00 18.98 ? 279 ASP A OD2 1 
ATOM   670  N N   . TYR A 1 89  ? 6.957   8.786   -5.812  1.00 17.05 ? 280 TYR A N   1 
ATOM   671  C CA  . TYR A 1 89  ? 7.430   8.903   -7.170  1.00 17.23 ? 280 TYR A CA  1 
ATOM   672  C C   . TYR A 1 89  ? 8.976   8.876   -7.193  1.00 17.62 ? 280 TYR A C   1 
ATOM   673  O O   . TYR A 1 89  ? 9.564   8.246   -8.055  1.00 19.32 ? 280 TYR A O   1 
ATOM   674  C CB  . TYR A 1 89  ? 6.928   10.210  -7.793  1.00 17.66 ? 280 TYR A CB  1 
ATOM   675  C CG  . TYR A 1 89  ? 7.386   10.357  -9.212  1.00 21.30 ? 280 TYR A CG  1 
ATOM   676  C CD1 . TYR A 1 89  ? 6.665   9.789   -10.271 1.00 17.87 ? 280 TYR A CD1 1 
ATOM   677  C CD2 . TYR A 1 89  ? 8.545   11.079  -9.512  1.00 23.48 ? 280 TYR A CD2 1 
ATOM   678  C CE1 . TYR A 1 89  ? 7.092   9.951   -11.601 1.00 22.79 ? 280 TYR A CE1 1 
ATOM   679  C CE2 . TYR A 1 89  ? 8.974   11.244  -10.828 1.00 29.54 ? 280 TYR A CE2 1 
ATOM   680  C CZ  . TYR A 1 89  ? 8.244   10.684  -11.858 1.00 23.41 ? 280 TYR A CZ  1 
ATOM   681  O OH  . TYR A 1 89  ? 8.658   10.883  -13.149 1.00 35.22 ? 280 TYR A OH  1 
ATOM   682  N N   . GLU A 1 90  ? 9.608   9.576   -6.255  1.00 19.22 ? 281 GLU A N   1 
ATOM   683  C CA  . GLU A 1 90  ? 11.073  9.619   -6.179  1.00 23.41 ? 281 GLU A CA  1 
ATOM   684  C C   . GLU A 1 90  ? 11.631  8.229   -5.874  1.00 26.31 ? 281 GLU A C   1 
ATOM   685  O O   . GLU A 1 90  ? 12.636  7.829   -6.456  1.00 22.66 ? 281 GLU A O   1 
ATOM   686  C CB  . GLU A 1 90  ? 11.513  10.636  -5.130  1.00 23.29 ? 281 GLU A CB  1 
ATOM   687  C CG  . GLU A 1 90  ? 11.168  12.063  -5.556  1.00 37.17 ? 281 GLU A CG  1 
ATOM   688  C CD  . GLU A 1 90  ? 12.067  13.100  -4.922  1.00 47.87 ? 281 GLU A CD  1 
ATOM   689  O OE1 . GLU A 1 90  ? 11.848  14.306  -5.179  1.00 57.72 ? 281 GLU A OE1 1 
ATOM   690  O OE2 . GLU A 1 90  ? 12.990  12.712  -4.171  1.00 55.33 ? 281 GLU A OE2 1 
ATOM   691  N N   . ILE A 1 91  ? 10.961  7.472   -5.006  1.00 24.88 ? 282 ILE A N   1 
ATOM   692  C CA  . ILE A 1 91  ? 11.407  6.100   -4.714  1.00 23.80 ? 282 ILE A CA  1 
ATOM   693  C C   . ILE A 1 91  ? 11.246  5.258   -5.970  1.00 21.55 ? 282 ILE A C   1 
ATOM   694  O O   . ILE A 1 91  ? 12.103  4.436   -6.334  1.00 21.20 ? 282 ILE A O   1 
ATOM   695  C CB  . ILE A 1 91  ? 10.568  5.479   -3.570  1.00 24.51 ? 282 ILE A CB  1 
ATOM   696  C CG1 . ILE A 1 91  ? 10.761  6.300   -2.304  1.00 24.01 ? 282 ILE A CG1 1 
ATOM   697  C CG2 . ILE A 1 91  ? 10.960  3.997   -3.356  1.00 22.12 ? 282 ILE A CG2 1 
ATOM   698  C CD1 . ILE A 1 91  ? 9.913   5.827   -1.105  1.00 25.70 ? 282 ILE A CD1 1 
ATOM   699  N N   . GLY A 1 92  ? 10.144  5.483   -6.675  1.00 18.70 ? 283 GLY A N   1 
ATOM   700  C CA  . GLY A 1 92  ? 9.885   4.754   -7.895  1.00 19.34 ? 283 GLY A CA  1 
ATOM   701  C C   . GLY A 1 92  ? 10.970  4.994   -8.934  1.00 20.20 ? 283 GLY A C   1 
ATOM   702  O O   . GLY A 1 92  ? 11.339  4.082   -9.664  1.00 24.31 ? 283 GLY A O   1 
ATOM   703  N N   . GLU A 1 93  ? 11.468  6.221   -9.036  1.00 19.84 ? 284 GLU A N   1 
ATOM   704  C CA  . GLU A 1 93  ? 12.523  6.509   -10.001 1.00 20.92 ? 284 GLU A CA  1 
ATOM   705  C C   . GLU A 1 93  ? 13.802  5.740   -9.620  1.00 17.25 ? 284 GLU A C   1 
ATOM   706  O O   . GLU A 1 93  ? 14.471  5.188   -10.476 1.00 21.53 ? 284 GLU A O   1 
ATOM   707  C CB  . GLU A 1 93  ? 12.886  7.996   -10.018 1.00 23.35 ? 284 GLU A CB  1 
ATOM   708  C CG  . GLU A 1 93  ? 11.888  8.908   -10.667 1.00 31.98 ? 284 GLU A CG  1 
ATOM   709  C CD  . GLU A 1 93  ? 12.335  10.365  -10.551 1.00 37.72 ? 284 GLU A CD  1 
ATOM   710  O OE1 . GLU A 1 93  ? 12.489  11.018  -11.602 1.00 42.85 ? 284 GLU A OE1 1 
ATOM   711  O OE2 . GLU A 1 93  ? 12.538  10.850  -9.406  1.00 40.87 ? 284 GLU A OE2 1 
ATOM   712  N N   . ARG A 1 94  ? 14.138  5.726   -8.343  1.00 20.90 ? 285 ARG A N   1 
ATOM   713  C CA  . ARG A 1 94  ? 15.346  5.007   -7.926  1.00 25.99 ? 285 ARG A CA  1 
ATOM   714  C C   . ARG A 1 94  ? 15.284  3.514   -8.198  1.00 26.16 ? 285 ARG A C   1 
ATOM   715  O O   . ARG A 1 94  ? 16.296  2.883   -8.508  1.00 24.62 ? 285 ARG A O   1 
ATOM   716  C CB  . ARG A 1 94  ? 15.616  5.226   -6.453  1.00 25.98 ? 285 ARG A CB  1 
ATOM   717  C CG  . ARG A 1 94  ? 15.971  6.659   -6.097  1.00 29.44 ? 285 ARG A CG  1 
ATOM   718  C CD  . ARG A 1 94  ? 16.619  6.711   -4.739  1.00 30.53 ? 285 ARG A CD  1 
ATOM   719  N NE  . ARG A 1 94  ? 15.679  6.690   -3.611  1.00 26.90 ? 285 ARG A NE  1 
ATOM   720  C CZ  . ARG A 1 94  ? 14.899  7.715   -3.270  1.00 32.95 ? 285 ARG A CZ  1 
ATOM   721  N NH1 . ARG A 1 94  ? 14.924  8.848   -3.975  1.00 29.24 ? 285 ARG A NH1 1 
ATOM   722  N NH2 . ARG A 1 94  ? 14.135  7.635   -2.194  1.00 25.42 ? 285 ARG A NH2 1 
ATOM   723  N N   . HIS A 1 95  ? 14.092  2.941   -8.134  1.00 21.50 ? 286 HIS A N   1 
ATOM   724  C CA  . HIS A 1 95  ? 13.943  1.512   -8.329  1.00 22.35 ? 286 HIS A CA  1 
ATOM   725  C C   . HIS A 1 95  ? 13.312  1.075   -9.630  1.00 23.93 ? 286 HIS A C   1 
ATOM   726  O O   . HIS A 1 95  ? 12.988  -0.108  -9.825  1.00 23.37 ? 286 HIS A O   1 
ATOM   727  C CB  . HIS A 1 95  ? 13.162  0.969   -7.137  1.00 15.49 ? 286 HIS A CB  1 
ATOM   728  C CG  . HIS A 1 95  ? 13.880  1.173   -5.846  1.00 20.55 ? 286 HIS A CG  1 
ATOM   729  N ND1 . HIS A 1 95  ? 14.844  0.300   -5.395  1.00 22.68 ? 286 HIS A ND1 1 
ATOM   730  C CD2 . HIS A 1 95  ? 13.852  2.196   -4.957  1.00 20.31 ? 286 HIS A CD2 1 
ATOM   731  C CE1 . HIS A 1 95  ? 15.378  0.774   -4.283  1.00 22.15 ? 286 HIS A CE1 1 
ATOM   732  N NE2 . HIS A 1 95  ? 14.798  1.926   -3.997  1.00 22.76 ? 286 HIS A NE2 1 
ATOM   733  N N   . GLY A 1 96  ? 13.128  2.034   -10.533 1.00 22.32 ? 287 GLY A N   1 
ATOM   734  C CA  . GLY A 1 96  ? 12.507  1.724   -11.801 1.00 18.88 ? 287 GLY A CA  1 
ATOM   735  C C   . GLY A 1 96  ? 11.093  1.208   -11.704 1.00 25.63 ? 287 GLY A C   1 
ATOM   736  O O   . GLY A 1 96  ? 10.698  0.413   -12.531 1.00 25.85 ? 287 GLY A O   1 
ATOM   737  N N   . LEU A 1 97  ? 10.322  1.651   -10.705 1.00 22.04 ? 288 LEU A N   1 
ATOM   738  C CA  . LEU A 1 97  ? 8.950   1.187   -10.571 1.00 19.19 ? 288 LEU A CA  1 
ATOM   739  C C   . LEU A 1 97  ? 8.080   1.858   -11.639 1.00 24.27 ? 288 LEU A C   1 
ATOM   740  O O   . LEU A 1 97  ? 8.335   3.001   -12.040 1.00 23.09 ? 288 LEU A O   1 
ATOM   741  C CB  . LEU A 1 97  ? 8.403   1.515   -9.172  1.00 16.06 ? 288 LEU A CB  1 
ATOM   742  C CG  . LEU A 1 97  ? 9.183   0.936   -7.973  1.00 19.25 ? 288 LEU A CG  1 
ATOM   743  C CD1 . LEU A 1 97  ? 8.479   1.313   -6.674  1.00 17.44 ? 288 LEU A CD1 1 
ATOM   744  C CD2 . LEU A 1 97  ? 9.301   -0.604  -8.097  1.00 20.66 ? 288 LEU A CD2 1 
ATOM   745  N N   . LYS A 1 98  ? 7.067   1.145   -12.100 1.00 22.76 ? 289 LYS A N   1 
ATOM   746  C CA  . LYS A 1 98  ? 6.157   1.679   -13.115 1.00 29.35 ? 289 LYS A CA  1 
ATOM   747  C C   . LYS A 1 98  ? 4.953   2.312   -12.416 1.00 25.12 ? 289 LYS A C   1 
ATOM   748  O O   . LYS A 1 98  ? 4.268   1.658   -11.631 1.00 29.22 ? 289 LYS A O   1 
ATOM   749  C CB  . LYS A 1 98  ? 5.671   0.553   -14.041 1.00 36.52 ? 289 LYS A CB  1 
ATOM   750  C CG  . LYS A 1 98  ? 6.809   -0.204  -14.741 1.00 55.91 ? 289 LYS A CG  1 
ATOM   751  C CD  . LYS A 1 98  ? 6.305   -1.373  -15.597 1.00 65.87 ? 289 LYS A CD  1 
ATOM   752  C CE  . LYS A 1 98  ? 7.475   -2.252  -16.095 1.00 69.97 ? 289 LYS A CE  1 
ATOM   753  N NZ  . LYS A 1 98  ? 7.036   -3.419  -16.934 1.00 69.23 ? 289 LYS A NZ  1 
ATOM   754  N N   . PRO A 1 99  ? 4.698   3.604   -12.669 1.00 24.14 ? 290 PRO A N   1 
ATOM   755  C CA  . PRO A 1 99  ? 3.544   4.204   -12.003 1.00 27.53 ? 290 PRO A CA  1 
ATOM   756  C C   . PRO A 1 99  ? 2.278   3.592   -12.548 1.00 31.38 ? 290 PRO A C   1 
ATOM   757  O O   . PRO A 1 99  ? 2.158   3.361   -13.743 1.00 38.21 ? 290 PRO A O   1 
ATOM   758  C CB  . PRO A 1 99  ? 3.674   5.699   -12.318 1.00 25.88 ? 290 PRO A CB  1 
ATOM   759  C CG  . PRO A 1 99  ? 4.539   5.730   -13.555 1.00 37.42 ? 290 PRO A CG  1 
ATOM   760  C CD  . PRO A 1 99  ? 5.533   4.624   -13.326 1.00 29.48 ? 290 PRO A CD  1 
ATOM   761  N N   . VAL A 1 100 ? 1.371   3.254   -11.650 1.00 25.12 ? 291 VAL A N   1 
ATOM   762  C CA  . VAL A 1 100 ? 0.084   2.693   -12.023 1.00 23.15 ? 291 VAL A CA  1 
ATOM   763  C C   . VAL A 1 100 ? -0.910  3.569   -11.270 1.00 21.22 ? 291 VAL A C   1 
ATOM   764  O O   . VAL A 1 100 ? -0.805  3.749   -10.062 1.00 21.48 ? 291 VAL A O   1 
ATOM   765  C CB  . VAL A 1 100 ? -0.065  1.230   -11.545 1.00 26.87 ? 291 VAL A CB  1 
ATOM   766  C CG1 . VAL A 1 100 ? -1.495  0.743   -11.801 1.00 28.61 ? 291 VAL A CG1 1 
ATOM   767  C CG2 . VAL A 1 100 ? 0.927   0.331   -12.278 1.00 30.41 ? 291 VAL A CG2 1 
ATOM   768  N N   . SER A 1 101 ? -1.864  4.138   -11.989 1.00 21.26 ? 292 SER A N   1 
ATOM   769  C CA  . SER A 1 101 ? -2.866  4.994   -11.368 1.00 19.43 ? 292 SER A CA  1 
ATOM   770  C C   . SER A 1 101 ? -4.183  4.226   -11.209 1.00 21.48 ? 292 SER A C   1 
ATOM   771  O O   . SER A 1 101 ? -4.578  3.483   -12.119 1.00 20.50 ? 292 SER A O   1 
ATOM   772  C CB  . SER A 1 101 ? -3.105  6.225   -12.257 1.00 22.22 ? 292 SER A CB  1 
ATOM   773  O OG  . SER A 1 101 ? -4.164  6.993   -11.732 1.00 23.62 ? 292 SER A OG  1 
ATOM   774  N N   . VAL A 1 102 ? -4.842  4.382   -10.058 1.00 19.36 ? 293 VAL A N   1 
ATOM   775  C CA  . VAL A 1 102 ? -6.149  3.758   -9.841  1.00 17.65 ? 293 VAL A CA  1 
ATOM   776  C C   . VAL A 1 102 ? -7.242  4.808   -9.625  1.00 18.52 ? 293 VAL A C   1 
ATOM   777  O O   . VAL A 1 102 ? -8.399  4.478   -9.296  1.00 18.62 ? 293 VAL A O   1 
ATOM   778  C CB  . VAL A 1 102 ? -6.166  2.762   -8.670  1.00 18.62 ? 293 VAL A CB  1 
ATOM   779  C CG1 . VAL A 1 102 ? -5.202  1.619   -8.966  1.00 20.59 ? 293 VAL A CG1 1 
ATOM   780  C CG2 . VAL A 1 102 ? -5.843  3.461   -7.327  1.00 16.80 ? 293 VAL A CG2 1 
ATOM   781  N N   . ILE A 1 103 ? -6.876  6.078   -9.794  1.00 16.10 ? 294 ILE A N   1 
ATOM   782  C CA  . ILE A 1 103 ? -7.835  7.174   -9.646  1.00 18.21 ? 294 ILE A CA  1 
ATOM   783  C C   . ILE A 1 103 ? -7.690  8.029   -10.895 1.00 19.07 ? 294 ILE A C   1 
ATOM   784  O O   . ILE A 1 103 ? -6.603  8.562   -11.176 1.00 20.68 ? 294 ILE A O   1 
ATOM   785  C CB  . ILE A 1 103 ? -7.536  8.054   -8.376  1.00 19.92 ? 294 ILE A CB  1 
ATOM   786  C CG1 . ILE A 1 103 ? -7.557  7.198   -7.123  1.00 20.57 ? 294 ILE A CG1 1 
ATOM   787  C CG2 . ILE A 1 103 ? -8.554  9.187   -8.274  1.00 22.68 ? 294 ILE A CG2 1 
ATOM   788  C CD1 . ILE A 1 103 ? -7.046  7.950   -5.850  1.00 24.34 ? 294 ILE A CD1 1 
ATOM   789  N N   . ASN A 1 104 ? -8.769  8.186   -11.652 1.00 19.61 ? 295 ASN A N   1 
ATOM   790  C CA  . ASN A 1 104 ? -8.654  8.971   -12.873 1.00 20.13 ? 295 ASN A CA  1 
ATOM   791  C C   . ASN A 1 104 ? -8.765  10.478  -12.608 1.00 22.07 ? 295 ASN A C   1 
ATOM   792  O O   . ASN A 1 104 ? -8.955  10.914  -11.474 1.00 20.05 ? 295 ASN A O   1 
ATOM   793  C CB  . ASN A 1 104 ? -9.677  8.508   -13.935 1.00 23.37 ? 295 ASN A CB  1 
ATOM   794  C CG  . ASN A 1 104 ? -11.136 8.655   -13.492 1.00 20.70 ? 295 ASN A CG  1 
ATOM   795  O OD1 . ASN A 1 104 ? -11.504 9.595   -12.768 1.00 20.97 ? 295 ASN A OD1 1 
ATOM   796  N ND2 . ASN A 1 104 ? -11.986 7.744   -13.965 1.00 19.98 ? 295 ASN A ND2 1 
ATOM   797  N N   . LEU A 1 105 ? -8.636  11.260  -13.666 1.00 28.16 ? 296 LEU A N   1 
ATOM   798  C CA  . LEU A 1 105 ? -8.702  12.711  -13.562 1.00 33.22 ? 296 LEU A CA  1 
ATOM   799  C C   . LEU A 1 105 ? -10.011 13.266  -13.004 1.00 30.56 ? 296 LEU A C   1 
ATOM   800  O O   . LEU A 1 105 ? -10.024 14.364  -12.448 1.00 37.11 ? 296 LEU A O   1 
ATOM   801  C CB  . LEU A 1 105 ? -8.409  13.341  -14.929 1.00 42.84 ? 296 LEU A CB  1 
ATOM   802  C CG  . LEU A 1 105 ? -6.964  13.155  -15.418 1.00 50.45 ? 296 LEU A CG  1 
ATOM   803  C CD1 . LEU A 1 105 ? -6.749  13.942  -16.711 1.00 47.71 ? 296 LEU A CD1 1 
ATOM   804  C CD2 . LEU A 1 105 ? -5.989  13.630  -14.343 1.00 51.69 ? 296 LEU A CD2 1 
ATOM   805  N N   . GLU A 1 106 ? -11.104 12.523  -13.146 1.00 27.67 ? 297 GLU A N   1 
ATOM   806  C CA  . GLU A 1 106 ? -12.381 12.968  -12.627 1.00 27.97 ? 297 GLU A CA  1 
ATOM   807  C C   . GLU A 1 106 ? -12.502 12.609  -11.145 1.00 24.31 ? 297 GLU A C   1 
ATOM   808  O O   . GLU A 1 106 ? -13.508 12.905  -10.517 1.00 29.90 ? 297 GLU A O   1 
ATOM   809  C CB  . GLU A 1 106 ? -13.531 12.331  -13.399 1.00 32.59 ? 297 GLU A CB  1 
ATOM   810  C CG  . GLU A 1 106 ? -13.743 12.901  -14.777 1.00 50.34 ? 297 GLU A CG  1 
ATOM   811  C CD  . GLU A 1 106 ? -12.647 12.503  -15.727 1.00 65.41 ? 297 GLU A CD  1 
ATOM   812  O OE1 . GLU A 1 106 ? -12.389 13.263  -16.685 1.00 73.04 ? 297 GLU A OE1 1 
ATOM   813  O OE2 . GLU A 1 106 ? -12.051 11.421  -15.520 1.00 69.84 ? 297 GLU A OE2 1 
ATOM   814  N N   . GLY A 1 107 ? -11.491 11.940  -10.602 1.00 19.77 ? 298 GLY A N   1 
ATOM   815  C CA  . GLY A 1 107 ? -11.503 11.569  -9.206  1.00 23.44 ? 298 GLY A CA  1 
ATOM   816  C C   . GLY A 1 107 ? -12.199 10.250  -8.903  1.00 23.84 ? 298 GLY A C   1 
ATOM   817  O O   . GLY A 1 107 ? -12.488 9.963   -7.751  1.00 23.70 ? 298 GLY A O   1 
ATOM   818  N N   . ARG A 1 108 ? -12.446 9.436   -9.920  1.00 17.86 ? 299 ARG A N   1 
ATOM   819  C CA  . ARG A 1 108 ? -13.100 8.158   -9.699  1.00 16.50 ? 299 ARG A CA  1 
ATOM   820  C C   . ARG A 1 108 ? -12.134 6.967   -9.784  1.00 13.30 ? 299 ARG A C   1 
ATOM   821  O O   . ARG A 1 108 ? -11.183 6.987   -10.583 1.00 16.76 ? 299 ARG A O   1 
ATOM   822  C CB  . ARG A 1 108 ? -14.253 7.986   -10.706 1.00 19.95 ? 299 ARG A CB  1 
ATOM   823  C CG  . ARG A 1 108 ? -15.492 8.870   -10.378 1.00 23.20 ? 299 ARG A CG  1 
ATOM   824  C CD  . ARG A 1 108 ? -16.677 8.601   -11.314 1.00 21.19 ? 299 ARG A CD  1 
ATOM   825  N NE  . ARG A 1 108 ? -16.493 9.067   -12.688 1.00 30.04 ? 299 ARG A NE  1 
ATOM   826  C CZ  . ARG A 1 108 ? -16.629 10.337  -13.089 1.00 40.04 ? 299 ARG A CZ  1 
ATOM   827  N NH1 . ARG A 1 108 ? -16.948 11.300  -12.226 1.00 32.13 ? 299 ARG A NH1 1 
ATOM   828  N NH2 . ARG A 1 108 ? -16.485 10.644  -14.370 1.00 32.17 ? 299 ARG A NH2 1 
ATOM   829  N N   . MET A 1 109 ? -12.396 5.932   -8.979  1.00 15.43 ? 300 MET A N   1 
ATOM   830  C CA  . MET A 1 109 ? -11.556 4.712   -8.973  1.00 15.63 ? 300 MET A CA  1 
ATOM   831  C C   . MET A 1 109 ? -11.701 3.955   -10.308 1.00 19.55 ? 300 MET A C   1 
ATOM   832  O O   . MET A 1 109 ? -12.796 3.820   -10.853 1.00 16.36 ? 300 MET A O   1 
ATOM   833  C CB  . MET A 1 109 ? -11.960 3.750   -7.843  1.00 17.29 ? 300 MET A CB  1 
ATOM   834  C CG  . MET A 1 109 ? -12.076 4.335   -6.426  1.00 15.50 ? 300 MET A CG  1 
ATOM   835  S SD  . MET A 1 109 ? -10.539 5.160   -5.963  1.00 20.47 ? 300 MET A SD  1 
ATOM   836  C CE  . MET A 1 109 ? -9.375  3.782   -5.985  1.00 20.27 ? 300 MET A CE  1 
ATOM   837  N N   . GLU A 1 110 ? -10.599 3.421   -10.811 1.00 14.98 ? 301 GLU A N   1 
ATOM   838  C CA  . GLU A 1 110 ? -10.626 2.723   -12.077 1.00 18.54 ? 301 GLU A CA  1 
ATOM   839  C C   . GLU A 1 110 ? -9.478  1.754   -12.196 1.00 23.82 ? 301 GLU A C   1 
ATOM   840  O O   . GLU A 1 110 ? -8.358  2.052   -11.748 1.00 19.92 ? 301 GLU A O   1 
ATOM   841  C CB  . GLU A 1 110 ? -10.542 3.757   -13.212 1.00 22.93 ? 301 GLU A CB  1 
ATOM   842  C CG  . GLU A 1 110 ? -10.367 3.172   -14.560 1.00 31.20 ? 301 GLU A CG  1 
ATOM   843  C CD  . GLU A 1 110 ? -10.275 4.223   -15.645 1.00 26.62 ? 301 GLU A CD  1 
ATOM   844  O OE1 . GLU A 1 110 ? -9.960  3.825   -16.773 1.00 33.19 ? 301 GLU A OE1 1 
ATOM   845  O OE2 . GLU A 1 110 ? -10.522 5.432   -15.387 1.00 25.54 ? 301 GLU A OE2 1 
ATOM   846  N N   . GLY A 1 111 ? -9.750  0.607   -12.820 1.00 18.92 ? 302 GLY A N   1 
ATOM   847  C CA  . GLY A 1 111 ? -8.691  -0.353  -13.039 1.00 17.84 ? 302 GLY A CA  1 
ATOM   848  C C   . GLY A 1 111 ? -8.948  -1.785  -12.629 1.00 15.98 ? 302 GLY A C   1 
ATOM   849  O O   . GLY A 1 111 ? -9.683  -2.064  -11.669 1.00 16.80 ? 302 GLY A O   1 
ATOM   850  N N   . GLU A 1 112 ? -8.305  -2.694  -13.368 1.00 17.79 ? 303 GLU A N   1 
ATOM   851  C CA  . GLU A 1 112 ? -8.419  -4.107  -13.066 1.00 20.77 ? 303 GLU A CA  1 
ATOM   852  C C   . GLU A 1 112 ? -7.969  -4.403  -11.620 1.00 21.18 ? 303 GLU A C   1 
ATOM   853  O O   . GLU A 1 112 ? -8.516  -5.273  -10.956 1.00 20.92 ? 303 GLU A O   1 
ATOM   854  C CB  . GLU A 1 112 ? -7.559  -4.913  -14.028 1.00 21.34 ? 303 GLU A CB  1 
ATOM   855  C CG  . GLU A 1 112 ? -7.709  -6.388  -13.760 1.00 37.02 ? 303 GLU A CG  1 
ATOM   856  C CD  . GLU A 1 112 ? -7.109  -7.217  -14.859 1.00 48.05 ? 303 GLU A CD  1 
ATOM   857  O OE1 . GLU A 1 112 ? -7.361  -8.443  -14.866 1.00 56.52 ? 303 GLU A OE1 1 
ATOM   858  O OE2 . GLU A 1 112 ? -6.390  -6.637  -15.705 1.00 50.37 ? 303 GLU A OE2 1 
ATOM   859  N N   . ARG A 1 113 ? -6.970  -3.668  -11.139 1.00 19.89 ? 304 ARG A N   1 
ATOM   860  C CA  . ARG A 1 113 ? -6.471  -3.876  -9.778  1.00 23.56 ? 304 ARG A CA  1 
ATOM   861  C C   . ARG A 1 113 ? -7.416  -3.393  -8.668  1.00 19.32 ? 304 ARG A C   1 
ATOM   862  O O   . ARG A 1 113 ? -7.308  -3.813  -7.522  1.00 17.98 ? 304 ARG A O   1 
ATOM   863  C CB  . ARG A 1 113 ? -5.088  -3.223  -9.670  1.00 25.03 ? 304 ARG A CB  1 
ATOM   864  C CG  . ARG A 1 113 ? -4.078  -3.974  -10.542 1.00 29.43 ? 304 ARG A CG  1 
ATOM   865  C CD  . ARG A 1 113 ? -2.772  -3.255  -10.795 1.00 35.83 ? 304 ARG A CD  1 
ATOM   866  N NE  . ARG A 1 113 ? -2.176  -2.764  -9.567  1.00 40.81 ? 304 ARG A NE  1 
ATOM   867  C CZ  . ARG A 1 113 ? -0.871  -2.716  -9.297  1.00 34.73 ? 304 ARG A CZ  1 
ATOM   868  N NH1 . ARG A 1 113 ? 0.062   -3.147  -10.168 1.00 27.34 ? 304 ARG A NH1 1 
ATOM   869  N NH2 . ARG A 1 113 ? -0.509  -2.207  -8.135  1.00 17.50 ? 304 ARG A NH2 1 
ATOM   870  N N   . VAL A 1 114 ? -8.353  -2.511  -9.017  1.00 18.35 ? 305 VAL A N   1 
ATOM   871  C CA  . VAL A 1 114 ? -9.310  -1.987  -8.043  1.00 20.05 ? 305 VAL A CA  1 
ATOM   872  C C   . VAL A 1 114 ? -10.440 -3.009  -7.891  1.00 18.71 ? 305 VAL A C   1 
ATOM   873  O O   . VAL A 1 114 ? -10.988 -3.462  -8.905  1.00 17.90 ? 305 VAL A O   1 
ATOM   874  C CB  . VAL A 1 114 ? -9.930  -0.639  -8.546  1.00 18.23 ? 305 VAL A CB  1 
ATOM   875  C CG1 . VAL A 1 114 ? -11.090 -0.212  -7.644  1.00 18.10 ? 305 VAL A CG1 1 
ATOM   876  C CG2 . VAL A 1 114 ? -8.838  0.468   -8.613  1.00 17.53 ? 305 VAL A CG2 1 
ATOM   877  N N   . PRO A 1 115 ? -10.788 -3.398  -6.653  1.00 18.62 ? 306 PRO A N   1 
ATOM   878  C CA  . PRO A 1 115 ? -11.873 -4.355  -6.397  1.00 22.41 ? 306 PRO A CA  1 
ATOM   879  C C   . PRO A 1 115 ? -13.163 -3.924  -7.093  1.00 21.97 ? 306 PRO A C   1 
ATOM   880  O O   . PRO A 1 115 ? -13.488 -2.741  -7.196  1.00 16.54 ? 306 PRO A O   1 
ATOM   881  C CB  . PRO A 1 115 ? -12.031 -4.306  -4.883  1.00 24.56 ? 306 PRO A CB  1 
ATOM   882  C CG  . PRO A 1 115 ? -10.596 -4.118  -4.427  1.00 25.19 ? 306 PRO A CG  1 
ATOM   883  C CD  . PRO A 1 115 ? -10.111 -3.043  -5.384  1.00 24.43 ? 306 PRO A CD  1 
ATOM   884  N N   . GLU A 1 116 ? -13.914 -4.898  -7.567  1.00 22.01 ? 307 GLU A N   1 
ATOM   885  C CA  . GLU A 1 116 ? -15.154 -4.603  -8.291  1.00 22.26 ? 307 GLU A CA  1 
ATOM   886  C C   . GLU A 1 116 ? -16.099 -3.607  -7.618  1.00 19.33 ? 307 GLU A C   1 
ATOM   887  O O   . GLU A 1 116 ? -16.571 -2.653  -8.253  1.00 22.26 ? 307 GLU A O   1 
ATOM   888  C CB  . GLU A 1 116 ? -15.876 -5.921  -8.555  1.00 26.76 ? 307 GLU A CB  1 
ATOM   889  C CG  . GLU A 1 116 ? -16.991 -5.808  -9.545  1.00 27.86 ? 307 GLU A CG  1 
ATOM   890  C CD  . GLU A 1 116 ? -17.523 -7.185  -9.923  1.00 38.05 ? 307 GLU A CD  1 
ATOM   891  O OE1 . GLU A 1 116 ? -16.734 -8.024  -10.432 1.00 33.05 ? 307 GLU A OE1 1 
ATOM   892  O OE2 . GLU A 1 116 ? -18.727 -7.412  -9.706  1.00 33.91 ? 307 GLU A OE2 1 
ATOM   893  N N   . ALA A 1 117 ? -16.336 -3.801  -6.321  1.00 20.49 ? 308 ALA A N   1 
ATOM   894  C CA  . ALA A 1 117 ? -17.213 -2.971  -5.528  1.00 24.88 ? 308 ALA A CA  1 
ATOM   895  C C   . ALA A 1 117 ? -16.747 -1.519  -5.426  1.00 23.37 ? 308 ALA A C   1 
ATOM   896  O O   . ALA A 1 117 ? -17.536 -0.640  -5.095  1.00 24.91 ? 308 ALA A O   1 
ATOM   897  C CB  . ALA A 1 117 ? -17.375 -3.577  -4.121  1.00 27.01 ? 308 ALA A CB  1 
ATOM   898  N N   . LEU A 1 118 ? -15.481 -1.262  -5.734  1.00 18.54 ? 309 LEU A N   1 
ATOM   899  C CA  . LEU A 1 118 ? -14.965 0.116   -5.682  1.00 21.97 ? 309 LEU A CA  1 
ATOM   900  C C   . LEU A 1 118 ? -14.888 0.870   -7.006  1.00 22.99 ? 309 LEU A C   1 
ATOM   901  O O   . LEU A 1 118 ? -14.849 2.113   -6.984  1.00 18.99 ? 309 LEU A O   1 
ATOM   902  C CB  . LEU A 1 118 ? -13.564 0.147   -5.027  1.00 19.85 ? 309 LEU A CB  1 
ATOM   903  C CG  . LEU A 1 118 ? -13.474 -0.421  -3.600  1.00 21.14 ? 309 LEU A CG  1 
ATOM   904  C CD1 . LEU A 1 118 ? -12.032 -0.281  -3.065  1.00 21.47 ? 309 LEU A CD1 1 
ATOM   905  C CD2 . LEU A 1 118 ? -14.458 0.296   -2.678  1.00 23.97 ? 309 LEU A CD2 1 
ATOM   906  N N   . ARG A 1 119 ? -14.866 0.164   -8.148  1.00 18.91 ? 310 ARG A N   1 
ATOM   907  C CA  . ARG A 1 119 ? -14.745 0.827   -9.469  1.00 18.20 ? 310 ARG A CA  1 
ATOM   908  C C   . ARG A 1 119 ? -15.865 1.812   -9.754  1.00 17.81 ? 310 ARG A C   1 
ATOM   909  O O   . ARG A 1 119 ? -17.039 1.514   -9.548  1.00 19.46 ? 310 ARG A O   1 
ATOM   910  C CB  . ARG A 1 119 ? -14.702 -0.199  -10.620 1.00 18.04 ? 310 ARG A CB  1 
ATOM   911  C CG  . ARG A 1 119 ? -13.578 -1.231  -10.510 1.00 18.22 ? 310 ARG A CG  1 
ATOM   912  C CD  . ARG A 1 119 ? -13.625 -2.265  -11.654 1.00 18.69 ? 310 ARG A CD  1 
ATOM   913  N NE  . ARG A 1 119 ? -12.528 -3.219  -11.497 1.00 20.86 ? 310 ARG A NE  1 
ATOM   914  C CZ  . ARG A 1 119 ? -12.649 -4.543  -11.491 1.00 24.73 ? 310 ARG A CZ  1 
ATOM   915  N NH1 . ARG A 1 119 ? -13.837 -5.118  -11.654 1.00 17.60 ? 310 ARG A NH1 1 
ATOM   916  N NH2 . ARG A 1 119 ? -11.573 -5.292  -11.280 1.00 23.72 ? 310 ARG A NH2 1 
ATOM   917  N N   . GLY A 1 120 ? -15.501 2.999   -10.222 1.00 15.56 ? 311 GLY A N   1 
ATOM   918  C CA  . GLY A 1 120 ? -16.509 4.006   -10.528 1.00 22.02 ? 311 GLY A CA  1 
ATOM   919  C C   . GLY A 1 120 ? -16.863 4.937   -9.370  1.00 21.72 ? 311 GLY A C   1 
ATOM   920  O O   . GLY A 1 120 ? -17.436 6.015   -9.596  1.00 24.45 ? 311 GLY A O   1 
ATOM   921  N N   . LEU A 1 121 ? -16.531 4.555   -8.140  1.00 19.16 ? 312 LEU A N   1 
ATOM   922  C CA  . LEU A 1 121 ? -16.848 5.397   -6.982  1.00 21.55 ? 312 LEU A CA  1 
ATOM   923  C C   . LEU A 1 121 ? -15.902 6.595   -6.917  1.00 21.43 ? 312 LEU A C   1 
ATOM   924  O O   . LEU A 1 121 ? -14.761 6.500   -7.362  1.00 18.11 ? 312 LEU A O   1 
ATOM   925  C CB  . LEU A 1 121 ? -16.695 4.617   -5.689  1.00 22.62 ? 312 LEU A CB  1 
ATOM   926  C CG  . LEU A 1 121 ? -17.586 3.407   -5.447  1.00 27.16 ? 312 LEU A CG  1 
ATOM   927  C CD1 . LEU A 1 121 ? -17.300 2.885   -4.065  1.00 24.25 ? 312 LEU A CD1 1 
ATOM   928  C CD2 . LEU A 1 121 ? -19.049 3.808   -5.567  1.00 29.45 ? 312 LEU A CD2 1 
ATOM   929  N N   . ASP A 1 122 ? -16.366 7.723   -6.392  1.00 23.62 ? 313 ASP A N   1 
ATOM   930  C CA  . ASP A 1 122 ? -15.469 8.866   -6.262  1.00 23.25 ? 313 ASP A CA  1 
ATOM   931  C C   . ASP A 1 122 ? -14.471 8.489   -5.159  1.00 17.93 ? 313 ASP A C   1 
ATOM   932  O O   . ASP A 1 122 ? -14.783 7.672   -4.278  1.00 19.77 ? 313 ASP A O   1 
ATOM   933  C CB  . ASP A 1 122 ? -16.246 10.159  -5.955  1.00 33.55 ? 313 ASP A CB  1 
ATOM   934  C CG  . ASP A 1 122 ? -16.710 10.250  -4.538  1.00 41.47 ? 313 ASP A CG  1 
ATOM   935  O OD1 . ASP A 1 122 ? -15.860 10.406  -3.634  1.00 43.54 ? 313 ASP A OD1 1 
ATOM   936  O OD2 . ASP A 1 122 ? -17.931 10.177  -4.321  1.00 56.67 ? 313 ASP A OD2 1 
ATOM   937  N N   . ARG A 1 123 ? -13.272 9.060   -5.218  1.00 20.29 ? 314 ARG A N   1 
ATOM   938  C CA  . ARG A 1 123 ? -12.205 8.712   -4.287  1.00 20.07 ? 314 ARG A CA  1 
ATOM   939  C C   . ARG A 1 123 ? -12.586 8.716   -2.800  1.00 23.72 ? 314 ARG A C   1 
ATOM   940  O O   . ARG A 1 123 ? -12.244 7.788   -2.069  1.00 20.88 ? 314 ARG A O   1 
ATOM   941  C CB  . ARG A 1 123 ? -10.972 9.612   -4.530  1.00 27.69 ? 314 ARG A CB  1 
ATOM   942  C CG  . ARG A 1 123 ? -9.751  9.092   -3.788  1.00 17.74 ? 314 ARG A CG  1 
ATOM   943  C CD  . ARG A 1 123 ? -9.728  9.652   -2.345  1.00 20.27 ? 314 ARG A CD  1 
ATOM   944  N NE  . ARG A 1 123 ? -9.155  10.991  -2.371  1.00 46.76 ? 314 ARG A NE  1 
ATOM   945  C CZ  . ARG A 1 123 ? -7.879  11.235  -2.653  1.00 48.16 ? 314 ARG A CZ  1 
ATOM   946  N NH1 . ARG A 1 123 ? -7.048  10.230  -2.924  1.00 52.98 ? 314 ARG A NH1 1 
ATOM   947  N NH2 . ARG A 1 123 ? -7.428  12.480  -2.664  1.00 58.41 ? 314 ARG A NH2 1 
ATOM   948  N N   . PHE A 1 124 ? -13.312 9.732   -2.339  1.00 21.45 ? 315 PHE A N   1 
ATOM   949  C CA  . PHE A 1 124 ? -13.671 9.776   -0.921  1.00 22.90 ? 315 PHE A CA  1 
ATOM   950  C C   . PHE A 1 124 ? -14.624 8.679   -0.482  1.00 21.06 ? 315 PHE A C   1 
ATOM   951  O O   . PHE A 1 124 ? -14.465 8.101   0.598   1.00 23.36 ? 315 PHE A O   1 
ATOM   952  C CB  . PHE A 1 124 ? -14.197 11.183  -0.580  1.00 27.85 ? 315 PHE A CB  1 
ATOM   953  C CG  . PHE A 1 124 ? -13.157 12.248  -0.773  1.00 32.21 ? 315 PHE A CG  1 
ATOM   954  C CD1 . PHE A 1 124 ? -12.241 12.534  0.233   1.00 41.24 ? 315 PHE A CD1 1 
ATOM   955  C CD2 . PHE A 1 124 ? -13.013 12.876  -2.008  1.00 37.83 ? 315 PHE A CD2 1 
ATOM   956  C CE1 . PHE A 1 124 ? -11.191 13.422  0.019   1.00 36.32 ? 315 PHE A CE1 1 
ATOM   957  C CE2 . PHE A 1 124 ? -11.963 13.768  -2.237  1.00 45.87 ? 315 PHE A CE2 1 
ATOM   958  C CZ  . PHE A 1 124 ? -11.051 14.038  -1.219  1.00 43.18 ? 315 PHE A CZ  1 
ATOM   959  N N   . GLU A 1 125 ? -15.611 8.357   -1.313  1.00 23.64 ? 316 GLU A N   1 
ATOM   960  C CA  . GLU A 1 125 ? -16.512 7.266   -0.972  1.00 23.09 ? 316 GLU A CA  1 
ATOM   961  C C   . GLU A 1 125 ? -15.726 5.936   -1.031  1.00 20.08 ? 316 GLU A C   1 
ATOM   962  O O   . GLU A 1 125 ? -15.912 5.064   -0.192  1.00 22.58 ? 316 GLU A O   1 
ATOM   963  C CB  . GLU A 1 125 ? -17.699 7.231   -1.951  1.00 23.75 ? 316 GLU A CB  1 
ATOM   964  C CG  . GLU A 1 125 ? -18.735 6.210   -1.573  1.00 33.19 ? 316 GLU A CG  1 
ATOM   965  C CD  . GLU A 1 125 ? -19.928 6.235   -2.510  1.00 42.13 ? 316 GLU A CD  1 
ATOM   966  O OE1 . GLU A 1 125 ? -20.140 7.268   -3.193  1.00 37.76 ? 316 GLU A OE1 1 
ATOM   967  O OE2 . GLU A 1 125 ? -20.661 5.225   -2.548  1.00 47.63 ? 316 GLU A OE2 1 
ATOM   968  N N   . ALA A 1 126 ? -14.838 5.782   -2.015  1.00 19.19 ? 317 ALA A N   1 
ATOM   969  C CA  . ALA A 1 126 ? -14.035 4.561   -2.124  1.00 20.12 ? 317 ALA A CA  1 
ATOM   970  C C   . ALA A 1 126 ? -13.142 4.367   -0.898  1.00 19.19 ? 317 ALA A C   1 
ATOM   971  O O   . ALA A 1 126 ? -12.906 3.241   -0.457  1.00 18.60 ? 317 ALA A O   1 
ATOM   972  C CB  . ALA A 1 126 ? -13.174 4.610   -3.357  1.00 18.96 ? 317 ALA A CB  1 
ATOM   973  N N   . ARG A 1 127 ? -12.631 5.460   -0.349  1.00 19.67 ? 318 ARG A N   1 
ATOM   974  C CA  . ARG A 1 127 ? -11.784 5.360   0.844   1.00 18.53 ? 318 ARG A CA  1 
ATOM   975  C C   . ARG A 1 127 ? -12.558 4.685   1.985   1.00 17.52 ? 318 ARG A C   1 
ATOM   976  O O   . ARG A 1 127 ? -12.070 3.730   2.617   1.00 18.31 ? 318 ARG A O   1 
ATOM   977  C CB  . ARG A 1 127 ? -11.305 6.761   1.274   1.00 17.05 ? 318 ARG A CB  1 
ATOM   978  C CG  . ARG A 1 127 ? -10.533 6.752   2.596   1.00 22.83 ? 318 ARG A CG  1 
ATOM   979  C CD  . ARG A 1 127 ? -9.885  8.110   2.862   1.00 29.21 ? 318 ARG A CD  1 
ATOM   980  N NE  . ARG A 1 127 ? -8.936  8.479   1.815   1.00 26.17 ? 318 ARG A NE  1 
ATOM   981  C CZ  . ARG A 1 127 ? -8.364  9.678   1.713   1.00 36.96 ? 318 ARG A CZ  1 
ATOM   982  N NH1 . ARG A 1 127 ? -8.645  10.629  2.603   1.00 33.81 ? 318 ARG A NH1 1 
ATOM   983  N NH2 . ARG A 1 127 ? -7.518  9.939   0.719   1.00 30.78 ? 318 ARG A NH2 1 
ATOM   984  N N   . ARG A 1 128 ? -13.769 5.172   2.248   1.00 20.08 ? 319 ARG A N   1 
ATOM   985  C CA  . ARG A 1 128 ? -14.629 4.599   3.296   1.00 28.09 ? 319 ARG A CA  1 
ATOM   986  C C   . ARG A 1 128 ? -14.938 3.123   3.033   1.00 21.86 ? 319 ARG A C   1 
ATOM   987  O O   . ARG A 1 128 ? -14.776 2.281   3.909   1.00 20.85 ? 319 ARG A O   1 
ATOM   988  C CB  . ARG A 1 128 ? -15.972 5.364   3.382   1.00 30.61 ? 319 ARG A CB  1 
ATOM   989  C CG  . ARG A 1 128 ? -15.858 6.811   3.852   1.00 50.91 ? 319 ARG A CG  1 
ATOM   990  C CD  . ARG A 1 128 ? -17.243 7.437   4.048   1.00 47.22 ? 319 ARG A CD  1 
ATOM   991  N NE  . ARG A 1 128 ? -17.870 7.853   2.789   1.00 61.13 ? 319 ARG A NE  1 
ATOM   992  C CZ  . ARG A 1 128 ? -17.625 9.013   2.176   1.00 61.35 ? 319 ARG A CZ  1 
ATOM   993  N NH1 . ARG A 1 128 ? -16.766 9.877   2.705   1.00 56.59 ? 319 ARG A NH1 1 
ATOM   994  N NH2 . ARG A 1 128 ? -18.245 9.317   1.039   1.00 62.24 ? 319 ARG A NH2 1 
ATOM   995  N N   . LYS A 1 129 ? -15.387 2.813   1.816   1.00 21.69 ? 320 LYS A N   1 
ATOM   996  C CA  . LYS A 1 129 ? -15.732 1.438   1.471   1.00 20.54 ? 320 LYS A CA  1 
ATOM   997  C C   . LYS A 1 129 ? -14.528 0.499   1.469   1.00 19.72 ? 320 LYS A C   1 
ATOM   998  O O   . LYS A 1 129 ? -14.648 -0.655  1.867   1.00 21.19 ? 320 LYS A O   1 
ATOM   999  C CB  . LYS A 1 129 ? -16.416 1.389   0.108   1.00 25.79 ? 320 LYS A CB  1 
ATOM   1000 C CG  . LYS A 1 129 ? -17.791 2.061   0.090   1.00 40.53 ? 320 LYS A CG  1 
ATOM   1001 C CD  . LYS A 1 129 ? -18.657 1.507   -1.050  1.00 50.35 ? 320 LYS A CD  1 
ATOM   1002 C CE  . LYS A 1 129 ? -19.823 2.445   -1.396  1.00 53.62 ? 320 LYS A CE  1 
ATOM   1003 N NZ  . LYS A 1 129 ? -20.599 2.881   -0.198  1.00 54.95 ? 320 LYS A NZ  1 
ATOM   1004 N N   . ALA A 1 130 ? -13.374 0.989   1.025   1.00 18.24 ? 321 ALA A N   1 
ATOM   1005 C CA  . ALA A 1 130 ? -12.171 0.158   0.996   1.00 19.89 ? 321 ALA A CA  1 
ATOM   1006 C C   . ALA A 1 130 ? -11.835 -0.319  2.399   1.00 21.56 ? 321 ALA A C   1 
ATOM   1007 O O   . ALA A 1 130 ? -11.460 -1.487  2.592   1.00 18.33 ? 321 ALA A O   1 
ATOM   1008 C CB  . ALA A 1 130 ? -10.998 0.941   0.415   1.00 17.32 ? 321 ALA A CB  1 
ATOM   1009 N N   . VAL A 1 131 ? -11.979 0.578   3.377   1.00 18.84 ? 322 VAL A N   1 
ATOM   1010 C CA  . VAL A 1 131 ? -11.694 0.228   4.761   1.00 19.51 ? 322 VAL A CA  1 
ATOM   1011 C C   . VAL A 1 131 ? -12.576 -0.938  5.202   1.00 21.56 ? 322 VAL A C   1 
ATOM   1012 O O   . VAL A 1 131 ? -12.094 -1.883  5.823   1.00 19.85 ? 322 VAL A O   1 
ATOM   1013 C CB  . VAL A 1 131 ? -11.897 1.432   5.682   1.00 18.63 ? 322 VAL A CB  1 
ATOM   1014 C CG1 . VAL A 1 131 ? -11.825 0.999   7.166   1.00 20.52 ? 322 VAL A CG1 1 
ATOM   1015 C CG2 . VAL A 1 131 ? -10.821 2.473   5.375   1.00 21.41 ? 322 VAL A CG2 1 
ATOM   1016 N N   . GLU A 1 132 ? -13.857 -0.887  4.860   1.00 20.80 ? 323 GLU A N   1 
ATOM   1017 C CA  . GLU A 1 132 ? -14.775 -1.961  5.245   1.00 22.90 ? 323 GLU A CA  1 
ATOM   1018 C C   . GLU A 1 132 ? -14.470 -3.272  4.545   1.00 19.30 ? 323 GLU A C   1 
ATOM   1019 O O   . GLU A 1 132 ? -14.589 -4.329  5.153   1.00 21.64 ? 323 GLU A O   1 
ATOM   1020 C CB  . GLU A 1 132 ? -16.218 -1.515  5.006   1.00 22.99 ? 323 GLU A CB  1 
ATOM   1021 C CG  . GLU A 1 132 ? -16.609 -0.308  5.893   1.00 23.51 ? 323 GLU A CG  1 
ATOM   1022 C CD  . GLU A 1 132 ? -16.114 -0.442  7.351   1.00 29.70 ? 323 GLU A CD  1 
ATOM   1023 O OE1 . GLU A 1 132 ? -15.484 0.522   7.862   1.00 30.54 ? 323 GLU A OE1 1 
ATOM   1024 O OE2 . GLU A 1 132 ? -16.344 -1.499  7.990   1.00 27.74 ? 323 GLU A OE2 1 
ATOM   1025 N N   . LEU A 1 133 ? -14.063 -3.209  3.270   1.00 18.61 ? 324 LEU A N   1 
ATOM   1026 C CA  . LEU A 1 133 ? -13.686 -4.416  2.549   1.00 17.05 ? 324 LEU A CA  1 
ATOM   1027 C C   . LEU A 1 133 ? -12.450 -5.012  3.193   1.00 17.85 ? 324 LEU A C   1 
ATOM   1028 O O   . LEU A 1 133 ? -12.340 -6.239  3.321   1.00 20.37 ? 324 LEU A O   1 
ATOM   1029 C CB  . LEU A 1 133 ? -13.402 -4.131  1.064   1.00 18.22 ? 324 LEU A CB  1 
ATOM   1030 C CG  . LEU A 1 133 ? -14.641 -3.731  0.250   1.00 23.68 ? 324 LEU A CG  1 
ATOM   1031 C CD1 . LEU A 1 133 ? -14.237 -3.350  -1.158  1.00 23.75 ? 324 LEU A CD1 1 
ATOM   1032 C CD2 . LEU A 1 133 ? -15.633 -4.893  0.261   1.00 23.67 ? 324 LEU A CD2 1 
ATOM   1033 N N   . PHE A 1 134 ? -11.505 -4.163  3.596   1.00 17.79 ? 325 PHE A N   1 
ATOM   1034 C CA  . PHE A 1 134 ? -10.306 -4.678  4.251   1.00 14.84 ? 325 PHE A CA  1 
ATOM   1035 C C   . PHE A 1 134 ? -10.678 -5.301  5.623   1.00 17.41 ? 325 PHE A C   1 
ATOM   1036 O O   . PHE A 1 134 ? -10.164 -6.363  6.008   1.00 21.40 ? 325 PHE A O   1 
ATOM   1037 C CB  . PHE A 1 134 ? -9.294  -3.555  4.484   1.00 16.22 ? 325 PHE A CB  1 
ATOM   1038 C CG  . PHE A 1 134 ? -8.660  -3.021  3.224   1.00 17.73 ? 325 PHE A CG  1 
ATOM   1039 C CD1 . PHE A 1 134 ? -8.337  -3.874  2.160   1.00 18.25 ? 325 PHE A CD1 1 
ATOM   1040 C CD2 . PHE A 1 134 ? -8.349  -1.655  3.124   1.00 15.92 ? 325 PHE A CD2 1 
ATOM   1041 C CE1 . PHE A 1 134 ? -7.707  -3.382  0.999   1.00 18.06 ? 325 PHE A CE1 1 
ATOM   1042 C CE2 . PHE A 1 134 ? -7.722  -1.142  1.980   1.00 16.94 ? 325 PHE A CE2 1 
ATOM   1043 C CZ  . PHE A 1 134 ? -7.398  -1.999  0.910   1.00 16.02 ? 325 PHE A CZ  1 
ATOM   1044 N N   . ARG A 1 135 ? -11.557 -4.628  6.350   1.00 19.40 ? 326 ARG A N   1 
ATOM   1045 C CA  . ARG A 1 135 ? -11.966 -5.107  7.669   1.00 23.09 ? 326 ARG A CA  1 
ATOM   1046 C C   . ARG A 1 135 ? -12.606 -6.475  7.535   1.00 21.11 ? 326 ARG A C   1 
ATOM   1047 O O   . ARG A 1 135 ? -12.237 -7.424  8.221   1.00 23.00 ? 326 ARG A O   1 
ATOM   1048 C CB  . ARG A 1 135 ? -12.958 -4.145  8.297   1.00 23.09 ? 326 ARG A CB  1 
ATOM   1049 C CG  . ARG A 1 135 ? -13.255 -4.478  9.778   1.00 27.87 ? 326 ARG A CG  1 
ATOM   1050 C CD  . ARG A 1 135 ? -14.508 -3.735  10.253  1.00 24.68 ? 326 ARG A CD  1 
ATOM   1051 N NE  . ARG A 1 135 ? -14.484 -2.305  9.961   1.00 25.50 ? 326 ARG A NE  1 
ATOM   1052 C CZ  . ARG A 1 135 ? -13.769 -1.404  10.621  1.00 26.05 ? 326 ARG A CZ  1 
ATOM   1053 N NH1 . ARG A 1 135 ? -13.000 -1.773  11.636  1.00 32.16 ? 326 ARG A NH1 1 
ATOM   1054 N NH2 . ARG A 1 135 ? -13.820 -0.130  10.265  1.00 23.78 ? 326 ARG A NH2 1 
ATOM   1055 N N   . GLU A 1 136 ? -13.553 -6.585  6.620   1.00 26.53 ? 327 GLU A N   1 
ATOM   1056 C CA  . GLU A 1 136 ? -14.245 -7.846  6.430   1.00 28.38 ? 327 GLU A CA  1 
ATOM   1057 C C   . GLU A 1 136 ? -13.381 -8.980  5.918   1.00 31.94 ? 327 GLU A C   1 
ATOM   1058 O O   . GLU A 1 136 ? -13.688 -10.143 6.166   1.00 28.18 ? 327 GLU A O   1 
ATOM   1059 C CB  . GLU A 1 136 ? -15.437 -7.634  5.502   1.00 30.34 ? 327 GLU A CB  1 
ATOM   1060 C CG  . GLU A 1 136 ? -16.456 -6.684  6.125   1.00 40.86 ? 327 GLU A CG  1 
ATOM   1061 C CD  . GLU A 1 136 ? -17.453 -6.123  5.125   1.00 54.96 ? 327 GLU A CD  1 
ATOM   1062 O OE1 . GLU A 1 136 ? -18.257 -5.240  5.512   1.00 62.01 ? 327 GLU A OE1 1 
ATOM   1063 O OE2 . GLU A 1 136 ? -17.435 -6.557  3.953   1.00 59.50 ? 327 GLU A OE2 1 
ATOM   1064 N N   . ALA A 1 137 ? -12.304 -8.655  5.207   1.00 22.66 ? 328 ALA A N   1 
ATOM   1065 C CA  . ALA A 1 137 ? -11.430 -9.672  4.655   1.00 23.09 ? 328 ALA A CA  1 
ATOM   1066 C C   . ALA A 1 137 ? -10.299 -10.057 5.606   1.00 21.44 ? 328 ALA A C   1 
ATOM   1067 O O   . ALA A 1 137 ? -9.489  -10.930 5.289   1.00 26.40 ? 328 ALA A O   1 
ATOM   1068 C CB  . ALA A 1 137 ? -10.862 -9.188  3.309   1.00 24.49 ? 328 ALA A CB  1 
ATOM   1069 N N   . GLY A 1 138 ? -10.226 -9.396  6.760   1.00 21.61 ? 329 GLY A N   1 
ATOM   1070 C CA  . GLY A 1 138 ? -9.186  -9.711  7.728   1.00 24.03 ? 329 GLY A CA  1 
ATOM   1071 C C   . GLY A 1 138 ? -7.858  -8.960  7.620   1.00 24.79 ? 329 GLY A C   1 
ATOM   1072 O O   . GLY A 1 138 ? -6.894  -9.312  8.299   1.00 24.29 ? 329 GLY A O   1 
ATOM   1073 N N   . HIS A 1 139 ? -7.821  -7.902  6.815   1.00 24.69 ? 330 HIS A N   1 
ATOM   1074 C CA  . HIS A 1 139 ? -6.601  -7.113  6.598   1.00 24.62 ? 330 HIS A CA  1 
ATOM   1075 C C   . HIS A 1 139 ? -6.433  -5.889  7.480   1.00 23.07 ? 330 HIS A C   1 
ATOM   1076 O O   . HIS A 1 139 ? -5.353  -5.287  7.496   1.00 23.31 ? 330 HIS A O   1 
ATOM   1077 C CB  . HIS A 1 139 ? -6.552  -6.654  5.126   1.00 21.68 ? 330 HIS A CB  1 
ATOM   1078 C CG  . HIS A 1 139 ? -6.317  -7.764  4.164   1.00 18.82 ? 330 HIS A CG  1 
ATOM   1079 N ND1 . HIS A 1 139 ? -5.069  -8.302  3.945   1.00 20.26 ? 330 HIS A ND1 1 
ATOM   1080 C CD2 . HIS A 1 139 ? -7.176  -8.467  3.386   1.00 21.90 ? 330 HIS A CD2 1 
ATOM   1081 C CE1 . HIS A 1 139 ? -5.167  -9.287  3.072   1.00 23.86 ? 330 HIS A CE1 1 
ATOM   1082 N NE2 . HIS A 1 139 ? -6.434  -9.408  2.717   1.00 24.49 ? 330 HIS A NE2 1 
ATOM   1083 N N   . LEU A 1 140 ? -7.479  -5.501  8.207   1.00 20.79 ? 331 LEU A N   1 
ATOM   1084 C CA  . LEU A 1 140 ? -7.393  -4.311  9.038   1.00 18.79 ? 331 LEU A CA  1 
ATOM   1085 C C   . LEU A 1 140 ? -6.874  -4.624  10.445  1.00 28.19 ? 331 LEU A C   1 
ATOM   1086 O O   . LEU A 1 140 ? -7.587  -5.195  11.288  1.00 26.51 ? 331 LEU A O   1 
ATOM   1087 C CB  . LEU A 1 140 ? -8.761  -3.606  9.092   1.00 21.21 ? 331 LEU A CB  1 
ATOM   1088 C CG  . LEU A 1 140 ? -8.750  -2.262  9.828   1.00 22.51 ? 331 LEU A CG  1 
ATOM   1089 C CD1 . LEU A 1 140 ? -7.790  -1.321  9.121   1.00 24.70 ? 331 LEU A CD1 1 
ATOM   1090 C CD2 . LEU A 1 140 ? -10.172 -1.653  9.877   1.00 24.74 ? 331 LEU A CD2 1 
ATOM   1091 N N   . VAL A 1 141 ? -5.618  -4.262  10.692  1.00 24.38 ? 332 VAL A N   1 
ATOM   1092 C CA  . VAL A 1 141 ? -4.983  -4.517  11.988  1.00 24.13 ? 332 VAL A CA  1 
ATOM   1093 C C   . VAL A 1 141 ? -5.462  -3.487  12.993  1.00 24.42 ? 332 VAL A C   1 
ATOM   1094 O O   . VAL A 1 141 ? -5.793  -3.829  14.124  1.00 26.21 ? 332 VAL A O   1 
ATOM   1095 C CB  . VAL A 1 141 ? -3.433  -4.443  11.897  1.00 25.80 ? 332 VAL A CB  1 
ATOM   1096 C CG1 . VAL A 1 141 ? -2.822  -4.747  13.268  1.00 30.88 ? 332 VAL A CG1 1 
ATOM   1097 C CG2 . VAL A 1 141 ? -2.918  -5.445  10.848  1.00 26.86 ? 332 VAL A CG2 1 
ATOM   1098 N N   . LYS A 1 142 ? -5.503  -2.224  12.593  1.00 22.82 ? 333 LYS A N   1 
ATOM   1099 C CA  . LYS A 1 142 ? -5.988  -1.202  13.505  1.00 30.90 ? 333 LYS A CA  1 
ATOM   1100 C C   . LYS A 1 142 ? -6.353  0.109   12.818  1.00 27.52 ? 333 LYS A C   1 
ATOM   1101 O O   . LYS A 1 142 ? -5.971  0.337   11.656  1.00 22.35 ? 333 LYS A O   1 
ATOM   1102 C CB  . LYS A 1 142 ? -4.962  -0.955  14.623  1.00 35.63 ? 333 LYS A CB  1 
ATOM   1103 C CG  . LYS A 1 142 ? -3.747  -0.223  14.203  1.00 37.31 ? 333 LYS A CG  1 
ATOM   1104 C CD  . LYS A 1 142 ? -3.259  0.719   15.310  1.00 47.98 ? 333 LYS A CD  1 
ATOM   1105 C CE  . LYS A 1 142 ? -2.563  -0.023  16.410  1.00 42.44 ? 333 LYS A CE  1 
ATOM   1106 N NZ  . LYS A 1 142 ? -1.352  -0.709  15.888  1.00 56.95 ? 333 LYS A NZ  1 
ATOM   1107 N N   . GLU A 1 143 ? -7.128  0.943   13.523  1.00 21.59 ? 334 GLU A N   1 
ATOM   1108 C CA  . GLU A 1 143 ? -7.556  2.256   13.031  1.00 23.69 ? 334 GLU A CA  1 
ATOM   1109 C C   . GLU A 1 143 ? -7.330  3.244   14.157  1.00 28.58 ? 334 GLU A C   1 
ATOM   1110 O O   . GLU A 1 143 ? -7.759  2.993   15.294  1.00 24.21 ? 334 GLU A O   1 
ATOM   1111 C CB  . GLU A 1 143 ? -9.051  2.320   12.709  1.00 27.88 ? 334 GLU A CB  1 
ATOM   1112 C CG  . GLU A 1 143 ? -9.685  1.088   12.213  1.00 44.44 ? 334 GLU A CG  1 
ATOM   1113 C CD  . GLU A 1 143 ? -11.190 1.245   12.183  1.00 45.01 ? 334 GLU A CD  1 
ATOM   1114 O OE1 . GLU A 1 143 ? -11.887 0.520   12.936  1.00 46.64 ? 334 GLU A OE1 1 
ATOM   1115 O OE2 . GLU A 1 143 ? -11.663 2.105   11.412  1.00 40.03 ? 334 GLU A OE2 1 
ATOM   1116 N N   . GLU A 1 144 ? -6.696  4.372   13.848  1.00 25.77 ? 335 GLU A N   1 
ATOM   1117 C CA  . GLU A 1 144 ? -6.413  5.395   14.855  1.00 31.67 ? 335 GLU A CA  1 
ATOM   1118 C C   . GLU A 1 144 ? -6.908  6.742   14.368  1.00 33.64 ? 335 GLU A C   1 
ATOM   1119 O O   . GLU A 1 144 ? -6.787  7.066   13.188  1.00 29.83 ? 335 GLU A O   1 
ATOM   1120 C CB  . GLU A 1 144 ? -4.910  5.500   15.104  1.00 30.92 ? 335 GLU A CB  1 
ATOM   1121 C CG  . GLU A 1 144 ? -4.206  4.212   15.444  1.00 30.91 ? 335 GLU A CG  1 
ATOM   1122 C CD  . GLU A 1 144 ? -2.698  4.410   15.422  1.00 42.43 ? 335 GLU A CD  1 
ATOM   1123 O OE1 . GLU A 1 144 ? -2.194  5.259   16.185  1.00 51.77 ? 335 GLU A OE1 1 
ATOM   1124 O OE2 . GLU A 1 144 ? -2.008  3.735   14.634  1.00 35.87 ? 335 GLU A OE2 1 
ATOM   1125 N N   . ASP A 1 145 ? -7.449  7.544   15.280  1.00 26.03 ? 336 ASP A N   1 
ATOM   1126 C CA  . ASP A 1 145 ? -7.958  8.848   14.893  1.00 28.28 ? 336 ASP A CA  1 
ATOM   1127 C C   . ASP A 1 145 ? -6.890  9.933   15.024  1.00 29.13 ? 336 ASP A C   1 
ATOM   1128 O O   . ASP A 1 145 ? -5.973  9.799   15.815  1.00 30.85 ? 336 ASP A O   1 
ATOM   1129 C CB  . ASP A 1 145 ? -9.159  9.235   15.783  1.00 31.51 ? 336 ASP A CB  1 
ATOM   1130 C CG  . ASP A 1 145 ? -10.338 8.276   15.635  1.00 41.65 ? 336 ASP A CG  1 
ATOM   1131 O OD1 . ASP A 1 145 ? -10.710 7.629   16.636  1.00 44.72 ? 336 ASP A OD1 1 
ATOM   1132 O OD2 . ASP A 1 145 ? -10.892 8.173   14.521  1.00 40.53 ? 336 ASP A OD2 1 
ATOM   1133 N N   . TYR A 1 146 ? -7.016  10.987  14.224  1.00 26.07 ? 337 TYR A N   1 
ATOM   1134 C CA  . TYR A 1 146 ? -6.125  12.141  14.312  1.00 29.28 ? 337 TYR A CA  1 
ATOM   1135 C C   . TYR A 1 146 ? -6.837  13.151  15.206  1.00 39.18 ? 337 TYR A C   1 
ATOM   1136 O O   . TYR A 1 146 ? -6.222  13.609  16.187  1.00 36.41 ? 337 TYR A O   1 
ATOM   1137 C CB  . TYR A 1 146 ? -5.878  12.777  12.944  1.00 32.14 ? 337 TYR A CB  1 
ATOM   1138 C CG  . TYR A 1 146 ? -4.776  12.087  12.184  1.00 32.27 ? 337 TYR A CG  1 
ATOM   1139 C CD1 . TYR A 1 146 ? -5.064  11.060  11.272  1.00 28.28 ? 337 TYR A CD1 1 
ATOM   1140 C CD2 . TYR A 1 146 ? -3.443  12.399  12.436  1.00 27.22 ? 337 TYR A CD2 1 
ATOM   1141 C CE1 . TYR A 1 146 ? -4.043  10.354  10.630  1.00 21.53 ? 337 TYR A CE1 1 
ATOM   1142 C CE2 . TYR A 1 146 ? -2.409  11.702  11.810  1.00 31.16 ? 337 TYR A CE2 1 
ATOM   1143 C CZ  . TYR A 1 146 ? -2.716  10.673  10.912  1.00 30.41 ? 337 TYR A CZ  1 
ATOM   1144 O OH  . TYR A 1 146 ? -1.696  9.917   10.373  1.00 32.03 ? 337 TYR A OH  1 
HETATM 1145 O O   . HOH B 2 .   ? -3.388  2.532   12.549  1.00 24.01 ? 1   HOH A O   1 
HETATM 1146 O O   . HOH B 2 .   ? 1.376   3.725   -8.463  1.00 16.54 ? 2   HOH A O   1 
HETATM 1147 O O   . HOH B 2 .   ? 15.191  -9.581  10.368  1.00 22.15 ? 3   HOH A O   1 
HETATM 1148 O O   . HOH B 2 .   ? 8.890   -8.551  11.236  1.00 22.13 ? 4   HOH A O   1 
HETATM 1149 O O   . HOH B 2 .   ? -2.413  -9.450  1.323   1.00 19.79 ? 5   HOH A O   1 
HETATM 1150 O O   . HOH B 2 .   ? 3.876   2.279   7.551   1.00 20.14 ? 6   HOH A O   1 
HETATM 1151 O O   . HOH B 2 .   ? 4.882   -6.307  10.101  1.00 21.21 ? 7   HOH A O   1 
HETATM 1152 O O   . HOH B 2 .   ? 2.800   3.292   4.138   1.00 20.89 ? 8   HOH A O   1 
HETATM 1153 O O   . HOH B 2 .   ? -7.714  8.360   6.260   1.00 25.80 ? 9   HOH A O   1 
HETATM 1154 O O   . HOH B 2 .   ? 7.579   2.154   13.216  1.00 22.55 ? 10  HOH A O   1 
HETATM 1155 O O   . HOH B 2 .   ? -15.240 -6.240  -4.890  1.00 23.41 ? 11  HOH A O   1 
HETATM 1156 O O   . HOH B 2 .   ? 5.633   -4.417  11.982  1.00 24.83 ? 12  HOH A O   1 
HETATM 1157 O O   . HOH B 2 .   ? -19.907 1.760   -8.803  1.00 50.56 ? 13  HOH A O   1 
HETATM 1158 O O   . HOH B 2 .   ? 3.535   -2.964  12.959  1.00 29.94 ? 14  HOH A O   1 
HETATM 1159 O O   . HOH B 2 .   ? -5.751  1.143   -12.817 1.00 30.58 ? 15  HOH A O   1 
HETATM 1160 O O   . HOH B 2 .   ? 5.813   -14.510 -6.301  1.00 31.60 ? 16  HOH A O   1 
HETATM 1161 O O   . HOH B 2 .   ? 12.965  -6.704  -3.664  1.00 28.98 ? 17  HOH A O   1 
HETATM 1162 O O   . HOH B 2 .   ? 12.941  -11.059 -5.677  1.00 22.07 ? 18  HOH A O   1 
HETATM 1163 O O   . HOH B 2 .   ? -14.202 -7.952  -11.534 1.00 36.65 ? 19  HOH A O   1 
HETATM 1164 O O   . HOH B 2 .   ? 8.670   -12.883 8.434   1.00 27.13 ? 20  HOH A O   1 
HETATM 1165 O O   . HOH B 2 .   ? 4.411   8.097   1.057   1.00 33.42 ? 21  HOH A O   1 
HETATM 1166 O O   . HOH B 2 .   ? 15.848  -2.003  -6.373  1.00 27.33 ? 22  HOH A O   1 
HETATM 1167 O O   . HOH B 2 .   ? 6.749   -3.224  -9.084  1.00 22.56 ? 23  HOH A O   1 
HETATM 1168 O O   . HOH B 2 .   ? 0.918   1.755   12.847  1.00 40.28 ? 24  HOH A O   1 
HETATM 1169 O O   . HOH B 2 .   ? -5.384  -1.484  -12.546 1.00 23.62 ? 25  HOH A O   1 
HETATM 1170 O O   . HOH B 2 .   ? 2.327   13.035  -7.404  1.00 36.44 ? 26  HOH A O   1 
HETATM 1171 O O   . HOH B 2 .   ? -6.586  -2.067  -15.600 1.00 24.52 ? 27  HOH A O   1 
HETATM 1172 O O   . HOH B 2 .   ? 1.742   -10.209 -9.410  1.00 29.00 ? 28  HOH A O   1 
HETATM 1173 O O   . HOH B 2 .   ? 14.643  -3.923  6.503   1.00 25.66 ? 29  HOH A O   1 
HETATM 1174 O O   . HOH B 2 .   ? -17.603 -2.642  -10.799 1.00 25.90 ? 30  HOH A O   1 
HETATM 1175 O O   . HOH B 2 .   ? -9.745  -4.020  13.503  1.00 42.20 ? 31  HOH A O   1 
HETATM 1176 O O   . HOH B 2 .   ? -15.147 2.810   6.597   1.00 30.36 ? 32  HOH A O   1 
HETATM 1177 O O   . HOH B 2 .   ? -0.418  7.709   4.064   1.00 31.15 ? 33  HOH A O   1 
HETATM 1178 O O   . HOH B 2 .   ? 9.017   6.670   5.634   1.00 37.53 ? 34  HOH A O   1 
HETATM 1179 O O   . HOH B 2 .   ? -13.914 -7.944  1.925   1.00 26.95 ? 35  HOH A O   1 
HETATM 1180 O O   . HOH B 2 .   ? -3.444  14.098  -3.794  1.00 42.66 ? 36  HOH A O   1 
HETATM 1181 O O   . HOH B 2 .   ? 6.734   -1.405  -11.112 1.00 36.52 ? 37  HOH A O   1 
HETATM 1182 O O   . HOH B 2 .   ? -2.656  11.301  -8.570  1.00 38.38 ? 38  HOH A O   1 
HETATM 1183 O O   . HOH B 2 .   ? -9.569  0.972   -16.369 1.00 33.53 ? 39  HOH A O   1 
HETATM 1184 O O   . HOH B 2 .   ? 6.839   -8.314  9.546   1.00 32.05 ? 40  HOH A O   1 
HETATM 1185 O O   . HOH B 2 .   ? -2.022  3.498   -14.792 1.00 31.25 ? 41  HOH A O   1 
HETATM 1186 O O   . HOH B 2 .   ? -6.731  6.090   -13.947 1.00 36.73 ? 42  HOH A O   1 
HETATM 1187 O O   . HOH B 2 .   ? 0.301   5.932   2.258   1.00 38.10 ? 43  HOH A O   1 
HETATM 1188 O O   . HOH B 2 .   ? 3.330   -8.526  10.763  1.00 26.82 ? 44  HOH A O   1 
HETATM 1189 O O   . HOH B 2 .   ? 7.605   -15.617 4.589   1.00 36.85 ? 45  HOH A O   1 
HETATM 1190 O O   . HOH B 2 .   ? -6.121  -11.448 5.927   1.00 46.62 ? 46  HOH A O   1 
HETATM 1191 O O   . HOH B 2 .   ? -5.837  -8.754  -8.900  1.00 32.40 ? 47  HOH A O   1 
HETATM 1192 O O   . HOH B 2 .   ? -11.129 4.683   15.503  1.00 42.71 ? 48  HOH A O   1 
HETATM 1193 O O   . HOH B 2 .   ? -3.547  11.204  -6.037  1.00 29.11 ? 49  HOH A O   1 
HETATM 1194 O O   . HOH B 2 .   ? -1.935  10.360  -11.019 1.00 43.89 ? 50  HOH A O   1 
HETATM 1195 O O   . HOH B 2 .   ? -11.341 -8.185  -4.352  1.00 33.81 ? 51  HOH A O   1 
HETATM 1196 O O   . HOH B 2 .   ? 0.711   10.988  11.215  1.00 35.25 ? 52  HOH A O   1 
HETATM 1197 O O   . HOH B 2 .   ? 11.290  -8.692  -4.282  1.00 37.64 ? 53  HOH A O   1 
HETATM 1198 O O   . HOH B 2 .   ? 7.332   -2.232  15.437  1.00 34.31 ? 54  HOH A O   1 
HETATM 1199 O O   . HOH B 2 .   ? -1.826  12.001  1.994   1.00 42.17 ? 55  HOH A O   1 
HETATM 1200 O O   . HOH B 2 .   ? -17.755 11.568  -1.997  1.00 38.87 ? 56  HOH A O   1 
HETATM 1201 O O   . HOH B 2 .   ? -18.809 -0.455  -8.131  1.00 41.63 ? 57  HOH A O   1 
HETATM 1202 O O   . HOH B 2 .   ? -5.799  12.642  4.568   1.00 48.36 ? 58  HOH A O   1 
HETATM 1203 O O   . HOH B 2 .   ? 8.112   5.653   -10.608 1.00 39.32 ? 59  HOH A O   1 
HETATM 1204 O O   . HOH B 2 .   ? 14.528  9.732   -7.229  1.00 40.47 ? 60  HOH A O   1 
HETATM 1205 O O   . HOH B 2 .   ? 4.862   4.992   14.354  1.00 38.86 ? 61  HOH A O   1 
HETATM 1206 O O   . HOH B 2 .   ? -0.206  -14.976 4.882   1.00 33.83 ? 62  HOH A O   1 
HETATM 1207 O O   . HOH B 2 .   ? -7.052  -7.893  13.166  1.00 47.90 ? 63  HOH A O   1 
HETATM 1208 O O   . HOH B 2 .   ? 2.812   3.782   -16.322 1.00 45.29 ? 64  HOH A O   1 
HETATM 1209 O O   . HOH B 2 .   ? 3.120   6.042   0.163   1.00 30.14 ? 65  HOH A O   1 
HETATM 1210 O O   . HOH B 2 .   ? -5.039  11.397  -9.408  1.00 50.88 ? 66  HOH A O   1 
HETATM 1211 O O   . HOH B 2 .   ? -7.678  6.372   17.848  1.00 43.03 ? 67  HOH A O   1 
HETATM 1212 O O   . HOH B 2 .   ? 14.169  -2.003  14.014  1.00 34.19 ? 68  HOH A O   1 
HETATM 1213 O O   . HOH B 2 .   ? -9.971  -11.365 -0.004  1.00 45.47 ? 69  HOH A O   1 
HETATM 1214 O O   . HOH B 2 .   ? 13.828  5.435   -12.959 1.00 33.49 ? 70  HOH A O   1 
HETATM 1215 O O   . HOH B 2 .   ? -12.993 -7.656  -7.263  1.00 36.10 ? 71  HOH A O   1 
HETATM 1216 O O   . HOH B 2 .   ? 9.342   6.640   -12.381 1.00 48.18 ? 72  HOH A O   1 
HETATM 1217 O O   . HOH B 2 .   ? 0.173   -8.780  11.025  1.00 38.57 ? 73  HOH A O   1 
HETATM 1218 O O   . HOH B 2 .   ? 12.179  1.271   15.671  1.00 52.78 ? 74  HOH A O   1 
HETATM 1219 O O   . HOH B 2 .   ? 7.104   -5.513  13.872  1.00 25.45 ? 75  HOH A O   1 
HETATM 1220 O O   . HOH B 2 .   ? 4.805   -7.030  14.725  1.00 43.85 ? 76  HOH A O   1 
HETATM 1221 O O   . HOH B 2 .   ? -13.835 -8.423  -0.891  1.00 37.92 ? 77  HOH A O   1 
HETATM 1222 O O   . HOH B 2 .   ? 19.261  2.729   -3.728  0.50 47.46 ? 78  HOH A O   1 
HETATM 1223 O O   . HOH B 2 .   ? -7.539  10.322  -16.122 1.00 36.37 ? 79  HOH A O   1 
HETATM 1224 O O   . HOH B 2 .   ? 1.439   7.364   6.522   1.00 52.42 ? 80  HOH A O   1 
HETATM 1225 O O   . HOH B 2 .   ? 0.499   3.565   14.222  1.00 35.96 ? 81  HOH A O   1 
HETATM 1226 O O   . HOH B 2 .   ? 14.468  -13.832 -4.301  1.00 50.88 ? 82  HOH A O   1 
HETATM 1227 O O   . HOH B 2 .   ? 1.439   -15.757 2.565   1.00 36.10 ? 83  HOH A O   1 
HETATM 1228 O O   . HOH B 2 .   ? 16.728  10.093  -6.216  1.00 35.92 ? 84  HOH A O   1 
HETATM 1229 O O   . HOH B 2 .   ? 0.954   5.587   -0.860  1.00 24.78 ? 85  HOH A O   1 
HETATM 1230 O O   . HOH B 2 .   ? -5.052  13.308  -5.310  1.00 35.36 ? 86  HOH A O   1 
HETATM 1231 O O   . HOH B 2 .   ? 14.427  -2.621  -8.179  1.00 40.01 ? 87  HOH A O   1 
HETATM 1232 O O   . HOH B 2 .   ? -19.065 7.612   -5.461  1.00 37.23 ? 88  HOH A O   1 
HETATM 1233 O O   . HOH B 2 .   ? -19.113 -4.966  -1.367  1.00 36.53 ? 89  HOH A O   1 
HETATM 1234 O O   . HOH B 2 .   ? -10.354 7.997   6.369   1.00 44.38 ? 90  HOH A O   1 
HETATM 1235 O O   . HOH B 2 .   ? 15.343  9.177   6.337   1.00 55.38 ? 91  HOH A O   1 
HETATM 1236 O O   . HOH B 2 .   ? 7.421   8.113   5.033   1.00 40.21 ? 92  HOH A O   1 
HETATM 1237 O O   . HOH B 2 .   ? 12.214  0.659   7.742   1.00 17.37 ? 93  HOH A O   1 
HETATM 1238 O O   . HOH B 2 .   ? -9.690  -7.034  9.502   1.00 21.65 ? 94  HOH A O   1 
HETATM 1239 O O   . HOH B 2 .   ? 3.198   -12.327 10.309  1.00 24.63 ? 95  HOH A O   1 
HETATM 1240 O O   . HOH B 2 .   ? -7.922  -0.429  16.265  1.00 31.57 ? 96  HOH A O   1 
HETATM 1241 O O   . HOH B 2 .   ? 9.923   -3.713  -9.601  1.00 32.97 ? 97  HOH A O   1 
HETATM 1242 O O   . HOH B 2 .   ? 2.433   5.782   2.423   1.00 39.34 ? 98  HOH A O   1 
HETATM 1243 O O   . HOH B 2 .   ? -17.550 -6.874  -2.974  1.00 40.35 ? 99  HOH A O   1 
HETATM 1244 O O   . HOH B 2 .   ? 9.619   -14.735 6.450   1.00 46.06 ? 100 HOH A O   1 
HETATM 1245 O O   . HOH B 2 .   ? -15.424 8.630   -16.728 1.00 45.45 ? 101 HOH A O   1 
HETATM 1246 O O   . HOH B 2 .   ? 7.047   -18.039 -4.467  1.00 47.11 ? 102 HOH A O   1 
HETATM 1247 O O   . HOH B 2 .   ? 14.942  5.295   8.977   1.00 37.27 ? 103 HOH A O   1 
HETATM 1248 O O   . HOH B 2 .   ? -19.238 7.944   -9.011  1.00 45.55 ? 104 HOH A O   1 
HETATM 1249 O O   . HOH B 2 .   ? -13.378 3.676   10.615  1.00 41.96 ? 105 HOH A O   1 
HETATM 1250 O O   . HOH B 2 .   ? 4.046   -5.178  -9.677  1.00 44.29 ? 106 HOH A O   1 
HETATM 1251 O O   . HOH B 2 .   ? -10.814 14.854  8.457   1.00 44.79 ? 107 HOH A O   1 
HETATM 1252 O O   . HOH B 2 .   ? -12.552 14.388  10.261  1.00 49.34 ? 108 HOH A O   1 
HETATM 1253 O O   . HOH B 2 .   ? 5.100   -1.021  14.392  1.00 50.65 ? 109 HOH A O   1 
HETATM 1254 O O   . HOH B 2 .   ? 0.269   -3.249  14.668  1.00 39.95 ? 110 HOH A O   1 
HETATM 1255 O O   . HOH B 2 .   ? -6.982  -10.538 0.280   1.00 26.53 ? 111 HOH A O   1 
HETATM 1256 O O   . HOH B 2 .   ? 8.650   17.329  -11.051 1.00 49.37 ? 112 HOH A O   1 
HETATM 1257 O O   . HOH B 2 .   ? -3.395  -2.517  -14.120 1.00 43.91 ? 113 HOH A O   1 
HETATM 1258 O O   . HOH B 2 .   ? 7.596   4.705   7.069   1.00 40.90 ? 114 HOH A O   1 
HETATM 1259 O O   . HOH B 2 .   ? -5.564  -11.991 9.463   1.00 47.75 ? 115 HOH A O   1 
HETATM 1260 O O   . HOH B 2 .   ? -20.703 -1.406  -9.078  1.00 41.97 ? 116 HOH A O   1 
HETATM 1261 O O   . HOH B 2 .   ? -10.520 7.122   -17.224 1.00 41.42 ? 117 HOH A O   1 
HETATM 1262 O O   . HOH B 2 .   ? -14.846 -8.135  -13.708 1.00 48.92 ? 118 HOH A O   1 
HETATM 1263 O O   . HOH B 2 .   ? -0.218  7.266   -0.915  1.00 42.14 ? 119 HOH A O   1 
HETATM 1264 O O   . HOH B 2 .   ? -9.997  9.793   -16.896 1.00 45.93 ? 120 HOH A O   1 
HETATM 1265 O O   . HOH B 2 .   ? 0.156   -16.862 6.485   1.00 41.52 ? 121 HOH A O   1 
HETATM 1266 O O   . HOH B 2 .   ? -0.963  -10.663 11.753  1.00 50.99 ? 122 HOH A O   1 
HETATM 1267 O O   . HOH B 2 .   ? -13.354 4.484   8.158   1.00 48.63 ? 123 HOH A O   1 
HETATM 1268 O O   . HOH B 2 .   ? 13.695  -14.911 -2.268  1.00 46.36 ? 124 HOH A O   1 
HETATM 1269 O O   . HOH B 2 .   ? 3.819   4.530   6.433   1.00 41.88 ? 125 HOH A O   1 
HETATM 1270 O O   . HOH B 2 .   ? 13.156  10.760  3.847   1.00 50.72 ? 126 HOH A O   1 
HETATM 1271 O O   . HOH B 2 .   ? 9.247   -2.503  -12.339 1.00 42.33 ? 127 HOH A O   1 
HETATM 1272 O O   . HOH B 2 .   ? 4.099   -12.294 -9.183  1.00 50.96 ? 128 HOH A O   1 
HETATM 1273 O O   . HOH B 2 .   ? -17.588 -3.570  7.884   1.00 41.71 ? 129 HOH A O   1 
HETATM 1274 O O   . HOH B 2 .   ? -13.140 -6.966  -2.819  1.00 46.68 ? 130 HOH A O   1 
HETATM 1275 O O   . HOH B 2 .   ? 7.035   9.797   -15.198 1.00 44.10 ? 131 HOH A O   1 
HETATM 1276 O O   . HOH B 2 .   ? 13.409  11.061  -2.276  1.00 42.98 ? 132 HOH A O   1 
HETATM 1277 O O   . HOH B 2 .   ? 12.105  -2.958  -8.359  1.00 32.79 ? 133 HOH A O   1 
HETATM 1278 O O   . HOH B 2 .   ? 4.221   7.873   12.684  1.00 48.23 ? 134 HOH A O   1 
HETATM 1279 O O   . HOH B 2 .   ? 0.038   6.567   -14.591 1.00 42.37 ? 135 HOH A O   1 
HETATM 1280 O O   . HOH B 2 .   ? -0.360  9.983   2.604   1.00 44.67 ? 136 HOH A O   1 
HETATM 1281 O O   . HOH B 2 .   ? 4.614   -15.603 -4.810  1.00 48.55 ? 137 HOH A O   1 
HETATM 1282 O O   . HOH B 2 .   ? -1.387  -14.962 -0.070  1.00 42.11 ? 138 HOH A O   1 
HETATM 1283 O O   . HOH B 2 .   ? -20.700 6.920   -7.470  1.00 50.75 ? 139 HOH A O   1 
HETATM 1284 O O   . HOH B 2 .   ? 2.480   7.166   8.739   1.00 50.07 ? 140 HOH A O   1 
HETATM 1285 O O   . HOH B 2 .   ? -18.246 7.497   -15.239 1.00 41.51 ? 141 HOH A O   1 
HETATM 1286 O O   . HOH B 2 .   ? -18.143 10.350  -7.930  1.00 50.82 ? 142 HOH A O   1 
HETATM 1287 O O   . HOH B 2 .   ? -18.417 -3.938  2.857   1.00 40.89 ? 143 HOH A O   1 
HETATM 1288 O O   . HOH B 2 .   ? -5.563  -13.321 5.014   1.00 51.78 ? 144 HOH A O   1 
HETATM 1289 O O   . HOH B 2 .   ? -14.360 1.886   13.992  1.00 49.81 ? 145 HOH A O   1 
HETATM 1290 O O   . HOH B 2 .   ? 2.885   11.398  -8.770  1.00 50.59 ? 146 HOH A O   1 
HETATM 1291 O O   . HOH B 2 .   ? -5.646  4.754   -15.482 1.00 51.55 ? 147 HOH A O   1 
HETATM 1292 O O   . HOH B 2 .   ? 17.041  11.119  8.845   1.00 58.89 ? 148 HOH A O   1 
HETATM 1293 O O   . HOH B 2 .   ? 3.041   -17.663 -0.537  1.00 44.35 ? 149 HOH A O   1 
HETATM 1294 O O   . HOH B 2 .   ? -16.762 -7.886  2.226   1.00 44.45 ? 150 HOH A O   1 
HETATM 1295 O O   . HOH B 2 .   ? 14.982  -12.521 1.367   1.00 47.76 ? 151 HOH A O   1 
HETATM 1296 O O   . HOH B 2 .   ? 7.061   -16.581 -8.228  1.00 48.79 ? 152 HOH A O   1 
HETATM 1297 O O   . HOH B 2 .   ? -8.351  -12.233 -4.401  1.00 55.78 ? 153 HOH A O   1 
HETATM 1298 O O   . HOH B 2 .   ? 17.255  7.161   -0.956  1.00 41.39 ? 154 HOH A O   1 
HETATM 1299 O O   . HOH B 2 .   ? -6.997  13.914  18.490  1.00 46.27 ? 155 HOH A O   1 
HETATM 1300 O O   . HOH B 2 .   ? -9.470  -6.947  -7.807  1.00 50.06 ? 156 HOH A O   1 
HETATM 1301 O O   . HOH B 2 .   ? -19.361 -1.484  3.509   1.00 47.01 ? 157 HOH A O   1 
HETATM 1302 O O   . HOH B 2 .   ? 9.790   15.432  -11.319 1.00 47.50 ? 158 HOH A O   1 
HETATM 1303 O O   . HOH B 2 .   ? 10.681  4.364   -13.306 1.00 47.98 ? 159 HOH A O   1 
HETATM 1304 O O   . HOH B 2 .   ? -17.724 -1.572  1.496   1.00 48.83 ? 160 HOH A O   1 
HETATM 1305 O O   . HOH B 2 .   ? 20.077  6.457   -5.297  1.00 44.28 ? 161 HOH A O   1 
HETATM 1306 O O   . HOH B 2 .   ? 5.053   -8.026  17.092  1.00 46.53 ? 162 HOH A O   1 
HETATM 1307 O O   . HOH B 2 .   ? -9.352  16.273  10.331  1.00 48.74 ? 163 HOH A O   1 
HETATM 1308 O O   . HOH B 2 .   ? -6.920  16.756  12.106  1.00 35.61 ? 164 HOH A O   1 
HETATM 1309 O O   . HOH B 2 .   ? -12.078 -7.964  -10.485 1.00 48.23 ? 165 HOH A O   1 
HETATM 1310 O O   . HOH B 2 .   ? -10.694 13.337  12.368  1.00 54.95 ? 166 HOH A O   1 
HETATM 1311 O O   . HOH B 2 .   ? -18.665 -14.366 11.884  1.00 57.83 ? 167 HOH A O   1 
# 
loop_
_pdbx_poly_seq_scheme.asym_id 
_pdbx_poly_seq_scheme.entity_id 
_pdbx_poly_seq_scheme.seq_id 
_pdbx_poly_seq_scheme.mon_id 
_pdbx_poly_seq_scheme.ndb_seq_num 
_pdbx_poly_seq_scheme.pdb_seq_num 
_pdbx_poly_seq_scheme.auth_seq_num 
_pdbx_poly_seq_scheme.pdb_mon_id 
_pdbx_poly_seq_scheme.auth_mon_id 
_pdbx_poly_seq_scheme.pdb_strand_id 
_pdbx_poly_seq_scheme.pdb_ins_code 
_pdbx_poly_seq_scheme.hetero 
A 1 1   MET 1   192 ?   ?   ?   A . n 
A 1 2   THR 2   193 ?   ?   ?   A . n 
A 1 3   PRO 3   194 ?   ?   ?   A . n 
A 1 4   GLY 4   195 195 GLY GLY A . n 
A 1 5   LYS 5   196 196 LYS LYS A . n 
A 1 6   LEU 6   197 197 LEU LEU A . n 
A 1 7   TYR 7   198 198 TYR TYR A . n 
A 1 8   THR 8   199 199 THR THR A . n 
A 1 9   LEU 9   200 200 LEU LEU A . n 
A 1 10  ARG 10  201 201 ARG ARG A . n 
A 1 11  TYR 11  202 202 TYR TYR A . n 
A 1 12  GLU 12  203 203 GLU GLU A . n 
A 1 13  VAL 13  204 204 VAL VAL A . n 
A 1 14  GLU 14  205 205 GLU GLU A . n 
A 1 15  GLY 15  206 206 GLY GLY A . n 
A 1 16  GLY 16  207 207 GLY GLY A . n 
A 1 17  GLY 17  208 208 GLY GLY A . n 
A 1 18  PHE 18  209 209 PHE PHE A . n 
A 1 19  ILE 19  210 210 ILE ILE A . n 
A 1 20  GLU 20  211 211 GLU GLU A . n 
A 1 21  ILE 21  212 212 ILE ILE A . n 
A 1 22  ALA 22  213 213 ALA ALA A . n 
A 1 23  THR 23  214 214 THR THR A . n 
A 1 24  VAL 24  215 215 VAL VAL A . n 
A 1 25  ARG 25  216 216 ARG ARG A . n 
A 1 26  PRO 26  217 217 PRO PRO A . n 
A 1 27  GLU 27  218 218 GLU GLU A . n 
A 1 28  THR 28  219 219 THR THR A . n 
A 1 29  VAL 29  220 220 VAL VAL A . n 
A 1 30  PHE 30  221 221 PHE PHE A . n 
A 1 31  ALA 31  222 222 ALA ALA A . n 
A 1 32  ASP 32  223 223 ASP ASP A . n 
A 1 33  GLN 33  224 224 GLN GLN A . n 
A 1 34  ALA 34  225 225 ALA ALA A . n 
A 1 35  ILE 35  226 226 ILE ILE A . n 
A 1 36  ALA 36  227 227 ALA ALA A . n 
A 1 37  VAL 37  228 228 VAL VAL A . n 
A 1 38  HIS 38  229 229 HIS HIS A . n 
A 1 39  PRO 39  230 230 PRO PRO A . n 
A 1 40  GLU 40  231 231 GLU GLU A . n 
A 1 41  ASP 41  232 232 ASP ASP A . n 
A 1 42  GLU 42  233 233 GLU GLU A . n 
A 1 43  ARG 43  234 234 ARG ARG A . n 
A 1 44  TYR 44  235 235 TYR TYR A . n 
A 1 45  ARG 45  236 236 ARG ARG A . n 
A 1 46  HIS 46  237 237 HIS HIS A . n 
A 1 47  LEU 47  238 238 LEU LEU A . n 
A 1 48  LEU 48  239 239 LEU LEU A . n 
A 1 49  GLY 49  240 240 GLY GLY A . n 
A 1 50  LYS 50  241 241 LYS LYS A . n 
A 1 51  ARG 51  242 242 ARG ARG A . n 
A 1 52  ALA 52  243 243 ALA ALA A . n 
A 1 53  ARG 53  244 244 ARG ARG A . n 
A 1 54  ILE 54  245 245 ILE ILE A . n 
A 1 55  PRO 55  246 246 PRO PRO A . n 
A 1 56  LEU 56  247 247 LEU LEU A . n 
A 1 57  THR 57  248 248 THR THR A . n 
A 1 58  GLU 58  249 249 GLU GLU A . n 
A 1 59  VAL 59  250 250 VAL VAL A . n 
A 1 60  TRP 60  251 251 TRP TRP A . n 
A 1 61  ILE 61  252 252 ILE ILE A . n 
A 1 62  PRO 62  253 253 PRO PRO A . n 
A 1 63  ILE 63  254 254 ILE ILE A . n 
A 1 64  LEU 64  255 255 LEU LEU A . n 
A 1 65  ALA 65  256 256 ALA ALA A . n 
A 1 66  ASP 66  257 257 ASP ASP A . n 
A 1 67  PRO 67  258 258 PRO PRO A . n 
A 1 68  ALA 68  259 259 ALA ALA A . n 
A 1 69  VAL 69  260 260 VAL VAL A . n 
A 1 70  GLU 70  261 261 GLU GLU A . n 
A 1 71  LYS 71  262 262 LYS LYS A . n 
A 1 72  ASP 72  263 263 ASP ASP A . n 
A 1 73  PHE 73  264 264 PHE PHE A . n 
A 1 74  GLY 74  265 265 GLY GLY A . n 
A 1 75  THR 75  266 266 THR THR A . n 
A 1 76  GLY 76  267 267 GLY GLY A . n 
A 1 77  ALA 77  268 268 ALA ALA A . n 
A 1 78  LEU 78  269 269 LEU LEU A . n 
A 1 79  LYS 79  270 270 LYS LYS A . n 
A 1 80  VAL 80  271 271 VAL VAL A . n 
A 1 81  THR 81  272 272 THR THR A . n 
A 1 82  PRO 82  273 273 PRO PRO A . n 
A 1 83  ALA 83  274 274 ALA ALA A . n 
A 1 84  HIS 84  275 275 HIS HIS A . n 
A 1 85  ASP 85  276 276 ASP ASP A . n 
A 1 86  PRO 86  277 277 PRO PRO A . n 
A 1 87  LEU 87  278 278 LEU LEU A . n 
A 1 88  ASP 88  279 279 ASP ASP A . n 
A 1 89  TYR 89  280 280 TYR TYR A . n 
A 1 90  GLU 90  281 281 GLU GLU A . n 
A 1 91  ILE 91  282 282 ILE ILE A . n 
A 1 92  GLY 92  283 283 GLY GLY A . n 
A 1 93  GLU 93  284 284 GLU GLU A . n 
A 1 94  ARG 94  285 285 ARG ARG A . n 
A 1 95  HIS 95  286 286 HIS HIS A . n 
A 1 96  GLY 96  287 287 GLY GLY A . n 
A 1 97  LEU 97  288 288 LEU LEU A . n 
A 1 98  LYS 98  289 289 LYS LYS A . n 
A 1 99  PRO 99  290 290 PRO PRO A . n 
A 1 100 VAL 100 291 291 VAL VAL A . n 
A 1 101 SER 101 292 292 SER SER A . n 
A 1 102 VAL 102 293 293 VAL VAL A . n 
A 1 103 ILE 103 294 294 ILE ILE A . n 
A 1 104 ASN 104 295 295 ASN ASN A . n 
A 1 105 LEU 105 296 296 LEU LEU A . n 
A 1 106 GLU 106 297 297 GLU GLU A . n 
A 1 107 GLY 107 298 298 GLY GLY A . n 
A 1 108 ARG 108 299 299 ARG ARG A . n 
A 1 109 MET 109 300 300 MET MET A . n 
A 1 110 GLU 110 301 301 GLU GLU A . n 
A 1 111 GLY 111 302 302 GLY GLY A . n 
A 1 112 GLU 112 303 303 GLU GLU A . n 
A 1 113 ARG 113 304 304 ARG ARG A . n 
A 1 114 VAL 114 305 305 VAL VAL A . n 
A 1 115 PRO 115 306 306 PRO PRO A . n 
A 1 116 GLU 116 307 307 GLU GLU A . n 
A 1 117 ALA 117 308 308 ALA ALA A . n 
A 1 118 LEU 118 309 309 LEU LEU A . n 
A 1 119 ARG 119 310 310 ARG ARG A . n 
A 1 120 GLY 120 311 311 GLY GLY A . n 
A 1 121 LEU 121 312 312 LEU LEU A . n 
A 1 122 ASP 122 313 313 ASP ASP A . n 
A 1 123 ARG 123 314 314 ARG ARG A . n 
A 1 124 PHE 124 315 315 PHE PHE A . n 
A 1 125 GLU 125 316 316 GLU GLU A . n 
A 1 126 ALA 126 317 317 ALA ALA A . n 
A 1 127 ARG 127 318 318 ARG ARG A . n 
A 1 128 ARG 128 319 319 ARG ARG A . n 
A 1 129 LYS 129 320 320 LYS LYS A . n 
A 1 130 ALA 130 321 321 ALA ALA A . n 
A 1 131 VAL 131 322 322 VAL VAL A . n 
A 1 132 GLU 132 323 323 GLU GLU A . n 
A 1 133 LEU 133 324 324 LEU LEU A . n 
A 1 134 PHE 134 325 325 PHE PHE A . n 
A 1 135 ARG 135 326 326 ARG ARG A . n 
A 1 136 GLU 136 327 327 GLU GLU A . n 
A 1 137 ALA 137 328 328 ALA ALA A . n 
A 1 138 GLY 138 329 329 GLY GLY A . n 
A 1 139 HIS 139 330 330 HIS HIS A . n 
A 1 140 LEU 140 331 331 LEU LEU A . n 
A 1 141 VAL 141 332 332 VAL VAL A . n 
A 1 142 LYS 142 333 333 LYS LYS A . n 
A 1 143 GLU 143 334 334 GLU GLU A . n 
A 1 144 GLU 144 335 335 GLU GLU A . n 
A 1 145 ASP 145 336 336 ASP ASP A . n 
A 1 146 TYR 146 337 337 TYR TYR A . n 
A 1 147 THR 147 338 ?   ?   ?   A . n 
# 
_pdbx_SG_project.id                    1 
_pdbx_SG_project.project_name          ? 
_pdbx_SG_project.full_name_of_center   'RIKEN Structural Genomics/Proteomics Initiative' 
_pdbx_SG_project.initial_of_center     RSGI 
# 
loop_
_pdbx_nonpoly_scheme.asym_id 
_pdbx_nonpoly_scheme.entity_id 
_pdbx_nonpoly_scheme.mon_id 
_pdbx_nonpoly_scheme.ndb_seq_num 
_pdbx_nonpoly_scheme.pdb_seq_num 
_pdbx_nonpoly_scheme.auth_seq_num 
_pdbx_nonpoly_scheme.pdb_mon_id 
_pdbx_nonpoly_scheme.auth_mon_id 
_pdbx_nonpoly_scheme.pdb_strand_id 
_pdbx_nonpoly_scheme.pdb_ins_code 
B 2 HOH 1   1   1   HOH TIP A . 
B 2 HOH 2   2   2   HOH TIP A . 
B 2 HOH 3   3   3   HOH TIP A . 
B 2 HOH 4   4   4   HOH TIP A . 
B 2 HOH 5   5   5   HOH TIP A . 
B 2 HOH 6   6   6   HOH TIP A . 
B 2 HOH 7   7   7   HOH TIP A . 
B 2 HOH 8   8   8   HOH TIP A . 
B 2 HOH 9   9   9   HOH TIP A . 
B 2 HOH 10  10  10  HOH TIP A . 
B 2 HOH 11  11  11  HOH TIP A . 
B 2 HOH 12  12  12  HOH TIP A . 
B 2 HOH 13  13  13  HOH TIP A . 
B 2 HOH 14  14  14  HOH TIP A . 
B 2 HOH 15  15  15  HOH TIP A . 
B 2 HOH 16  16  16  HOH TIP A . 
B 2 HOH 17  17  17  HOH TIP A . 
B 2 HOH 18  18  18  HOH TIP A . 
B 2 HOH 19  19  19  HOH TIP A . 
B 2 HOH 20  20  20  HOH TIP A . 
B 2 HOH 21  21  21  HOH TIP A . 
B 2 HOH 22  22  22  HOH TIP A . 
B 2 HOH 23  23  23  HOH TIP A . 
B 2 HOH 24  24  24  HOH TIP A . 
B 2 HOH 25  25  25  HOH TIP A . 
B 2 HOH 26  26  26  HOH TIP A . 
B 2 HOH 27  27  27  HOH TIP A . 
B 2 HOH 28  28  28  HOH TIP A . 
B 2 HOH 29  29  29  HOH TIP A . 
B 2 HOH 30  30  30  HOH TIP A . 
B 2 HOH 31  31  31  HOH TIP A . 
B 2 HOH 32  32  32  HOH TIP A . 
B 2 HOH 33  33  33  HOH TIP A . 
B 2 HOH 34  34  34  HOH TIP A . 
B 2 HOH 35  35  35  HOH TIP A . 
B 2 HOH 36  36  36  HOH TIP A . 
B 2 HOH 37  37  37  HOH TIP A . 
B 2 HOH 38  38  38  HOH TIP A . 
B 2 HOH 39  39  39  HOH TIP A . 
B 2 HOH 40  40  40  HOH TIP A . 
B 2 HOH 41  41  41  HOH TIP A . 
B 2 HOH 42  42  42  HOH TIP A . 
B 2 HOH 43  43  43  HOH TIP A . 
B 2 HOH 44  44  44  HOH TIP A . 
B 2 HOH 45  45  45  HOH TIP A . 
B 2 HOH 46  46  46  HOH TIP A . 
B 2 HOH 47  47  47  HOH TIP A . 
B 2 HOH 48  48  48  HOH TIP A . 
B 2 HOH 49  49  49  HOH TIP A . 
B 2 HOH 50  50  50  HOH TIP A . 
B 2 HOH 51  51  51  HOH TIP A . 
B 2 HOH 52  52  52  HOH TIP A . 
B 2 HOH 53  53  53  HOH TIP A . 
B 2 HOH 54  54  54  HOH TIP A . 
B 2 HOH 55  55  55  HOH TIP A . 
B 2 HOH 56  56  56  HOH TIP A . 
B 2 HOH 57  57  57  HOH TIP A . 
B 2 HOH 58  58  58  HOH TIP A . 
B 2 HOH 59  59  59  HOH TIP A . 
B 2 HOH 60  60  60  HOH TIP A . 
B 2 HOH 61  61  61  HOH TIP A . 
B 2 HOH 62  62  62  HOH TIP A . 
B 2 HOH 63  63  63  HOH TIP A . 
B 2 HOH 64  64  64  HOH TIP A . 
B 2 HOH 65  65  65  HOH TIP A . 
B 2 HOH 66  66  66  HOH TIP A . 
B 2 HOH 67  67  67  HOH TIP A . 
B 2 HOH 68  68  68  HOH TIP A . 
B 2 HOH 69  69  69  HOH TIP A . 
B 2 HOH 70  70  70  HOH TIP A . 
B 2 HOH 71  71  71  HOH TIP A . 
B 2 HOH 72  72  72  HOH TIP A . 
B 2 HOH 73  73  73  HOH TIP A . 
B 2 HOH 74  74  74  HOH TIP A . 
B 2 HOH 75  75  75  HOH TIP A . 
B 2 HOH 76  76  76  HOH TIP A . 
B 2 HOH 77  77  77  HOH TIP A . 
B 2 HOH 78  78  78  HOH TIP A . 
B 2 HOH 79  79  79  HOH TIP A . 
B 2 HOH 80  80  80  HOH TIP A . 
B 2 HOH 81  81  81  HOH TIP A . 
B 2 HOH 82  82  82  HOH TIP A . 
B 2 HOH 83  83  83  HOH TIP A . 
B 2 HOH 84  84  84  HOH TIP A . 
B 2 HOH 85  85  85  HOH TIP A . 
B 2 HOH 86  86  86  HOH TIP A . 
B 2 HOH 87  87  87  HOH TIP A . 
B 2 HOH 88  88  88  HOH TIP A . 
B 2 HOH 89  89  89  HOH TIP A . 
B 2 HOH 90  90  90  HOH TIP A . 
B 2 HOH 91  91  91  HOH TIP A . 
B 2 HOH 92  92  92  HOH TIP A . 
B 2 HOH 93  93  93  HOH TIP A . 
B 2 HOH 94  94  94  HOH TIP A . 
B 2 HOH 95  95  95  HOH TIP A . 
B 2 HOH 96  96  96  HOH TIP A . 
B 2 HOH 97  97  97  HOH TIP A . 
B 2 HOH 98  98  98  HOH TIP A . 
B 2 HOH 99  99  99  HOH TIP A . 
B 2 HOH 100 100 100 HOH TIP A . 
B 2 HOH 101 101 101 HOH TIP A . 
B 2 HOH 102 102 102 HOH TIP A . 
B 2 HOH 103 103 103 HOH TIP A . 
B 2 HOH 104 104 104 HOH TIP A . 
B 2 HOH 105 105 105 HOH TIP A . 
B 2 HOH 106 106 106 HOH TIP A . 
B 2 HOH 107 107 107 HOH TIP A . 
B 2 HOH 108 108 108 HOH TIP A . 
B 2 HOH 109 109 109 HOH TIP A . 
B 2 HOH 110 110 110 HOH TIP A . 
B 2 HOH 111 111 111 HOH TIP A . 
B 2 HOH 112 112 112 HOH TIP A . 
B 2 HOH 113 113 113 HOH TIP A . 
B 2 HOH 114 114 114 HOH TIP A . 
B 2 HOH 115 115 115 HOH TIP A . 
B 2 HOH 116 116 116 HOH TIP A . 
B 2 HOH 117 117 117 HOH TIP A . 
B 2 HOH 118 118 118 HOH TIP A . 
B 2 HOH 119 119 119 HOH TIP A . 
B 2 HOH 120 120 120 HOH TIP A . 
B 2 HOH 121 121 121 HOH TIP A . 
B 2 HOH 122 122 122 HOH TIP A . 
B 2 HOH 123 123 123 HOH TIP A . 
B 2 HOH 124 124 124 HOH TIP A . 
B 2 HOH 125 125 125 HOH TIP A . 
B 2 HOH 126 126 126 HOH TIP A . 
B 2 HOH 127 127 127 HOH TIP A . 
B 2 HOH 128 128 128 HOH TIP A . 
B 2 HOH 129 129 129 HOH TIP A . 
B 2 HOH 130 130 130 HOH TIP A . 
B 2 HOH 131 131 131 HOH TIP A . 
B 2 HOH 132 132 132 HOH TIP A . 
B 2 HOH 133 133 133 HOH TIP A . 
B 2 HOH 134 134 134 HOH TIP A . 
B 2 HOH 135 135 135 HOH TIP A . 
B 2 HOH 136 136 136 HOH TIP A . 
B 2 HOH 137 137 137 HOH TIP A . 
B 2 HOH 138 138 138 HOH TIP A . 
B 2 HOH 139 139 139 HOH TIP A . 
B 2 HOH 140 140 140 HOH TIP A . 
B 2 HOH 141 141 141 HOH TIP A . 
B 2 HOH 142 142 142 HOH TIP A . 
B 2 HOH 143 143 143 HOH TIP A . 
B 2 HOH 144 144 144 HOH TIP A . 
B 2 HOH 145 145 145 HOH TIP A . 
B 2 HOH 146 146 146 HOH TIP A . 
B 2 HOH 147 147 147 HOH TIP A . 
B 2 HOH 148 148 148 HOH TIP A . 
B 2 HOH 149 149 149 HOH TIP A . 
B 2 HOH 150 150 150 HOH TIP A . 
B 2 HOH 151 151 151 HOH TIP A . 
B 2 HOH 152 152 152 HOH TIP A . 
B 2 HOH 153 153 153 HOH TIP A . 
B 2 HOH 154 154 154 HOH TIP A . 
B 2 HOH 155 155 155 HOH TIP A . 
B 2 HOH 156 156 156 HOH TIP A . 
B 2 HOH 157 157 157 HOH TIP A . 
B 2 HOH 158 158 158 HOH TIP A . 
B 2 HOH 159 159 159 HOH TIP A . 
B 2 HOH 160 160 160 HOH TIP A . 
B 2 HOH 161 161 161 HOH TIP A . 
B 2 HOH 162 162 162 HOH TIP A . 
B 2 HOH 163 163 163 HOH TIP A . 
B 2 HOH 164 164 164 HOH TIP A . 
B 2 HOH 165 165 165 HOH TIP A . 
B 2 HOH 166 166 166 HOH TIP A . 
B 2 HOH 167 167 167 HOH TIP A . 
# 
_pdbx_struct_assembly.id                   1 
_pdbx_struct_assembly.details              author_defined_assembly 
_pdbx_struct_assembly.method_details       ? 
_pdbx_struct_assembly.oligomeric_details   monomeric 
_pdbx_struct_assembly.oligomeric_count     1 
# 
_pdbx_struct_assembly_gen.assembly_id       1 
_pdbx_struct_assembly_gen.oper_expression   1 
_pdbx_struct_assembly_gen.asym_id_list      A,B 
# 
_pdbx_struct_oper_list.id                   1 
_pdbx_struct_oper_list.type                 'identity operation' 
_pdbx_struct_oper_list.name                 1_555 
_pdbx_struct_oper_list.symmetry_operation   x,y,z 
_pdbx_struct_oper_list.matrix[1][1]         1.0000000000 
_pdbx_struct_oper_list.matrix[1][2]         0.0000000000 
_pdbx_struct_oper_list.matrix[1][3]         0.0000000000 
_pdbx_struct_oper_list.vector[1]            0.0000000000 
_pdbx_struct_oper_list.matrix[2][1]         0.0000000000 
_pdbx_struct_oper_list.matrix[2][2]         1.0000000000 
_pdbx_struct_oper_list.matrix[2][3]         0.0000000000 
_pdbx_struct_oper_list.vector[2]            0.0000000000 
_pdbx_struct_oper_list.matrix[3][1]         0.0000000000 
_pdbx_struct_oper_list.matrix[3][2]         0.0000000000 
_pdbx_struct_oper_list.matrix[3][3]         1.0000000000 
_pdbx_struct_oper_list.vector[3]            0.0000000000 
# 
_pdbx_struct_special_symmetry.id              1 
_pdbx_struct_special_symmetry.PDB_model_num   1 
_pdbx_struct_special_symmetry.auth_asym_id    A 
_pdbx_struct_special_symmetry.auth_comp_id    HOH 
_pdbx_struct_special_symmetry.auth_seq_id     78 
_pdbx_struct_special_symmetry.PDB_ins_code    ? 
_pdbx_struct_special_symmetry.label_asym_id   B 
_pdbx_struct_special_symmetry.label_comp_id   HOH 
_pdbx_struct_special_symmetry.label_seq_id    . 
# 
loop_
_pdbx_audit_revision_history.ordinal 
_pdbx_audit_revision_history.data_content_type 
_pdbx_audit_revision_history.major_revision 
_pdbx_audit_revision_history.minor_revision 
_pdbx_audit_revision_history.revision_date 
1 'Structure model' 1 0 2005-06-28 
2 'Structure model' 1 1 2008-04-30 
3 'Structure model' 1 2 2011-07-13 
4 'Structure model' 1 3 2023-10-25 
# 
_pdbx_audit_revision_details.ordinal             1 
_pdbx_audit_revision_details.revision_ordinal    1 
_pdbx_audit_revision_details.data_content_type   'Structure model' 
_pdbx_audit_revision_details.provider            repository 
_pdbx_audit_revision_details.type                'Initial release' 
_pdbx_audit_revision_details.description         ? 
_pdbx_audit_revision_details.details             ? 
# 
loop_
_pdbx_audit_revision_group.ordinal 
_pdbx_audit_revision_group.revision_ordinal 
_pdbx_audit_revision_group.data_content_type 
_pdbx_audit_revision_group.group 
1 2 'Structure model' 'Version format compliance' 
2 3 'Structure model' 'Version format compliance' 
3 4 'Structure model' 'Data collection'           
4 4 'Structure model' 'Database references'       
5 4 'Structure model' 'Refinement description'    
# 
loop_
_pdbx_audit_revision_category.ordinal 
_pdbx_audit_revision_category.revision_ordinal 
_pdbx_audit_revision_category.data_content_type 
_pdbx_audit_revision_category.category 
1 4 'Structure model' chem_comp_atom                
2 4 'Structure model' chem_comp_bond                
3 4 'Structure model' database_2                    
4 4 'Structure model' pdbx_initial_refinement_model 
5 4 'Structure model' struct_ref_seq_dif            
# 
loop_
_pdbx_audit_revision_item.ordinal 
_pdbx_audit_revision_item.revision_ordinal 
_pdbx_audit_revision_item.data_content_type 
_pdbx_audit_revision_item.item 
1 4 'Structure model' '_database_2.pdbx_DOI'                
2 4 'Structure model' '_database_2.pdbx_database_accession' 
3 4 'Structure model' '_struct_ref_seq_dif.details'         
# 
loop_
_software.name 
_software.classification 
_software.version 
_software.citation_id 
_software.pdbx_ordinal 
CNS       refinement       1.1 ? 1 
DENZO     'data reduction' .   ? 2 
SCALEPACK 'data scaling'   .   ? 3 
MOLREP    phasing          .   ? 4 
# 
loop_
_pdbx_validate_close_contact.id 
_pdbx_validate_close_contact.PDB_model_num 
_pdbx_validate_close_contact.auth_atom_id_1 
_pdbx_validate_close_contact.auth_asym_id_1 
_pdbx_validate_close_contact.auth_comp_id_1 
_pdbx_validate_close_contact.auth_seq_id_1 
_pdbx_validate_close_contact.PDB_ins_code_1 
_pdbx_validate_close_contact.label_alt_id_1 
_pdbx_validate_close_contact.auth_atom_id_2 
_pdbx_validate_close_contact.auth_asym_id_2 
_pdbx_validate_close_contact.auth_comp_id_2 
_pdbx_validate_close_contact.auth_seq_id_2 
_pdbx_validate_close_contact.PDB_ins_code_2 
_pdbx_validate_close_contact.label_alt_id_2 
_pdbx_validate_close_contact.dist 
1 1 O   A HOH 85  ? ? O A HOH 119 ? ? 2.05 
2 1 O   A HOH 43  ? ? O A HOH 98  ? ? 2.14 
3 1 NH2 A ARG 244 ? ? O A HOH 111 ? ? 2.16 
4 1 O   A HOH 46  ? ? O A HOH 144 ? ? 2.16 
# 
loop_
_pdbx_validate_symm_contact.id 
_pdbx_validate_symm_contact.PDB_model_num 
_pdbx_validate_symm_contact.auth_atom_id_1 
_pdbx_validate_symm_contact.auth_asym_id_1 
_pdbx_validate_symm_contact.auth_comp_id_1 
_pdbx_validate_symm_contact.auth_seq_id_1 
_pdbx_validate_symm_contact.PDB_ins_code_1 
_pdbx_validate_symm_contact.label_alt_id_1 
_pdbx_validate_symm_contact.site_symmetry_1 
_pdbx_validate_symm_contact.auth_atom_id_2 
_pdbx_validate_symm_contact.auth_asym_id_2 
_pdbx_validate_symm_contact.auth_comp_id_2 
_pdbx_validate_symm_contact.auth_seq_id_2 
_pdbx_validate_symm_contact.PDB_ins_code_2 
_pdbx_validate_symm_contact.label_alt_id_2 
_pdbx_validate_symm_contact.site_symmetry_2 
_pdbx_validate_symm_contact.dist 
1 1 O   A HOH 152 ? ? 1_555 O   A HOH 152 ? ? 10_996 1.53 
2 1 NH2 A ARG 314 ? ? 1_555 NH2 A ARG 314 ? ? 11_656 1.85 
# 
loop_
_pdbx_unobs_or_zero_occ_residues.id 
_pdbx_unobs_or_zero_occ_residues.PDB_model_num 
_pdbx_unobs_or_zero_occ_residues.polymer_flag 
_pdbx_unobs_or_zero_occ_residues.occupancy_flag 
_pdbx_unobs_or_zero_occ_residues.auth_asym_id 
_pdbx_unobs_or_zero_occ_residues.auth_comp_id 
_pdbx_unobs_or_zero_occ_residues.auth_seq_id 
_pdbx_unobs_or_zero_occ_residues.PDB_ins_code 
_pdbx_unobs_or_zero_occ_residues.label_asym_id 
_pdbx_unobs_or_zero_occ_residues.label_comp_id 
_pdbx_unobs_or_zero_occ_residues.label_seq_id 
1 1 Y 1 A MET 192 ? A MET 1   
2 1 Y 1 A THR 193 ? A THR 2   
3 1 Y 1 A PRO 194 ? A PRO 3   
4 1 Y 1 A THR 338 ? A THR 147 
# 
loop_
_chem_comp_atom.comp_id 
_chem_comp_atom.atom_id 
_chem_comp_atom.type_symbol 
_chem_comp_atom.pdbx_aromatic_flag 
_chem_comp_atom.pdbx_stereo_config 
_chem_comp_atom.pdbx_ordinal 
ALA N    N N N 1   
ALA CA   C N S 2   
ALA C    C N N 3   
ALA O    O N N 4   
ALA CB   C N N 5   
ALA OXT  O N N 6   
ALA H    H N N 7   
ALA H2   H N N 8   
ALA HA   H N N 9   
ALA HB1  H N N 10  
ALA HB2  H N N 11  
ALA HB3  H N N 12  
ALA HXT  H N N 13  
ARG N    N N N 14  
ARG CA   C N S 15  
ARG C    C N N 16  
ARG O    O N N 17  
ARG CB   C N N 18  
ARG CG   C N N 19  
ARG CD   C N N 20  
ARG NE   N N N 21  
ARG CZ   C N N 22  
ARG NH1  N N N 23  
ARG NH2  N N N 24  
ARG OXT  O N N 25  
ARG H    H N N 26  
ARG H2   H N N 27  
ARG HA   H N N 28  
ARG HB2  H N N 29  
ARG HB3  H N N 30  
ARG HG2  H N N 31  
ARG HG3  H N N 32  
ARG HD2  H N N 33  
ARG HD3  H N N 34  
ARG HE   H N N 35  
ARG HH11 H N N 36  
ARG HH12 H N N 37  
ARG HH21 H N N 38  
ARG HH22 H N N 39  
ARG HXT  H N N 40  
ASN N    N N N 41  
ASN CA   C N S 42  
ASN C    C N N 43  
ASN O    O N N 44  
ASN CB   C N N 45  
ASN CG   C N N 46  
ASN OD1  O N N 47  
ASN ND2  N N N 48  
ASN OXT  O N N 49  
ASN H    H N N 50  
ASN H2   H N N 51  
ASN HA   H N N 52  
ASN HB2  H N N 53  
ASN HB3  H N N 54  
ASN HD21 H N N 55  
ASN HD22 H N N 56  
ASN HXT  H N N 57  
ASP N    N N N 58  
ASP CA   C N S 59  
ASP C    C N N 60  
ASP O    O N N 61  
ASP CB   C N N 62  
ASP CG   C N N 63  
ASP OD1  O N N 64  
ASP OD2  O N N 65  
ASP OXT  O N N 66  
ASP H    H N N 67  
ASP H2   H N N 68  
ASP HA   H N N 69  
ASP HB2  H N N 70  
ASP HB3  H N N 71  
ASP HD2  H N N 72  
ASP HXT  H N N 73  
GLN N    N N N 74  
GLN CA   C N S 75  
GLN C    C N N 76  
GLN O    O N N 77  
GLN CB   C N N 78  
GLN CG   C N N 79  
GLN CD   C N N 80  
GLN OE1  O N N 81  
GLN NE2  N N N 82  
GLN OXT  O N N 83  
GLN H    H N N 84  
GLN H2   H N N 85  
GLN HA   H N N 86  
GLN HB2  H N N 87  
GLN HB3  H N N 88  
GLN HG2  H N N 89  
GLN HG3  H N N 90  
GLN HE21 H N N 91  
GLN HE22 H N N 92  
GLN HXT  H N N 93  
GLU N    N N N 94  
GLU CA   C N S 95  
GLU C    C N N 96  
GLU O    O N N 97  
GLU CB   C N N 98  
GLU CG   C N N 99  
GLU CD   C N N 100 
GLU OE1  O N N 101 
GLU OE2  O N N 102 
GLU OXT  O N N 103 
GLU H    H N N 104 
GLU H2   H N N 105 
GLU HA   H N N 106 
GLU HB2  H N N 107 
GLU HB3  H N N 108 
GLU HG2  H N N 109 
GLU HG3  H N N 110 
GLU HE2  H N N 111 
GLU HXT  H N N 112 
GLY N    N N N 113 
GLY CA   C N N 114 
GLY C    C N N 115 
GLY O    O N N 116 
GLY OXT  O N N 117 
GLY H    H N N 118 
GLY H2   H N N 119 
GLY HA2  H N N 120 
GLY HA3  H N N 121 
GLY HXT  H N N 122 
HIS N    N N N 123 
HIS CA   C N S 124 
HIS C    C N N 125 
HIS O    O N N 126 
HIS CB   C N N 127 
HIS CG   C Y N 128 
HIS ND1  N Y N 129 
HIS CD2  C Y N 130 
HIS CE1  C Y N 131 
HIS NE2  N Y N 132 
HIS OXT  O N N 133 
HIS H    H N N 134 
HIS H2   H N N 135 
HIS HA   H N N 136 
HIS HB2  H N N 137 
HIS HB3  H N N 138 
HIS HD1  H N N 139 
HIS HD2  H N N 140 
HIS HE1  H N N 141 
HIS HE2  H N N 142 
HIS HXT  H N N 143 
HOH O    O N N 144 
HOH H1   H N N 145 
HOH H2   H N N 146 
ILE N    N N N 147 
ILE CA   C N S 148 
ILE C    C N N 149 
ILE O    O N N 150 
ILE CB   C N S 151 
ILE CG1  C N N 152 
ILE CG2  C N N 153 
ILE CD1  C N N 154 
ILE OXT  O N N 155 
ILE H    H N N 156 
ILE H2   H N N 157 
ILE HA   H N N 158 
ILE HB   H N N 159 
ILE HG12 H N N 160 
ILE HG13 H N N 161 
ILE HG21 H N N 162 
ILE HG22 H N N 163 
ILE HG23 H N N 164 
ILE HD11 H N N 165 
ILE HD12 H N N 166 
ILE HD13 H N N 167 
ILE HXT  H N N 168 
LEU N    N N N 169 
LEU CA   C N S 170 
LEU C    C N N 171 
LEU O    O N N 172 
LEU CB   C N N 173 
LEU CG   C N N 174 
LEU CD1  C N N 175 
LEU CD2  C N N 176 
LEU OXT  O N N 177 
LEU H    H N N 178 
LEU H2   H N N 179 
LEU HA   H N N 180 
LEU HB2  H N N 181 
LEU HB3  H N N 182 
LEU HG   H N N 183 
LEU HD11 H N N 184 
LEU HD12 H N N 185 
LEU HD13 H N N 186 
LEU HD21 H N N 187 
LEU HD22 H N N 188 
LEU HD23 H N N 189 
LEU HXT  H N N 190 
LYS N    N N N 191 
LYS CA   C N S 192 
LYS C    C N N 193 
LYS O    O N N 194 
LYS CB   C N N 195 
LYS CG   C N N 196 
LYS CD   C N N 197 
LYS CE   C N N 198 
LYS NZ   N N N 199 
LYS OXT  O N N 200 
LYS H    H N N 201 
LYS H2   H N N 202 
LYS HA   H N N 203 
LYS HB2  H N N 204 
LYS HB3  H N N 205 
LYS HG2  H N N 206 
LYS HG3  H N N 207 
LYS HD2  H N N 208 
LYS HD3  H N N 209 
LYS HE2  H N N 210 
LYS HE3  H N N 211 
LYS HZ1  H N N 212 
LYS HZ2  H N N 213 
LYS HZ3  H N N 214 
LYS HXT  H N N 215 
MET N    N N N 216 
MET CA   C N S 217 
MET C    C N N 218 
MET O    O N N 219 
MET CB   C N N 220 
MET CG   C N N 221 
MET SD   S N N 222 
MET CE   C N N 223 
MET OXT  O N N 224 
MET H    H N N 225 
MET H2   H N N 226 
MET HA   H N N 227 
MET HB2  H N N 228 
MET HB3  H N N 229 
MET HG2  H N N 230 
MET HG3  H N N 231 
MET HE1  H N N 232 
MET HE2  H N N 233 
MET HE3  H N N 234 
MET HXT  H N N 235 
PHE N    N N N 236 
PHE CA   C N S 237 
PHE C    C N N 238 
PHE O    O N N 239 
PHE CB   C N N 240 
PHE CG   C Y N 241 
PHE CD1  C Y N 242 
PHE CD2  C Y N 243 
PHE CE1  C Y N 244 
PHE CE2  C Y N 245 
PHE CZ   C Y N 246 
PHE OXT  O N N 247 
PHE H    H N N 248 
PHE H2   H N N 249 
PHE HA   H N N 250 
PHE HB2  H N N 251 
PHE HB3  H N N 252 
PHE HD1  H N N 253 
PHE HD2  H N N 254 
PHE HE1  H N N 255 
PHE HE2  H N N 256 
PHE HZ   H N N 257 
PHE HXT  H N N 258 
PRO N    N N N 259 
PRO CA   C N S 260 
PRO C    C N N 261 
PRO O    O N N 262 
PRO CB   C N N 263 
PRO CG   C N N 264 
PRO CD   C N N 265 
PRO OXT  O N N 266 
PRO H    H N N 267 
PRO HA   H N N 268 
PRO HB2  H N N 269 
PRO HB3  H N N 270 
PRO HG2  H N N 271 
PRO HG3  H N N 272 
PRO HD2  H N N 273 
PRO HD3  H N N 274 
PRO HXT  H N N 275 
SER N    N N N 276 
SER CA   C N S 277 
SER C    C N N 278 
SER O    O N N 279 
SER CB   C N N 280 
SER OG   O N N 281 
SER OXT  O N N 282 
SER H    H N N 283 
SER H2   H N N 284 
SER HA   H N N 285 
SER HB2  H N N 286 
SER HB3  H N N 287 
SER HG   H N N 288 
SER HXT  H N N 289 
THR N    N N N 290 
THR CA   C N S 291 
THR C    C N N 292 
THR O    O N N 293 
THR CB   C N R 294 
THR OG1  O N N 295 
THR CG2  C N N 296 
THR OXT  O N N 297 
THR H    H N N 298 
THR H2   H N N 299 
THR HA   H N N 300 
THR HB   H N N 301 
THR HG1  H N N 302 
THR HG21 H N N 303 
THR HG22 H N N 304 
THR HG23 H N N 305 
THR HXT  H N N 306 
TRP N    N N N 307 
TRP CA   C N S 308 
TRP C    C N N 309 
TRP O    O N N 310 
TRP CB   C N N 311 
TRP CG   C Y N 312 
TRP CD1  C Y N 313 
TRP CD2  C Y N 314 
TRP NE1  N Y N 315 
TRP CE2  C Y N 316 
TRP CE3  C Y N 317 
TRP CZ2  C Y N 318 
TRP CZ3  C Y N 319 
TRP CH2  C Y N 320 
TRP OXT  O N N 321 
TRP H    H N N 322 
TRP H2   H N N 323 
TRP HA   H N N 324 
TRP HB2  H N N 325 
TRP HB3  H N N 326 
TRP HD1  H N N 327 
TRP HE1  H N N 328 
TRP HE3  H N N 329 
TRP HZ2  H N N 330 
TRP HZ3  H N N 331 
TRP HH2  H N N 332 
TRP HXT  H N N 333 
TYR N    N N N 334 
TYR CA   C N S 335 
TYR C    C N N 336 
TYR O    O N N 337 
TYR CB   C N N 338 
TYR CG   C Y N 339 
TYR CD1  C Y N 340 
TYR CD2  C Y N 341 
TYR CE1  C Y N 342 
TYR CE2  C Y N 343 
TYR CZ   C Y N 344 
TYR OH   O N N 345 
TYR OXT  O N N 346 
TYR H    H N N 347 
TYR H2   H N N 348 
TYR HA   H N N 349 
TYR HB2  H N N 350 
TYR HB3  H N N 351 
TYR HD1  H N N 352 
TYR HD2  H N N 353 
TYR HE1  H N N 354 
TYR HE2  H N N 355 
TYR HH   H N N 356 
TYR HXT  H N N 357 
VAL N    N N N 358 
VAL CA   C N S 359 
VAL C    C N N 360 
VAL O    O N N 361 
VAL CB   C N N 362 
VAL CG1  C N N 363 
VAL CG2  C N N 364 
VAL OXT  O N N 365 
VAL H    H N N 366 
VAL H2   H N N 367 
VAL HA   H N N 368 
VAL HB   H N N 369 
VAL HG11 H N N 370 
VAL HG12 H N N 371 
VAL HG13 H N N 372 
VAL HG21 H N N 373 
VAL HG22 H N N 374 
VAL HG23 H N N 375 
VAL HXT  H N N 376 
# 
loop_
_chem_comp_bond.comp_id 
_chem_comp_bond.atom_id_1 
_chem_comp_bond.atom_id_2 
_chem_comp_bond.value_order 
_chem_comp_bond.pdbx_aromatic_flag 
_chem_comp_bond.pdbx_stereo_config 
_chem_comp_bond.pdbx_ordinal 
ALA N   CA   sing N N 1   
ALA N   H    sing N N 2   
ALA N   H2   sing N N 3   
ALA CA  C    sing N N 4   
ALA CA  CB   sing N N 5   
ALA CA  HA   sing N N 6   
ALA C   O    doub N N 7   
ALA C   OXT  sing N N 8   
ALA CB  HB1  sing N N 9   
ALA CB  HB2  sing N N 10  
ALA CB  HB3  sing N N 11  
ALA OXT HXT  sing N N 12  
ARG N   CA   sing N N 13  
ARG N   H    sing N N 14  
ARG N   H2   sing N N 15  
ARG CA  C    sing N N 16  
ARG CA  CB   sing N N 17  
ARG CA  HA   sing N N 18  
ARG C   O    doub N N 19  
ARG C   OXT  sing N N 20  
ARG CB  CG   sing N N 21  
ARG CB  HB2  sing N N 22  
ARG CB  HB3  sing N N 23  
ARG CG  CD   sing N N 24  
ARG CG  HG2  sing N N 25  
ARG CG  HG3  sing N N 26  
ARG CD  NE   sing N N 27  
ARG CD  HD2  sing N N 28  
ARG CD  HD3  sing N N 29  
ARG NE  CZ   sing N N 30  
ARG NE  HE   sing N N 31  
ARG CZ  NH1  sing N N 32  
ARG CZ  NH2  doub N N 33  
ARG NH1 HH11 sing N N 34  
ARG NH1 HH12 sing N N 35  
ARG NH2 HH21 sing N N 36  
ARG NH2 HH22 sing N N 37  
ARG OXT HXT  sing N N 38  
ASN N   CA   sing N N 39  
ASN N   H    sing N N 40  
ASN N   H2   sing N N 41  
ASN CA  C    sing N N 42  
ASN CA  CB   sing N N 43  
ASN CA  HA   sing N N 44  
ASN C   O    doub N N 45  
ASN C   OXT  sing N N 46  
ASN CB  CG   sing N N 47  
ASN CB  HB2  sing N N 48  
ASN CB  HB3  sing N N 49  
ASN CG  OD1  doub N N 50  
ASN CG  ND2  sing N N 51  
ASN ND2 HD21 sing N N 52  
ASN ND2 HD22 sing N N 53  
ASN OXT HXT  sing N N 54  
ASP N   CA   sing N N 55  
ASP N   H    sing N N 56  
ASP N   H2   sing N N 57  
ASP CA  C    sing N N 58  
ASP CA  CB   sing N N 59  
ASP CA  HA   sing N N 60  
ASP C   O    doub N N 61  
ASP C   OXT  sing N N 62  
ASP CB  CG   sing N N 63  
ASP CB  HB2  sing N N 64  
ASP CB  HB3  sing N N 65  
ASP CG  OD1  doub N N 66  
ASP CG  OD2  sing N N 67  
ASP OD2 HD2  sing N N 68  
ASP OXT HXT  sing N N 69  
GLN N   CA   sing N N 70  
GLN N   H    sing N N 71  
GLN N   H2   sing N N 72  
GLN CA  C    sing N N 73  
GLN CA  CB   sing N N 74  
GLN CA  HA   sing N N 75  
GLN C   O    doub N N 76  
GLN C   OXT  sing N N 77  
GLN CB  CG   sing N N 78  
GLN CB  HB2  sing N N 79  
GLN CB  HB3  sing N N 80  
GLN CG  CD   sing N N 81  
GLN CG  HG2  sing N N 82  
GLN CG  HG3  sing N N 83  
GLN CD  OE1  doub N N 84  
GLN CD  NE2  sing N N 85  
GLN NE2 HE21 sing N N 86  
GLN NE2 HE22 sing N N 87  
GLN OXT HXT  sing N N 88  
GLU N   CA   sing N N 89  
GLU N   H    sing N N 90  
GLU N   H2   sing N N 91  
GLU CA  C    sing N N 92  
GLU CA  CB   sing N N 93  
GLU CA  HA   sing N N 94  
GLU C   O    doub N N 95  
GLU C   OXT  sing N N 96  
GLU CB  CG   sing N N 97  
GLU CB  HB2  sing N N 98  
GLU CB  HB3  sing N N 99  
GLU CG  CD   sing N N 100 
GLU CG  HG2  sing N N 101 
GLU CG  HG3  sing N N 102 
GLU CD  OE1  doub N N 103 
GLU CD  OE2  sing N N 104 
GLU OE2 HE2  sing N N 105 
GLU OXT HXT  sing N N 106 
GLY N   CA   sing N N 107 
GLY N   H    sing N N 108 
GLY N   H2   sing N N 109 
GLY CA  C    sing N N 110 
GLY CA  HA2  sing N N 111 
GLY CA  HA3  sing N N 112 
GLY C   O    doub N N 113 
GLY C   OXT  sing N N 114 
GLY OXT HXT  sing N N 115 
HIS N   CA   sing N N 116 
HIS N   H    sing N N 117 
HIS N   H2   sing N N 118 
HIS CA  C    sing N N 119 
HIS CA  CB   sing N N 120 
HIS CA  HA   sing N N 121 
HIS C   O    doub N N 122 
HIS C   OXT  sing N N 123 
HIS CB  CG   sing N N 124 
HIS CB  HB2  sing N N 125 
HIS CB  HB3  sing N N 126 
HIS CG  ND1  sing Y N 127 
HIS CG  CD2  doub Y N 128 
HIS ND1 CE1  doub Y N 129 
HIS ND1 HD1  sing N N 130 
HIS CD2 NE2  sing Y N 131 
HIS CD2 HD2  sing N N 132 
HIS CE1 NE2  sing Y N 133 
HIS CE1 HE1  sing N N 134 
HIS NE2 HE2  sing N N 135 
HIS OXT HXT  sing N N 136 
HOH O   H1   sing N N 137 
HOH O   H2   sing N N 138 
ILE N   CA   sing N N 139 
ILE N   H    sing N N 140 
ILE N   H2   sing N N 141 
ILE CA  C    sing N N 142 
ILE CA  CB   sing N N 143 
ILE CA  HA   sing N N 144 
ILE C   O    doub N N 145 
ILE C   OXT  sing N N 146 
ILE CB  CG1  sing N N 147 
ILE CB  CG2  sing N N 148 
ILE CB  HB   sing N N 149 
ILE CG1 CD1  sing N N 150 
ILE CG1 HG12 sing N N 151 
ILE CG1 HG13 sing N N 152 
ILE CG2 HG21 sing N N 153 
ILE CG2 HG22 sing N N 154 
ILE CG2 HG23 sing N N 155 
ILE CD1 HD11 sing N N 156 
ILE CD1 HD12 sing N N 157 
ILE CD1 HD13 sing N N 158 
ILE OXT HXT  sing N N 159 
LEU N   CA   sing N N 160 
LEU N   H    sing N N 161 
LEU N   H2   sing N N 162 
LEU CA  C    sing N N 163 
LEU CA  CB   sing N N 164 
LEU CA  HA   sing N N 165 
LEU C   O    doub N N 166 
LEU C   OXT  sing N N 167 
LEU CB  CG   sing N N 168 
LEU CB  HB2  sing N N 169 
LEU CB  HB3  sing N N 170 
LEU CG  CD1  sing N N 171 
LEU CG  CD2  sing N N 172 
LEU CG  HG   sing N N 173 
LEU CD1 HD11 sing N N 174 
LEU CD1 HD12 sing N N 175 
LEU CD1 HD13 sing N N 176 
LEU CD2 HD21 sing N N 177 
LEU CD2 HD22 sing N N 178 
LEU CD2 HD23 sing N N 179 
LEU OXT HXT  sing N N 180 
LYS N   CA   sing N N 181 
LYS N   H    sing N N 182 
LYS N   H2   sing N N 183 
LYS CA  C    sing N N 184 
LYS CA  CB   sing N N 185 
LYS CA  HA   sing N N 186 
LYS C   O    doub N N 187 
LYS C   OXT  sing N N 188 
LYS CB  CG   sing N N 189 
LYS CB  HB2  sing N N 190 
LYS CB  HB3  sing N N 191 
LYS CG  CD   sing N N 192 
LYS CG  HG2  sing N N 193 
LYS CG  HG3  sing N N 194 
LYS CD  CE   sing N N 195 
LYS CD  HD2  sing N N 196 
LYS CD  HD3  sing N N 197 
LYS CE  NZ   sing N N 198 
LYS CE  HE2  sing N N 199 
LYS CE  HE3  sing N N 200 
LYS NZ  HZ1  sing N N 201 
LYS NZ  HZ2  sing N N 202 
LYS NZ  HZ3  sing N N 203 
LYS OXT HXT  sing N N 204 
MET N   CA   sing N N 205 
MET N   H    sing N N 206 
MET N   H2   sing N N 207 
MET CA  C    sing N N 208 
MET CA  CB   sing N N 209 
MET CA  HA   sing N N 210 
MET C   O    doub N N 211 
MET C   OXT  sing N N 212 
MET CB  CG   sing N N 213 
MET CB  HB2  sing N N 214 
MET CB  HB3  sing N N 215 
MET CG  SD   sing N N 216 
MET CG  HG2  sing N N 217 
MET CG  HG3  sing N N 218 
MET SD  CE   sing N N 219 
MET CE  HE1  sing N N 220 
MET CE  HE2  sing N N 221 
MET CE  HE3  sing N N 222 
MET OXT HXT  sing N N 223 
PHE N   CA   sing N N 224 
PHE N   H    sing N N 225 
PHE N   H2   sing N N 226 
PHE CA  C    sing N N 227 
PHE CA  CB   sing N N 228 
PHE CA  HA   sing N N 229 
PHE C   O    doub N N 230 
PHE C   OXT  sing N N 231 
PHE CB  CG   sing N N 232 
PHE CB  HB2  sing N N 233 
PHE CB  HB3  sing N N 234 
PHE CG  CD1  doub Y N 235 
PHE CG  CD2  sing Y N 236 
PHE CD1 CE1  sing Y N 237 
PHE CD1 HD1  sing N N 238 
PHE CD2 CE2  doub Y N 239 
PHE CD2 HD2  sing N N 240 
PHE CE1 CZ   doub Y N 241 
PHE CE1 HE1  sing N N 242 
PHE CE2 CZ   sing Y N 243 
PHE CE2 HE2  sing N N 244 
PHE CZ  HZ   sing N N 245 
PHE OXT HXT  sing N N 246 
PRO N   CA   sing N N 247 
PRO N   CD   sing N N 248 
PRO N   H    sing N N 249 
PRO CA  C    sing N N 250 
PRO CA  CB   sing N N 251 
PRO CA  HA   sing N N 252 
PRO C   O    doub N N 253 
PRO C   OXT  sing N N 254 
PRO CB  CG   sing N N 255 
PRO CB  HB2  sing N N 256 
PRO CB  HB3  sing N N 257 
PRO CG  CD   sing N N 258 
PRO CG  HG2  sing N N 259 
PRO CG  HG3  sing N N 260 
PRO CD  HD2  sing N N 261 
PRO CD  HD3  sing N N 262 
PRO OXT HXT  sing N N 263 
SER N   CA   sing N N 264 
SER N   H    sing N N 265 
SER N   H2   sing N N 266 
SER CA  C    sing N N 267 
SER CA  CB   sing N N 268 
SER CA  HA   sing N N 269 
SER C   O    doub N N 270 
SER C   OXT  sing N N 271 
SER CB  OG   sing N N 272 
SER CB  HB2  sing N N 273 
SER CB  HB3  sing N N 274 
SER OG  HG   sing N N 275 
SER OXT HXT  sing N N 276 
THR N   CA   sing N N 277 
THR N   H    sing N N 278 
THR N   H2   sing N N 279 
THR CA  C    sing N N 280 
THR CA  CB   sing N N 281 
THR CA  HA   sing N N 282 
THR C   O    doub N N 283 
THR C   OXT  sing N N 284 
THR CB  OG1  sing N N 285 
THR CB  CG2  sing N N 286 
THR CB  HB   sing N N 287 
THR OG1 HG1  sing N N 288 
THR CG2 HG21 sing N N 289 
THR CG2 HG22 sing N N 290 
THR CG2 HG23 sing N N 291 
THR OXT HXT  sing N N 292 
TRP N   CA   sing N N 293 
TRP N   H    sing N N 294 
TRP N   H2   sing N N 295 
TRP CA  C    sing N N 296 
TRP CA  CB   sing N N 297 
TRP CA  HA   sing N N 298 
TRP C   O    doub N N 299 
TRP C   OXT  sing N N 300 
TRP CB  CG   sing N N 301 
TRP CB  HB2  sing N N 302 
TRP CB  HB3  sing N N 303 
TRP CG  CD1  doub Y N 304 
TRP CG  CD2  sing Y N 305 
TRP CD1 NE1  sing Y N 306 
TRP CD1 HD1  sing N N 307 
TRP CD2 CE2  doub Y N 308 
TRP CD2 CE3  sing Y N 309 
TRP NE1 CE2  sing Y N 310 
TRP NE1 HE1  sing N N 311 
TRP CE2 CZ2  sing Y N 312 
TRP CE3 CZ3  doub Y N 313 
TRP CE3 HE3  sing N N 314 
TRP CZ2 CH2  doub Y N 315 
TRP CZ2 HZ2  sing N N 316 
TRP CZ3 CH2  sing Y N 317 
TRP CZ3 HZ3  sing N N 318 
TRP CH2 HH2  sing N N 319 
TRP OXT HXT  sing N N 320 
TYR N   CA   sing N N 321 
TYR N   H    sing N N 322 
TYR N   H2   sing N N 323 
TYR CA  C    sing N N 324 
TYR CA  CB   sing N N 325 
TYR CA  HA   sing N N 326 
TYR C   O    doub N N 327 
TYR C   OXT  sing N N 328 
TYR CB  CG   sing N N 329 
TYR CB  HB2  sing N N 330 
TYR CB  HB3  sing N N 331 
TYR CG  CD1  doub Y N 332 
TYR CG  CD2  sing Y N 333 
TYR CD1 CE1  sing Y N 334 
TYR CD1 HD1  sing N N 335 
TYR CD2 CE2  doub Y N 336 
TYR CD2 HD2  sing N N 337 
TYR CE1 CZ   doub Y N 338 
TYR CE1 HE1  sing N N 339 
TYR CE2 CZ   sing Y N 340 
TYR CE2 HE2  sing N N 341 
TYR CZ  OH   sing N N 342 
TYR OH  HH   sing N N 343 
TYR OXT HXT  sing N N 344 
VAL N   CA   sing N N 345 
VAL N   H    sing N N 346 
VAL N   H2   sing N N 347 
VAL CA  C    sing N N 348 
VAL CA  CB   sing N N 349 
VAL CA  HA   sing N N 350 
VAL C   O    doub N N 351 
VAL C   OXT  sing N N 352 
VAL CB  CG1  sing N N 353 
VAL CB  CG2  sing N N 354 
VAL CB  HB   sing N N 355 
VAL CG1 HG11 sing N N 356 
VAL CG1 HG12 sing N N 357 
VAL CG1 HG13 sing N N 358 
VAL CG2 HG21 sing N N 359 
VAL CG2 HG22 sing N N 360 
VAL CG2 HG23 sing N N 361 
VAL OXT HXT  sing N N 362 
# 
_pdbx_entity_nonpoly.entity_id   2 
_pdbx_entity_nonpoly.name        water 
_pdbx_entity_nonpoly.comp_id     HOH 
# 
_pdbx_initial_refinement_model.id               1 
_pdbx_initial_refinement_model.entity_id_list   ? 
_pdbx_initial_refinement_model.type             'experimental model' 
_pdbx_initial_refinement_model.source_name      PDB 
_pdbx_initial_refinement_model.accession_code   1GAX 
_pdbx_initial_refinement_model.details          ? 
# 
